data_7DOQ
#
_entry.id   7DOQ
#
_cell.length_a   91.498
_cell.length_b   56.479
_cell.length_c   146.349
_cell.angle_alpha   90.000
_cell.angle_beta   110.010
_cell.angle_gamma   90.000
#
_symmetry.space_group_name_H-M   'P 1 21 1'
#
loop_
_entity.id
_entity.type
_entity.pdbx_description
1 polymer 'Acid phosphatase'
2 non-polymer 'PHOSPHATE ION'
3 water water
#
_entity_poly.entity_id   1
_entity_poly.type   'polypeptide(L)'
_entity_poly.pdbx_seq_one_letter_code
;HHMEDKLIFAVDIIRHGDRTPIVALPTVNYQWQEGLGQLTAEGMQQEYKMGVAFRKKYIEESHLLPEHYEYGTIYVRSTD
YARTLMSAQSLLMGLYPPGTGPTIPAGTSALPHAFQPIPVFSAPSKYDEVIIQQVDRKEREKLMEQYVFSTREWQQKNNE
LKDKYPLWSRLTGINIDNLGDLETVGHTLYIHQIHNAPMPEGLASNDIETIINSAEWAFMAQEKPQQIANVYSSKLMTNI
ADYLNSGSMKKSKLKYVLLSAHDTTIASVLSFLGAPLEKSPPYASNVNFSLYDNGANYYTVKITYNGNPVSIPACGGSVC
ELQQLINLVHDSKNS
;
_entity_poly.pdbx_strand_id   A,B,C,D
#
# COMPACT_ATOMS: atom_id res chain seq x y z
N HIS A 1 42.29 -50.93 -4.45
CA HIS A 1 43.11 -51.25 -3.25
C HIS A 1 43.44 -49.94 -2.52
N HIS A 2 44.52 -49.26 -2.93
CA HIS A 2 44.77 -47.84 -2.61
C HIS A 2 44.06 -47.02 -3.68
N MET A 3 43.34 -46.01 -3.26
CA MET A 3 42.48 -45.24 -4.18
C MET A 3 43.06 -43.84 -4.34
N GLU A 4 43.05 -43.36 -5.58
CA GLU A 4 43.40 -41.94 -5.88
C GLU A 4 42.41 -41.04 -5.12
N ASP A 5 42.89 -39.86 -4.78
CA ASP A 5 42.08 -38.72 -4.28
C ASP A 5 40.92 -38.48 -5.24
N LYS A 6 39.77 -38.19 -4.66
CA LYS A 6 38.54 -37.96 -5.44
C LYS A 6 37.92 -36.65 -5.00
N LEU A 7 37.55 -35.84 -5.98
CA LEU A 7 36.81 -34.60 -5.70
C LEU A 7 35.38 -35.03 -5.36
N ILE A 8 34.96 -34.86 -4.12
CA ILE A 8 33.62 -35.34 -3.70
C ILE A 8 32.71 -34.16 -3.36
N PHE A 9 33.23 -32.94 -3.21
CA PHE A 9 32.33 -31.78 -3.02
C PHE A 9 33.01 -30.51 -3.47
N ALA A 10 32.25 -29.54 -3.95
CA ALA A 10 32.84 -28.22 -4.25
C ALA A 10 31.84 -27.11 -3.91
N VAL A 11 32.40 -25.99 -3.49
CA VAL A 11 31.66 -24.73 -3.31
C VAL A 11 32.34 -23.66 -4.13
N ASP A 12 31.56 -22.95 -4.92
CA ASP A 12 32.04 -21.76 -5.65
C ASP A 12 31.30 -20.53 -5.17
N ILE A 13 32.07 -19.52 -4.80
CA ILE A 13 31.60 -18.12 -4.70
C ILE A 13 32.05 -17.41 -5.96
N ILE A 14 31.10 -16.92 -6.74
CA ILE A 14 31.44 -16.19 -7.98
C ILE A 14 31.06 -14.73 -7.78
N ARG A 15 31.82 -13.86 -8.44
CA ARG A 15 31.37 -12.48 -8.61
C ARG A 15 30.54 -12.43 -9.88
N HIS A 16 29.58 -11.52 -9.93
CA HIS A 16 28.77 -11.30 -11.13
C HIS A 16 29.66 -10.81 -12.27
N GLY A 17 29.11 -10.77 -13.48
CA GLY A 17 29.89 -10.30 -14.62
C GLY A 17 29.90 -8.80 -14.72
N ASP A 18 30.47 -8.32 -15.80
CA ASP A 18 30.53 -6.87 -16.14
C ASP A 18 29.15 -6.24 -15.98
N ARG A 19 29.12 -5.10 -15.29
CA ARG A 19 27.88 -4.36 -15.01
C ARG A 19 28.03 -2.86 -15.28
N THR A 20 26.89 -2.20 -15.40
CA THR A 20 26.83 -0.73 -15.53
C THR A 20 27.14 -0.10 -14.18
N PRO A 21 27.48 1.20 -14.13
CA PRO A 21 27.74 1.85 -12.85
C PRO A 21 26.49 1.82 -11.97
N ILE A 22 26.72 1.78 -10.66
CA ILE A 22 25.66 1.98 -9.63
C ILE A 22 25.29 3.47 -9.67
N VAL A 23 26.29 4.32 -9.70
CA VAL A 23 26.10 5.79 -9.68
C VAL A 23 26.58 6.34 -11.02
N ALA A 24 25.68 6.92 -11.80
CA ALA A 24 25.99 7.54 -13.09
C ALA A 24 26.67 8.89 -12.85
N LEU A 25 27.42 9.37 -13.83
CA LEU A 25 28.05 10.71 -13.73
C LEU A 25 27.08 11.73 -14.31
N PRO A 26 26.52 12.61 -13.45
CA PRO A 26 25.59 13.64 -13.90
C PRO A 26 26.07 14.48 -15.09
N THR A 27 27.37 14.71 -15.21
CA THR A 27 27.96 15.64 -16.23
C THR A 27 28.17 14.94 -17.57
N VAL A 28 28.08 13.61 -17.66
CA VAL A 28 28.40 12.93 -18.95
C VAL A 28 27.08 12.53 -19.63
N ASN A 29 26.97 12.86 -20.92
CA ASN A 29 25.78 12.52 -21.73
C ASN A 29 25.99 11.13 -22.33
N TYR A 30 25.85 10.12 -21.50
CA TYR A 30 25.93 8.70 -21.92
C TYR A 30 24.91 7.95 -21.07
N GLN A 31 23.89 7.36 -21.69
CA GLN A 31 22.86 6.64 -20.92
C GLN A 31 23.18 5.15 -21.00
N TRP A 32 23.21 4.51 -19.84
CA TRP A 32 23.44 3.05 -19.73
C TRP A 32 22.15 2.35 -20.15
N GLN A 33 22.20 1.69 -21.31
CA GLN A 33 21.01 1.07 -21.95
C GLN A 33 20.35 0.09 -20.97
N GLU A 34 21.16 -0.67 -20.21
CA GLU A 34 20.71 -1.80 -19.36
C GLU A 34 20.07 -1.28 -18.08
N GLY A 35 20.24 -0.01 -17.79
CA GLY A 35 19.87 0.54 -16.47
C GLY A 35 21.10 0.49 -15.58
N LEU A 36 21.00 1.08 -14.42
CA LEU A 36 22.10 1.17 -13.44
C LEU A 36 22.23 -0.11 -12.63
N GLY A 37 23.48 -0.50 -12.39
CA GLY A 37 23.82 -1.65 -11.53
C GLY A 37 23.41 -2.96 -12.18
N GLN A 38 23.37 -2.99 -13.51
CA GLN A 38 22.82 -4.15 -14.26
C GLN A 38 23.91 -4.90 -15.01
N LEU A 39 23.70 -6.20 -15.15
CA LEU A 39 24.60 -7.06 -15.93
C LEU A 39 24.50 -6.68 -17.41
N THR A 40 25.64 -6.48 -18.05
CA THR A 40 25.72 -6.18 -19.50
C THR A 40 25.82 -7.47 -20.31
N ALA A 41 25.69 -7.32 -21.63
CA ALA A 41 25.89 -8.44 -22.57
C ALA A 41 27.27 -9.05 -22.34
N GLU A 42 28.30 -8.22 -22.13
CA GLU A 42 29.67 -8.72 -21.89
C GLU A 42 29.69 -9.51 -20.58
N GLY A 43 29.00 -8.99 -19.57
CA GLY A 43 28.90 -9.66 -18.26
C GLY A 43 28.27 -11.04 -18.38
N MET A 44 27.22 -11.18 -19.18
CA MET A 44 26.53 -12.47 -19.37
C MET A 44 27.50 -13.47 -20.01
N GLN A 45 28.24 -13.03 -21.01
CA GLN A 45 29.17 -13.91 -21.74
C GLN A 45 30.27 -14.34 -20.77
N GLN A 46 30.78 -13.40 -20.00
CA GLN A 46 31.84 -13.75 -19.01
C GLN A 46 31.36 -14.90 -18.09
N GLU A 47 30.13 -14.80 -17.62
CA GLU A 47 29.58 -15.82 -16.70
C GLU A 47 29.38 -17.14 -17.45
N TYR A 48 28.86 -17.08 -18.65
CA TYR A 48 28.63 -18.26 -19.51
C TYR A 48 29.95 -18.98 -19.70
N LYS A 49 31.00 -18.22 -19.99
CA LYS A 49 32.36 -18.78 -20.19
C LYS A 49 32.83 -19.47 -18.93
N MET A 50 32.57 -18.89 -17.78
CA MET A 50 32.98 -19.51 -16.49
C MET A 50 32.20 -20.82 -16.33
N GLY A 51 30.92 -20.79 -16.67
CA GLY A 51 30.08 -22.01 -16.66
C GLY A 51 30.65 -23.09 -17.55
N VAL A 52 31.12 -22.72 -18.74
CA VAL A 52 31.72 -23.73 -19.66
C VAL A 52 32.95 -24.34 -18.99
N ALA A 53 33.80 -23.52 -18.40
CA ALA A 53 34.97 -24.00 -17.61
C ALA A 53 34.51 -24.91 -16.46
N PHE A 54 33.42 -24.57 -15.77
CA PHE A 54 32.94 -25.38 -14.62
C PHE A 54 32.48 -26.74 -15.16
N ARG A 55 31.86 -26.78 -16.32
CA ARG A 55 31.37 -28.05 -16.88
C ARG A 55 32.57 -28.96 -17.16
N LYS A 56 33.62 -28.42 -17.77
CA LYS A 56 34.81 -29.21 -18.10
C LYS A 56 35.37 -29.85 -16.82
N LYS A 57 35.46 -29.07 -15.75
CA LYS A 57 36.08 -29.51 -14.48
C LYS A 57 35.14 -30.45 -13.71
N TYR A 58 33.89 -30.04 -13.47
CA TYR A 58 33.00 -30.76 -12.53
C TYR A 58 32.30 -31.88 -13.28
N ILE A 59 32.13 -31.75 -14.58
CA ILE A 59 31.32 -32.76 -15.29
C ILE A 59 32.24 -33.66 -16.15
N GLU A 60 32.96 -33.11 -17.11
CA GLU A 60 33.71 -33.93 -18.09
C GLU A 60 34.96 -34.55 -17.47
N GLU A 61 35.66 -33.86 -16.56
CA GLU A 61 36.95 -34.37 -16.02
C GLU A 61 36.73 -35.14 -14.71
N SER A 62 36.13 -34.53 -13.69
CA SER A 62 36.05 -35.17 -12.36
C SER A 62 34.78 -36.02 -12.20
N HIS A 63 33.75 -35.72 -12.99
CA HIS A 63 32.43 -36.38 -12.89
C HIS A 63 31.84 -36.17 -11.48
N LEU A 64 32.19 -35.07 -10.83
CA LEU A 64 31.56 -34.64 -9.56
C LEU A 64 30.05 -34.49 -9.79
N LEU A 65 29.67 -33.99 -10.95
CA LEU A 65 28.26 -33.74 -11.33
C LEU A 65 27.94 -34.58 -12.55
N PRO A 66 26.64 -34.95 -12.71
CA PRO A 66 26.18 -35.70 -13.87
C PRO A 66 26.19 -34.84 -15.13
N GLU A 67 26.24 -35.48 -16.30
CA GLU A 67 26.29 -34.80 -17.62
C GLU A 67 25.01 -33.96 -17.83
N HIS A 68 23.89 -34.45 -17.33
CA HIS A 68 22.58 -33.76 -17.39
C HIS A 68 22.13 -33.38 -15.99
N TYR A 69 21.45 -32.26 -15.86
CA TYR A 69 21.08 -31.71 -14.53
C TYR A 69 20.23 -32.74 -13.77
N GLU A 70 20.61 -32.99 -12.53
CA GLU A 70 19.88 -33.89 -11.63
C GLU A 70 19.57 -33.11 -10.38
N TYR A 71 18.30 -32.96 -10.08
CA TYR A 71 17.84 -32.25 -8.88
C TYR A 71 18.50 -32.89 -7.65
N GLY A 72 18.93 -32.07 -6.72
CA GLY A 72 19.54 -32.55 -5.47
C GLY A 72 21.05 -32.64 -5.53
N THR A 73 21.66 -32.61 -6.71
CA THR A 73 23.14 -32.78 -6.82
C THR A 73 23.79 -31.40 -6.71
N ILE A 74 23.07 -30.37 -7.11
CA ILE A 74 23.61 -28.98 -7.16
CA ILE A 74 23.61 -28.98 -7.16
C ILE A 74 22.68 -28.07 -6.37
N TYR A 75 23.25 -27.07 -5.72
CA TYR A 75 22.44 -26.04 -5.05
C TYR A 75 22.99 -24.70 -5.47
N VAL A 76 22.15 -23.91 -6.11
CA VAL A 76 22.55 -22.56 -6.59
C VAL A 76 21.82 -21.52 -5.76
N ARG A 77 22.61 -20.64 -5.16
CA ARG A 77 22.03 -19.60 -4.30
C ARG A 77 22.55 -18.26 -4.78
N SER A 78 21.68 -17.27 -4.91
CA SER A 78 22.12 -15.92 -5.33
C SER A 78 21.69 -14.88 -4.28
N THR A 79 22.45 -13.79 -4.19
CA THR A 79 21.97 -12.58 -3.50
C THR A 79 20.78 -12.01 -4.27
N ASP A 80 20.10 -11.05 -3.67
CA ASP A 80 18.80 -10.52 -4.10
C ASP A 80 18.99 -9.38 -5.13
N TYR A 81 19.83 -9.58 -6.12
CA TYR A 81 20.12 -8.53 -7.13
C TYR A 81 19.95 -9.11 -8.53
N ALA A 82 19.45 -8.29 -9.45
CA ALA A 82 19.22 -8.73 -10.84
C ALA A 82 20.55 -9.22 -11.41
N ARG A 83 21.64 -8.55 -11.08
CA ARG A 83 22.95 -8.82 -11.69
C ARG A 83 23.51 -10.16 -11.21
N THR A 84 23.30 -10.51 -9.94
CA THR A 84 23.76 -11.81 -9.40
C THR A 84 22.83 -12.92 -9.88
N LEU A 85 21.53 -12.65 -9.95
CA LEU A 85 20.56 -13.67 -10.44
C LEU A 85 20.83 -13.95 -11.92
N MET A 86 21.04 -12.91 -12.70
CA MET A 86 21.28 -13.10 -14.15
C MET A 86 22.67 -13.68 -14.41
N SER A 87 23.62 -13.42 -13.52
CA SER A 87 24.99 -13.98 -13.62
C SER A 87 24.95 -15.49 -13.37
N ALA A 88 24.22 -15.90 -12.33
CA ALA A 88 24.07 -17.32 -11.99
C ALA A 88 23.43 -18.05 -13.18
N GLN A 89 22.40 -17.44 -13.76
CA GLN A 89 21.62 -18.04 -14.85
C GLN A 89 22.48 -18.13 -16.11
N SER A 90 23.31 -17.13 -16.36
CA SER A 90 24.21 -17.11 -17.54
C SER A 90 25.22 -18.24 -17.38
N LEU A 91 25.82 -18.32 -16.20
CA LEU A 91 26.80 -19.34 -15.86
C LEU A 91 26.19 -20.74 -16.00
N LEU A 92 24.97 -20.90 -15.51
CA LEU A 92 24.34 -22.24 -15.54
C LEU A 92 24.10 -22.67 -16.99
N MET A 93 23.95 -21.70 -17.88
CA MET A 93 23.80 -21.98 -19.33
C MET A 93 25.11 -22.54 -19.90
N GLY A 94 26.24 -22.25 -19.23
CA GLY A 94 27.54 -22.87 -19.50
C GLY A 94 27.63 -24.23 -18.84
N LEU A 95 27.18 -24.34 -17.60
CA LEU A 95 27.38 -25.58 -16.82
C LEU A 95 26.51 -26.68 -17.40
N TYR A 96 25.28 -26.34 -17.72
CA TYR A 96 24.30 -27.25 -18.35
C TYR A 96 23.73 -26.57 -19.57
N PRO A 97 24.46 -26.67 -20.70
CA PRO A 97 24.17 -25.90 -21.90
C PRO A 97 23.00 -26.42 -22.72
N PRO A 98 22.45 -25.57 -23.62
CA PRO A 98 21.45 -26.02 -24.57
C PRO A 98 21.96 -27.28 -25.25
N GLY A 99 21.12 -28.31 -25.37
CA GLY A 99 21.51 -29.60 -25.92
C GLY A 99 21.57 -30.64 -24.83
N THR A 100 21.66 -30.22 -23.56
CA THR A 100 21.65 -31.17 -22.44
C THR A 100 20.29 -31.14 -21.76
N GLY A 101 19.41 -30.23 -22.19
CA GLY A 101 18.08 -30.08 -21.58
C GLY A 101 17.21 -31.30 -21.87
N PRO A 102 16.09 -31.44 -21.12
CA PRO A 102 15.28 -32.64 -21.21
C PRO A 102 14.43 -32.69 -22.49
N THR A 103 14.06 -33.91 -22.81
CA THR A 103 13.19 -34.20 -23.97
C THR A 103 11.83 -34.62 -23.42
N ILE A 104 10.75 -34.20 -24.05
CA ILE A 104 9.40 -34.77 -23.76
C ILE A 104 9.32 -36.21 -24.30
N PRO A 105 8.40 -37.03 -23.75
CA PRO A 105 8.27 -38.43 -24.16
C PRO A 105 8.19 -38.68 -25.68
N ALA A 106 7.53 -37.81 -26.44
CA ALA A 106 7.48 -37.88 -27.92
C ALA A 106 8.89 -37.81 -28.52
N GLY A 107 9.91 -37.43 -27.75
CA GLY A 107 11.32 -37.36 -28.21
C GLY A 107 11.72 -35.96 -28.66
N THR A 108 10.80 -34.99 -28.69
CA THR A 108 11.08 -33.55 -28.95
C THR A 108 11.71 -32.89 -27.70
N SER A 109 12.54 -31.88 -27.90
CA SER A 109 13.18 -31.11 -26.79
C SER A 109 12.11 -30.29 -26.07
N ALA A 110 12.12 -30.27 -24.75
CA ALA A 110 11.07 -29.59 -23.95
C ALA A 110 11.07 -28.11 -24.28
N LEU A 111 12.26 -27.55 -24.45
CA LEU A 111 12.41 -26.10 -24.71
C LEU A 111 13.23 -25.89 -25.98
N PRO A 112 13.18 -24.68 -26.57
CA PRO A 112 14.02 -24.36 -27.71
C PRO A 112 15.49 -24.71 -27.47
N HIS A 113 16.08 -25.39 -28.44
CA HIS A 113 17.52 -25.75 -28.45
C HIS A 113 17.83 -26.68 -27.27
N ALA A 114 16.81 -27.36 -26.73
CA ALA A 114 17.00 -28.27 -25.57
C ALA A 114 17.67 -27.49 -24.43
N PHE A 115 17.19 -26.29 -24.15
CA PHE A 115 17.66 -25.51 -22.97
C PHE A 115 17.36 -26.31 -21.70
N GLN A 116 18.23 -26.18 -20.70
CA GLN A 116 18.05 -26.82 -19.38
C GLN A 116 17.82 -25.77 -18.30
N PRO A 117 16.58 -25.66 -17.79
CA PRO A 117 16.29 -24.77 -16.68
C PRO A 117 16.99 -25.29 -15.42
N ILE A 118 17.51 -24.37 -14.63
CA ILE A 118 18.12 -24.72 -13.32
C ILE A 118 17.67 -23.70 -12.29
N PRO A 119 17.12 -24.15 -11.14
CA PRO A 119 16.59 -23.21 -10.18
C PRO A 119 17.72 -22.41 -9.52
N VAL A 120 17.57 -21.10 -9.46
CA VAL A 120 18.50 -20.22 -8.70
C VAL A 120 17.78 -19.71 -7.47
N PHE A 121 18.12 -20.22 -6.32
CA PHE A 121 17.43 -19.80 -5.08
C PHE A 121 18.02 -18.49 -4.62
N SER A 122 17.25 -17.78 -3.82
CA SER A 122 17.61 -16.42 -3.37
C SER A 122 16.89 -16.08 -2.08
N ALA A 123 17.40 -15.06 -1.40
CA ALA A 123 16.71 -14.37 -0.29
C ALA A 123 17.02 -12.90 -0.33
N PRO A 124 16.09 -12.04 0.15
CA PRO A 124 16.43 -10.66 0.42
C PRO A 124 17.63 -10.60 1.38
N SER A 125 18.42 -9.56 1.27
CA SER A 125 19.66 -9.39 2.06
C SER A 125 19.34 -9.44 3.55
N LYS A 126 18.24 -8.80 3.91
CA LYS A 126 17.71 -8.72 5.31
C LYS A 126 17.35 -10.12 5.83
N TYR A 127 17.02 -11.06 4.94
CA TYR A 127 16.51 -12.38 5.37
C TYR A 127 17.37 -13.52 4.86
N ASP A 128 18.63 -13.22 4.56
CA ASP A 128 19.54 -14.21 3.95
C ASP A 128 20.23 -15.01 5.06
N GLU A 129 19.94 -16.29 5.19
CA GLU A 129 20.62 -17.16 6.20
C GLU A 129 21.92 -17.72 5.63
N VAL A 130 22.20 -17.54 4.33
CA VAL A 130 23.38 -18.21 3.69
C VAL A 130 24.50 -17.23 3.37
N ILE A 131 24.24 -16.21 2.55
CA ILE A 131 25.35 -15.37 2.02
C ILE A 131 25.51 -14.04 2.77
N ILE A 132 24.50 -13.18 2.71
CA ILE A 132 24.63 -11.79 3.18
C ILE A 132 24.40 -11.73 4.70
N GLN A 133 25.37 -11.17 5.40
CA GLN A 133 25.15 -10.70 6.79
C GLN A 133 24.76 -9.23 6.76
N GLN A 134 23.55 -8.90 7.18
CA GLN A 134 23.18 -7.46 7.18
C GLN A 134 23.71 -6.78 8.45
N VAL A 135 24.28 -5.60 8.25
CA VAL A 135 24.89 -4.80 9.34
C VAL A 135 24.28 -3.40 9.27
N ASP A 136 23.75 -2.92 10.40
CA ASP A 136 23.23 -1.54 10.48
C ASP A 136 24.36 -0.58 10.10
N ARG A 137 24.02 0.40 9.25
CA ARG A 137 24.94 1.44 8.74
C ARG A 137 25.81 2.01 9.86
N LYS A 138 25.20 2.32 10.98
CA LYS A 138 25.89 2.87 12.17
C LYS A 138 26.91 1.87 12.70
N GLU A 139 26.54 0.59 12.76
CA GLU A 139 27.50 -0.45 13.22
C GLU A 139 28.63 -0.57 12.21
N ARG A 140 28.34 -0.39 10.94
CA ARG A 140 29.36 -0.45 9.87
C ARG A 140 30.29 0.75 10.03
N GLU A 141 29.74 1.93 10.31
CA GLU A 141 30.56 3.16 10.39
C GLU A 141 31.41 3.09 11.66
N LYS A 142 30.90 2.46 12.73
CA LYS A 142 31.70 2.18 13.94
C LYS A 142 32.90 1.27 13.58
N LEU A 143 32.65 0.19 12.84
CA LEU A 143 33.72 -0.75 12.40
C LEU A 143 34.72 -0.01 11.51
N MET A 144 34.23 0.80 10.58
CA MET A 144 35.09 1.58 9.66
C MET A 144 36.00 2.51 10.49
N GLU A 145 35.41 3.21 11.46
CA GLU A 145 36.14 4.18 12.31
C GLU A 145 37.12 3.42 13.22
N GLN A 146 36.80 2.20 13.63
CA GLN A 146 37.74 1.48 14.51
C GLN A 146 38.89 0.87 13.70
N TYR A 147 38.64 0.34 12.50
CA TYR A 147 39.66 -0.52 11.84
C TYR A 147 40.14 0.05 10.50
N VAL A 148 39.47 1.07 9.94
CA VAL A 148 39.84 1.55 8.59
C VAL A 148 40.25 3.02 8.62
N PHE A 149 39.37 3.91 9.07
CA PHE A 149 39.64 5.37 9.14
C PHE A 149 40.71 5.66 10.19
N SER A 150 40.86 4.77 11.16
CA SER A 150 41.83 4.91 12.27
C SER A 150 43.27 4.70 11.81
N THR A 151 43.49 4.09 10.64
CA THR A 151 44.87 3.78 10.17
C THR A 151 45.53 5.06 9.69
N ARG A 152 46.85 5.13 9.85
CA ARG A 152 47.59 6.33 9.39
C ARG A 152 47.47 6.44 7.88
N GLU A 153 47.48 5.30 7.19
CA GLU A 153 47.47 5.22 5.71
C GLU A 153 46.16 5.81 5.18
N TRP A 154 45.03 5.47 5.78
CA TRP A 154 43.75 6.01 5.29
C TRP A 154 43.80 7.54 5.42
N GLN A 155 44.14 8.03 6.59
CA GLN A 155 44.14 9.49 6.85
C GLN A 155 45.11 10.21 5.91
N GLN A 156 46.29 9.64 5.69
CA GLN A 156 47.32 10.29 4.84
C GLN A 156 46.84 10.37 3.38
N LYS A 157 46.23 9.30 2.85
CA LYS A 157 45.76 9.32 1.46
C LYS A 157 44.60 10.30 1.30
N ASN A 158 43.70 10.37 2.29
CA ASN A 158 42.56 11.33 2.20
C ASN A 158 43.11 12.76 2.21
N ASN A 159 44.08 13.04 3.08
CA ASN A 159 44.66 14.40 3.29
C ASN A 159 45.44 14.85 2.05
N GLU A 160 46.08 13.91 1.34
CA GLU A 160 46.85 14.23 0.11
C GLU A 160 45.89 14.52 -1.06
N LEU A 161 44.69 13.94 -1.04
CA LEU A 161 43.78 14.05 -2.21
C LEU A 161 42.73 15.12 -1.97
N LYS A 162 42.37 15.40 -0.71
CA LYS A 162 41.14 16.17 -0.36
C LYS A 162 41.17 17.59 -0.94
N ASP A 163 42.35 18.04 -1.32
CA ASP A 163 42.58 19.35 -2.01
C ASP A 163 41.68 19.41 -3.24
N LYS A 164 41.67 18.34 -4.04
CA LYS A 164 41.01 18.30 -5.38
C LYS A 164 39.54 17.90 -5.28
N TYR A 165 39.02 17.64 -4.08
CA TYR A 165 37.61 17.23 -3.89
C TYR A 165 36.69 18.31 -4.46
N PRO A 166 36.86 19.61 -4.14
CA PRO A 166 35.98 20.63 -4.71
C PRO A 166 35.99 20.62 -6.24
N LEU A 167 37.17 20.55 -6.85
CA LEU A 167 37.29 20.50 -8.34
C LEU A 167 36.60 19.25 -8.87
N TRP A 168 36.96 18.09 -8.33
CA TRP A 168 36.48 16.77 -8.80
C TRP A 168 34.96 16.68 -8.64
N SER A 169 34.42 17.21 -7.54
CA SER A 169 32.96 17.27 -7.30
C SER A 169 32.26 18.01 -8.45
N ARG A 170 32.76 19.21 -8.78
CA ARG A 170 32.15 20.09 -9.82
C ARG A 170 32.23 19.35 -11.16
N LEU A 171 33.40 18.81 -11.49
CA LEU A 171 33.66 18.10 -12.78
C LEU A 171 32.81 16.82 -12.91
N THR A 172 32.66 16.04 -11.84
CA THR A 172 31.93 14.75 -11.88
C THR A 172 30.43 14.96 -11.70
N GLY A 173 30.04 16.02 -11.00
CA GLY A 173 28.62 16.23 -10.62
C GLY A 173 28.29 15.39 -9.40
N ILE A 174 29.30 14.75 -8.81
CA ILE A 174 29.10 13.94 -7.58
C ILE A 174 29.78 14.63 -6.42
N ASN A 175 29.11 14.65 -5.27
CA ASN A 175 29.66 15.27 -4.05
C ASN A 175 30.79 14.39 -3.53
N ILE A 176 31.96 14.97 -3.26
CA ILE A 176 33.11 14.24 -2.65
C ILE A 176 33.60 15.01 -1.45
N ASP A 177 33.39 14.47 -0.25
CA ASP A 177 33.90 15.10 1.01
C ASP A 177 35.03 14.25 1.59
N ASN A 178 35.24 13.04 1.08
CA ASN A 178 36.17 12.08 1.71
C ASN A 178 36.53 10.95 0.73
N LEU A 179 37.48 10.14 1.17
CA LEU A 179 38.06 9.05 0.38
C LEU A 179 36.96 8.04 0.01
N GLY A 180 36.06 7.75 0.96
CA GLY A 180 34.88 6.90 0.72
C GLY A 180 34.01 7.40 -0.42
N ASP A 181 33.72 8.70 -0.46
CA ASP A 181 32.94 9.29 -1.58
C ASP A 181 33.77 9.12 -2.86
N LEU A 182 35.08 9.39 -2.75
CA LEU A 182 35.98 9.36 -3.94
C LEU A 182 35.94 7.96 -4.54
N GLU A 183 35.86 6.95 -3.68
CA GLU A 183 35.91 5.54 -4.13
C GLU A 183 34.73 5.28 -5.08
N THR A 184 33.54 5.77 -4.75
CA THR A 184 32.34 5.59 -5.59
C THR A 184 32.60 6.18 -6.98
N VAL A 185 33.21 7.36 -7.04
CA VAL A 185 33.49 8.06 -8.32
C VAL A 185 34.47 7.23 -9.14
N GLY A 186 35.53 6.71 -8.51
CA GLY A 186 36.54 5.91 -9.20
C GLY A 186 35.99 4.61 -9.78
N HIS A 187 35.11 3.92 -9.07
CA HIS A 187 34.48 2.69 -9.61
C HIS A 187 33.72 3.06 -10.89
N THR A 188 32.96 4.15 -10.84
CA THR A 188 32.16 4.62 -12.01
C THR A 188 33.08 4.99 -13.16
N LEU A 189 34.15 5.75 -12.89
CA LEU A 189 35.10 6.19 -13.95
C LEU A 189 35.69 4.93 -14.58
N TYR A 190 36.01 3.93 -13.77
CA TYR A 190 36.64 2.68 -14.27
C TYR A 190 35.69 1.98 -15.24
N ILE A 191 34.41 1.94 -14.88
CA ILE A 191 33.39 1.29 -15.75
C ILE A 191 33.30 2.08 -17.06
N HIS A 192 33.38 3.40 -17.00
CA HIS A 192 33.41 4.27 -18.21
C HIS A 192 34.56 3.86 -19.13
N GLN A 193 35.75 3.66 -18.56
CA GLN A 193 36.95 3.26 -19.33
C GLN A 193 36.68 1.92 -20.01
N ILE A 194 36.18 0.95 -19.24
CA ILE A 194 35.92 -0.43 -19.74
C ILE A 194 35.03 -0.35 -20.99
N HIS A 195 34.00 0.50 -20.96
CA HIS A 195 33.00 0.55 -22.05
C HIS A 195 33.33 1.68 -23.01
N ASN A 196 34.46 2.34 -22.83
CA ASN A 196 34.89 3.50 -23.66
C ASN A 196 33.75 4.49 -23.73
N ALA A 197 33.10 4.75 -22.59
CA ALA A 197 32.09 5.81 -22.43
C ALA A 197 32.82 7.13 -22.29
N PRO A 198 32.19 8.28 -22.64
CA PRO A 198 32.85 9.57 -22.50
C PRO A 198 33.16 9.88 -21.04
N MET A 199 34.35 10.45 -20.79
CA MET A 199 34.77 10.92 -19.45
C MET A 199 34.30 12.36 -19.28
N PRO A 200 34.14 12.85 -18.03
CA PRO A 200 33.66 14.20 -17.78
C PRO A 200 34.60 15.22 -18.42
N GLU A 201 34.02 16.22 -19.09
CA GLU A 201 34.76 17.32 -19.73
C GLU A 201 35.63 18.02 -18.67
N GLY A 202 36.91 18.19 -18.98
CA GLY A 202 37.84 18.99 -18.17
C GLY A 202 38.60 18.17 -17.14
N LEU A 203 38.19 16.92 -16.89
CA LEU A 203 38.84 16.05 -15.86
C LEU A 203 40.08 15.42 -16.50
N ALA A 204 41.26 15.73 -15.98
CA ALA A 204 42.54 15.35 -16.62
C ALA A 204 42.74 13.83 -16.61
N SER A 205 43.41 13.31 -17.64
CA SER A 205 43.75 11.88 -17.78
C SER A 205 44.47 11.40 -16.51
N ASN A 206 45.35 12.20 -15.94
CA ASN A 206 46.16 11.82 -14.76
C ASN A 206 45.26 11.69 -13.53
N ASP A 207 44.29 12.60 -13.41
CA ASP A 207 43.36 12.69 -12.25
C ASP A 207 42.43 11.46 -12.31
N ILE A 208 42.06 11.05 -13.53
CA ILE A 208 41.21 9.85 -13.77
C ILE A 208 41.91 8.64 -13.13
N GLU A 209 43.18 8.45 -13.46
CA GLU A 209 43.93 7.26 -13.02
C GLU A 209 44.08 7.29 -11.49
N THR A 210 44.39 8.46 -10.96
CA THR A 210 44.61 8.66 -9.51
C THR A 210 43.33 8.29 -8.76
N ILE A 211 42.19 8.80 -9.23
CA ILE A 211 40.87 8.54 -8.61
C ILE A 211 40.55 7.04 -8.74
N ILE A 212 40.77 6.45 -9.91
CA ILE A 212 40.49 5.00 -10.08
C ILE A 212 41.40 4.20 -9.16
N ASN A 213 42.68 4.55 -9.14
CA ASN A 213 43.67 3.84 -8.28
C ASN A 213 43.30 4.02 -6.81
N SER A 214 42.88 5.22 -6.40
CA SER A 214 42.53 5.55 -5.00
C SER A 214 41.30 4.72 -4.61
N ALA A 215 40.33 4.60 -5.52
CA ALA A 215 39.08 3.85 -5.27
C ALA A 215 39.42 2.37 -5.00
N GLU A 216 40.30 1.79 -5.81
CA GLU A 216 40.72 0.38 -5.57
C GLU A 216 41.41 0.27 -4.22
N TRP A 217 42.33 1.18 -3.93
CA TRP A 217 43.05 1.20 -2.63
C TRP A 217 42.03 1.32 -1.48
N ALA A 218 41.09 2.25 -1.60
CA ALA A 218 40.07 2.50 -0.55
C ALA A 218 39.24 1.21 -0.34
N PHE A 219 38.91 0.53 -1.44
CA PHE A 219 38.05 -0.66 -1.42
C PHE A 219 38.79 -1.76 -0.65
N MET A 220 40.03 -2.02 -1.01
CA MET A 220 40.83 -3.09 -0.38
C MET A 220 41.07 -2.75 1.10
N ALA A 221 41.21 -1.46 1.44
CA ALA A 221 41.43 -1.01 2.84
C ALA A 221 40.23 -1.35 3.70
N GLN A 222 39.02 -1.16 3.17
CA GLN A 222 37.76 -1.42 3.93
C GLN A 222 37.56 -2.94 4.11
N GLU A 223 38.11 -3.76 3.21
CA GLU A 223 37.88 -5.23 3.24
C GLU A 223 38.96 -5.92 4.06
N LYS A 224 40.11 -5.29 4.16
CA LYS A 224 41.37 -5.83 4.75
C LYS A 224 41.18 -6.32 6.19
N PRO A 225 40.62 -5.53 7.14
CA PRO A 225 40.68 -5.94 8.55
C PRO A 225 39.93 -7.25 8.82
N GLN A 226 40.60 -8.18 9.47
CA GLN A 226 40.02 -9.49 9.78
C GLN A 226 38.76 -9.30 10.64
N GLN A 227 38.76 -8.28 11.49
CA GLN A 227 37.63 -7.99 12.41
C GLN A 227 36.39 -7.63 11.56
N ILE A 228 36.58 -6.86 10.49
CA ILE A 228 35.48 -6.51 9.53
C ILE A 228 34.99 -7.78 8.86
N ALA A 229 35.91 -8.63 8.44
CA ALA A 229 35.62 -9.86 7.71
C ALA A 229 34.86 -10.84 8.61
N ASN A 230 35.24 -10.91 9.88
CA ASN A 230 34.60 -11.82 10.86
C ASN A 230 33.13 -11.42 11.00
N VAL A 231 32.86 -10.13 10.99
CA VAL A 231 31.45 -9.65 11.16
C VAL A 231 30.64 -10.01 9.92
N TYR A 232 31.15 -9.67 8.75
CA TYR A 232 30.41 -9.80 7.49
C TYR A 232 30.40 -11.24 6.98
N SER A 233 31.44 -12.02 7.22
CA SER A 233 31.66 -13.33 6.53
C SER A 233 31.53 -14.52 7.47
N SER A 234 31.28 -14.33 8.76
CA SER A 234 31.20 -15.48 9.71
C SER A 234 30.07 -16.40 9.25
N LYS A 235 28.91 -15.83 8.97
CA LYS A 235 27.72 -16.61 8.59
C LYS A 235 27.97 -17.35 7.27
N LEU A 236 28.47 -16.66 6.26
CA LEU A 236 28.75 -17.34 4.98
C LEU A 236 29.73 -18.49 5.23
N MET A 237 30.83 -18.22 5.94
CA MET A 237 31.92 -19.22 6.10
C MET A 237 31.42 -20.43 6.90
N THR A 238 30.59 -20.18 7.90
CA THR A 238 29.95 -21.23 8.72
C THR A 238 29.14 -22.15 7.79
N ASN A 239 28.36 -21.58 6.89
CA ASN A 239 27.53 -22.36 5.95
C ASN A 239 28.43 -23.15 5.00
N ILE A 240 29.50 -22.53 4.52
CA ILE A 240 30.40 -23.22 3.57
C ILE A 240 31.07 -24.40 4.29
N ALA A 241 31.47 -24.20 5.54
CA ALA A 241 32.09 -25.26 6.35
C ALA A 241 31.08 -26.40 6.56
N ASP A 242 29.82 -26.07 6.85
CA ASP A 242 28.73 -27.07 7.00
C ASP A 242 28.50 -27.81 5.69
N TYR A 243 28.50 -27.09 4.56
CA TYR A 243 28.36 -27.72 3.23
C TYR A 243 29.50 -28.73 3.05
N LEU A 244 30.73 -28.33 3.37
CA LEU A 244 31.88 -29.23 3.15
C LEU A 244 31.78 -30.42 4.09
N ASN A 245 31.43 -30.16 5.34
CA ASN A 245 31.26 -31.23 6.36
C ASN A 245 30.24 -32.24 5.86
N SER A 246 29.12 -31.78 5.30
CA SER A 246 28.03 -32.68 4.84
C SER A 246 28.49 -33.45 3.61
N GLY A 247 29.26 -32.81 2.76
CA GLY A 247 29.86 -33.48 1.60
C GLY A 247 30.72 -34.68 1.99
N SER A 248 31.42 -34.60 3.13
CA SER A 248 32.35 -35.66 3.59
C SER A 248 31.57 -36.89 4.10
N MET A 249 30.33 -36.68 4.56
CA MET A 249 29.46 -37.76 5.11
C MET A 249 28.86 -38.58 3.97
N LYS A 250 28.80 -38.01 2.77
CA LYS A 250 28.46 -38.74 1.52
C LYS A 250 27.13 -39.46 1.68
N LYS A 251 26.25 -38.93 2.53
CA LYS A 251 24.90 -39.51 2.66
C LYS A 251 23.96 -38.79 1.69
N SER A 252 24.26 -37.52 1.40
CA SER A 252 23.37 -36.64 0.61
C SER A 252 23.78 -36.67 -0.87
N LYS A 253 22.84 -36.41 -1.75
CA LYS A 253 23.11 -36.32 -3.21
C LYS A 253 23.87 -35.02 -3.50
N LEU A 254 23.87 -34.05 -2.58
CA LEU A 254 24.44 -32.71 -2.89
C LEU A 254 25.94 -32.85 -3.12
N LYS A 255 26.41 -32.39 -4.27
CA LYS A 255 27.84 -32.47 -4.65
C LYS A 255 28.41 -31.07 -4.90
N TYR A 256 27.55 -30.09 -5.14
CA TYR A 256 28.03 -28.78 -5.63
C TYR A 256 27.16 -27.63 -5.12
N VAL A 257 27.81 -26.61 -4.60
CA VAL A 257 27.11 -25.36 -4.20
C VAL A 257 27.72 -24.18 -4.95
N LEU A 258 26.88 -23.42 -5.64
CA LEU A 258 27.27 -22.20 -6.35
C LEU A 258 26.63 -21.00 -5.65
N LEU A 259 27.44 -20.06 -5.23
CA LEU A 259 26.98 -18.84 -4.54
C LEU A 259 27.26 -17.63 -5.43
N SER A 260 26.19 -17.02 -5.97
CA SER A 260 26.34 -15.82 -6.85
C SER A 260 26.53 -14.57 -5.99
N ALA A 261 27.77 -14.31 -5.56
CA ALA A 261 28.08 -13.14 -4.71
C ALA A 261 28.60 -11.98 -5.58
N HIS A 262 29.19 -11.02 -4.87
CA HIS A 262 29.76 -9.71 -5.26
C HIS A 262 31.27 -9.64 -4.99
N ASP A 263 31.90 -8.54 -5.40
CA ASP A 263 33.35 -8.34 -5.18
C ASP A 263 33.62 -8.34 -3.66
N THR A 264 32.73 -7.73 -2.87
CA THR A 264 32.86 -7.62 -1.40
C THR A 264 32.79 -9.02 -0.78
N THR A 265 31.92 -9.86 -1.29
CA THR A 265 31.78 -11.23 -0.77
C THR A 265 33.13 -11.94 -0.87
N ILE A 266 33.74 -11.88 -2.04
CA ILE A 266 35.04 -12.56 -2.29
C ILE A 266 36.12 -11.92 -1.41
N ALA A 267 36.20 -10.59 -1.45
CA ALA A 267 37.26 -9.88 -0.72
C ALA A 267 37.11 -10.23 0.76
N SER A 268 35.89 -10.22 1.25
CA SER A 268 35.61 -10.41 2.69
C SER A 268 35.95 -11.84 3.10
N VAL A 269 35.66 -12.81 2.25
CA VAL A 269 36.00 -14.24 2.51
C VAL A 269 37.53 -14.41 2.58
N LEU A 270 38.28 -13.88 1.62
CA LEU A 270 39.74 -14.13 1.61
C LEU A 270 40.35 -13.41 2.82
N SER A 271 39.88 -12.20 3.11
CA SER A 271 40.29 -11.43 4.32
C SER A 271 39.97 -12.26 5.57
N PHE A 272 38.81 -12.91 5.61
CA PHE A 272 38.40 -13.80 6.72
C PHE A 272 39.39 -14.94 6.88
N LEU A 273 39.87 -15.48 5.77
CA LEU A 273 40.81 -16.63 5.80
C LEU A 273 42.26 -16.18 6.15
N GLY A 274 42.49 -14.87 6.33
CA GLY A 274 43.82 -14.33 6.62
C GLY A 274 44.61 -14.08 5.35
N ALA A 275 43.96 -14.02 4.19
CA ALA A 275 44.63 -13.74 2.89
C ALA A 275 43.94 -12.58 2.18
N PRO A 276 43.89 -11.38 2.80
CA PRO A 276 43.14 -10.27 2.24
C PRO A 276 43.69 -9.89 0.87
N LEU A 277 42.82 -9.45 -0.03
CA LEU A 277 43.26 -9.06 -1.38
C LEU A 277 44.05 -7.75 -1.37
N GLU A 278 45.00 -7.71 -2.30
CA GLU A 278 45.76 -6.52 -2.72
C GLU A 278 44.99 -5.82 -3.85
N LYS A 279 44.39 -6.59 -4.76
CA LYS A 279 43.76 -6.01 -5.97
C LYS A 279 42.27 -6.38 -5.98
N SER A 280 41.44 -5.47 -6.47
CA SER A 280 39.97 -5.66 -6.61
C SER A 280 39.68 -6.93 -7.41
N PRO A 281 38.74 -7.77 -6.94
CA PRO A 281 38.36 -8.96 -7.68
C PRO A 281 37.77 -8.58 -9.02
N PRO A 282 38.38 -9.05 -10.12
CA PRO A 282 37.79 -8.81 -11.43
C PRO A 282 36.38 -9.42 -11.57
N TYR A 283 35.68 -9.04 -12.62
CA TYR A 283 34.35 -9.59 -12.95
C TYR A 283 34.48 -11.09 -13.11
N ALA A 284 33.44 -11.82 -12.71
CA ALA A 284 33.37 -13.29 -12.84
C ALA A 284 34.53 -13.93 -12.08
N SER A 285 34.98 -13.30 -11.00
CA SER A 285 35.99 -13.85 -10.07
C SER A 285 35.37 -15.07 -9.36
N ASN A 286 36.22 -15.95 -8.88
CA ASN A 286 35.74 -17.21 -8.28
C ASN A 286 36.60 -17.56 -7.07
N VAL A 287 35.97 -17.77 -5.93
CA VAL A 287 36.65 -18.46 -4.79
C VAL A 287 36.13 -19.87 -4.71
N ASN A 288 37.02 -20.85 -4.82
CA ASN A 288 36.65 -22.27 -4.89
C ASN A 288 37.05 -22.93 -3.57
N PHE A 289 36.17 -23.75 -3.00
CA PHE A 289 36.56 -24.71 -1.96
C PHE A 289 36.33 -26.11 -2.51
N SER A 290 37.39 -26.88 -2.70
CA SER A 290 37.31 -28.25 -3.27
C SER A 290 37.53 -29.26 -2.14
N LEU A 291 36.61 -30.21 -1.99
CA LEU A 291 36.69 -31.23 -0.93
C LEU A 291 37.19 -32.52 -1.54
N TYR A 292 38.28 -33.03 -0.98
CA TYR A 292 38.94 -34.23 -1.54
C TYR A 292 38.84 -35.37 -0.54
N ASP A 293 38.41 -36.50 -1.08
CA ASP A 293 38.42 -37.80 -0.36
C ASP A 293 39.75 -38.48 -0.67
N ASN A 294 40.59 -38.62 0.35
CA ASN A 294 41.94 -39.23 0.18
C ASN A 294 41.85 -40.75 0.36
N GLY A 295 40.63 -41.31 0.40
CA GLY A 295 40.37 -42.76 0.31
C GLY A 295 40.15 -43.49 1.63
N ALA A 296 40.59 -42.96 2.77
CA ALA A 296 40.42 -43.67 4.07
C ALA A 296 39.76 -42.73 5.10
N ASN A 297 38.68 -42.08 4.69
CA ASN A 297 37.94 -41.12 5.55
C ASN A 297 38.88 -40.03 6.05
N TYR A 298 39.82 -39.63 5.20
CA TYR A 298 40.67 -38.44 5.43
C TYR A 298 40.28 -37.39 4.38
N TYR A 299 39.81 -36.24 4.83
CA TYR A 299 39.25 -35.24 3.90
C TYR A 299 40.04 -33.95 3.97
N THR A 300 40.41 -33.45 2.80
CA THR A 300 41.16 -32.17 2.70
C THR A 300 40.36 -31.17 1.88
N VAL A 301 40.58 -29.90 2.15
CA VAL A 301 39.91 -28.80 1.43
C VAL A 301 40.99 -27.94 0.81
N LYS A 302 40.91 -27.75 -0.50
CA LYS A 302 41.81 -26.85 -1.22
C LYS A 302 41.06 -25.57 -1.54
N ILE A 303 41.65 -24.44 -1.19
CA ILE A 303 41.01 -23.14 -1.47
C ILE A 303 41.83 -22.39 -2.52
N THR A 304 41.14 -21.95 -3.56
CA THR A 304 41.72 -21.26 -4.71
C THR A 304 40.92 -19.99 -5.00
N TYR A 305 41.60 -18.99 -5.50
CA TYR A 305 41.01 -17.72 -5.94
C TYR A 305 41.42 -17.51 -7.39
N ASN A 306 40.44 -17.50 -8.30
CA ASN A 306 40.69 -17.35 -9.75
C ASN A 306 41.80 -18.30 -10.20
N GLY A 307 41.76 -19.56 -9.77
CA GLY A 307 42.69 -20.62 -10.20
C GLY A 307 43.98 -20.65 -9.39
N ASN A 308 44.24 -19.66 -8.54
CA ASN A 308 45.47 -19.63 -7.73
C ASN A 308 45.20 -20.11 -6.32
N PRO A 309 46.14 -20.91 -5.79
CA PRO A 309 46.07 -21.36 -4.40
C PRO A 309 46.04 -20.18 -3.42
N VAL A 310 45.15 -20.25 -2.44
CA VAL A 310 45.07 -19.22 -1.36
C VAL A 310 45.89 -19.72 -0.17
N SER A 311 46.89 -18.95 0.22
CA SER A 311 47.77 -19.30 1.37
C SER A 311 47.02 -18.94 2.64
N ILE A 312 46.55 -19.94 3.36
CA ILE A 312 45.81 -19.70 4.62
C ILE A 312 46.79 -19.90 5.75
N PRO A 313 47.24 -18.80 6.40
CA PRO A 313 48.20 -18.90 7.50
C PRO A 313 47.88 -20.00 8.54
N ALA A 314 46.65 -20.02 9.06
CA ALA A 314 46.20 -21.00 10.07
C ALA A 314 46.35 -22.44 9.56
N CYS A 315 46.22 -22.68 8.25
CA CYS A 315 46.33 -24.03 7.64
C CYS A 315 47.74 -24.22 7.06
N GLY A 316 48.54 -23.15 7.02
CA GLY A 316 49.94 -23.18 6.54
C GLY A 316 50.04 -23.49 5.05
N GLY A 317 49.02 -23.15 4.26
CA GLY A 317 49.03 -23.42 2.81
C GLY A 317 47.66 -23.29 2.19
N SER A 318 47.52 -23.73 0.95
CA SER A 318 46.25 -23.71 0.20
C SER A 318 45.39 -24.92 0.60
N VAL A 319 46.02 -25.92 1.22
CA VAL A 319 45.34 -27.22 1.53
C VAL A 319 45.18 -27.32 3.04
N CYS A 320 43.95 -27.45 3.50
CA CYS A 320 43.62 -27.66 4.93
C CYS A 320 42.94 -29.03 5.09
N GLU A 321 43.16 -29.67 6.23
CA GLU A 321 42.38 -30.87 6.60
C GLU A 321 41.00 -30.38 7.04
N LEU A 322 39.93 -31.13 6.76
CA LEU A 322 38.55 -30.59 6.73
C LEU A 322 38.19 -30.01 8.10
N GLN A 323 38.51 -30.74 9.16
CA GLN A 323 38.14 -30.34 10.54
C GLN A 323 38.95 -29.12 10.95
N GLN A 324 40.18 -29.02 10.45
CA GLN A 324 41.06 -27.89 10.80
C GLN A 324 40.43 -26.61 10.24
N LEU A 325 39.94 -26.68 9.01
CA LEU A 325 39.24 -25.53 8.36
C LEU A 325 37.96 -25.23 9.13
N ILE A 326 37.21 -26.28 9.43
CA ILE A 326 35.95 -26.14 10.22
C ILE A 326 36.28 -25.44 11.55
N ASN A 327 37.37 -25.80 12.22
CA ASN A 327 37.80 -25.17 13.49
C ASN A 327 38.25 -23.73 13.28
N LEU A 328 38.99 -23.48 12.21
CA LEU A 328 39.45 -22.10 11.84
C LEU A 328 38.21 -21.22 11.74
N VAL A 329 37.22 -21.69 11.00
CA VAL A 329 35.97 -20.92 10.76
C VAL A 329 35.31 -20.63 12.12
N HIS A 330 35.15 -21.63 12.99
CA HIS A 330 34.41 -21.42 14.27
C HIS A 330 35.19 -20.52 15.24
N ASP A 331 36.52 -20.53 15.21
CA ASP A 331 37.33 -19.66 16.10
C ASP A 331 37.32 -18.21 15.61
N SER A 332 37.22 -18.00 14.30
CA SER A 332 37.06 -16.65 13.70
C SER A 332 35.66 -16.12 14.03
N LYS A 333 34.63 -16.97 13.91
CA LYS A 333 33.22 -16.63 14.20
C LYS A 333 33.06 -16.26 15.68
N ASN A 334 33.93 -16.81 16.53
CA ASN A 334 33.90 -16.59 18.00
C ASN A 334 34.86 -15.46 18.38
N SER A 335 34.98 -14.41 17.54
CA SER A 335 35.82 -13.21 17.81
C SER A 335 34.98 -11.93 17.89
N ASP B 5 -10.22 1.42 -24.76
CA ASP B 5 -9.54 1.22 -23.45
C ASP B 5 -8.15 0.64 -23.66
N LYS B 6 -7.17 1.11 -22.88
CA LYS B 6 -5.77 0.73 -23.08
C LYS B 6 -5.27 -0.06 -21.87
N LEU B 7 -4.58 -1.17 -22.15
CA LEU B 7 -3.94 -2.00 -21.11
C LEU B 7 -2.69 -1.27 -20.66
N ILE B 8 -2.62 -0.89 -19.39
CA ILE B 8 -1.45 -0.11 -18.88
C ILE B 8 -0.68 -0.92 -17.84
N PHE B 9 -1.22 -1.99 -17.30
CA PHE B 9 -0.52 -2.82 -16.30
C PHE B 9 -1.14 -4.20 -16.26
N ALA B 10 -0.32 -5.20 -15.93
CA ALA B 10 -0.82 -6.58 -15.69
C ALA B 10 -0.05 -7.29 -14.60
N VAL B 11 -0.79 -8.07 -13.82
CA VAL B 11 -0.27 -9.04 -12.83
C VAL B 11 -0.75 -10.44 -13.22
N ASP B 12 0.19 -11.38 -13.32
CA ASP B 12 -0.11 -12.81 -13.55
C ASP B 12 0.37 -13.64 -12.37
N ILE B 13 -0.55 -14.38 -11.77
CA ILE B 13 -0.21 -15.52 -10.91
C ILE B 13 -0.24 -16.78 -11.76
N ILE B 14 0.85 -17.49 -11.81
CA ILE B 14 0.92 -18.78 -12.56
CA ILE B 14 0.86 -18.79 -12.54
C ILE B 14 1.08 -19.94 -11.57
N ARG B 15 0.45 -21.05 -11.83
CA ARG B 15 0.94 -22.24 -11.16
C ARG B 15 2.04 -22.85 -12.04
N HIS B 16 2.85 -23.73 -11.46
CA HIS B 16 3.95 -24.45 -12.11
C HIS B 16 3.41 -25.49 -13.07
N GLY B 17 4.28 -25.99 -13.93
CA GLY B 17 3.88 -26.98 -14.94
C GLY B 17 3.81 -28.36 -14.31
N ASP B 18 3.55 -29.34 -15.16
CA ASP B 18 3.50 -30.77 -14.79
C ASP B 18 4.69 -31.13 -13.88
N ARG B 19 4.41 -31.84 -12.79
CA ARG B 19 5.48 -32.20 -11.83
C ARG B 19 5.38 -33.67 -11.45
N THR B 20 6.45 -34.19 -10.87
CA THR B 20 6.52 -35.57 -10.35
C THR B 20 5.92 -35.59 -8.95
N PRO B 21 5.56 -36.77 -8.41
CA PRO B 21 4.91 -36.80 -7.11
C PRO B 21 5.82 -36.26 -6.02
N ILE B 22 5.21 -35.66 -4.98
CA ILE B 22 5.90 -35.28 -3.72
C ILE B 22 6.25 -36.57 -3.01
N VAL B 23 5.30 -37.49 -2.96
CA VAL B 23 5.44 -38.76 -2.19
C VAL B 23 5.42 -39.92 -3.16
N ALA B 24 6.51 -40.67 -3.20
CA ALA B 24 6.61 -41.88 -4.04
C ALA B 24 5.72 -42.94 -3.42
N LEU B 25 5.25 -43.89 -4.24
CA LEU B 25 4.52 -45.09 -3.74
C LEU B 25 5.53 -46.18 -3.44
N PRO B 26 5.75 -46.53 -2.15
CA PRO B 26 6.69 -47.58 -1.77
C PRO B 26 6.44 -48.96 -2.44
N THR B 27 5.18 -49.28 -2.74
CA THR B 27 4.82 -50.58 -3.35
C THR B 27 5.01 -50.54 -4.87
N VAL B 28 5.37 -49.38 -5.44
CA VAL B 28 5.58 -49.31 -6.91
C VAL B 28 7.07 -49.18 -7.22
N ASN B 29 7.51 -50.05 -8.12
CA ASN B 29 8.92 -50.15 -8.57
C ASN B 29 9.10 -49.20 -9.75
N TYR B 30 9.14 -47.92 -9.47
CA TYR B 30 9.23 -46.89 -10.53
C TYR B 30 10.02 -45.74 -9.98
N GLN B 31 11.05 -45.35 -10.70
CA GLN B 31 11.86 -44.20 -10.24
C GLN B 31 11.52 -43.01 -11.11
N TRP B 32 11.15 -41.92 -10.45
CA TRP B 32 10.98 -40.63 -11.13
C TRP B 32 12.35 -40.07 -11.44
N GLN B 33 12.70 -40.01 -12.73
CA GLN B 33 14.03 -39.57 -13.21
C GLN B 33 14.34 -38.18 -12.66
N GLU B 34 13.34 -37.30 -12.63
CA GLU B 34 13.51 -35.88 -12.30
C GLU B 34 13.71 -35.77 -10.79
N GLY B 35 13.43 -36.82 -10.03
CA GLY B 35 13.34 -36.70 -8.56
C GLY B 35 11.93 -36.29 -8.17
N LEU B 36 11.65 -36.18 -6.87
CA LEU B 36 10.31 -35.90 -6.31
C LEU B 36 9.97 -34.41 -6.22
N GLY B 37 8.73 -34.07 -6.54
CA GLY B 37 8.22 -32.68 -6.55
C GLY B 37 8.85 -31.83 -7.63
N GLN B 38 9.37 -32.42 -8.72
CA GLN B 38 10.16 -31.65 -9.71
C GLN B 38 9.37 -31.43 -10.97
N LEU B 39 9.63 -30.28 -11.59
CA LEU B 39 9.09 -29.95 -12.91
C LEU B 39 9.61 -30.98 -13.90
N THR B 40 8.71 -31.52 -14.71
CA THR B 40 9.05 -32.50 -15.77
C THR B 40 9.32 -31.76 -17.06
N ALA B 41 9.83 -32.46 -18.06
CA ALA B 41 10.05 -31.93 -19.43
C ALA B 41 8.73 -31.39 -19.98
N GLU B 42 7.62 -32.12 -19.81
CA GLU B 42 6.32 -31.62 -20.32
C GLU B 42 5.97 -30.35 -19.52
N GLY B 43 6.31 -30.33 -18.25
CA GLY B 43 6.02 -29.19 -17.39
C GLY B 43 6.70 -27.95 -17.90
N MET B 44 7.95 -28.11 -18.34
CA MET B 44 8.70 -26.97 -18.88
C MET B 44 8.02 -26.49 -20.15
N GLN B 45 7.68 -27.40 -21.04
CA GLN B 45 7.07 -27.04 -22.34
C GLN B 45 5.74 -26.31 -22.10
N GLN B 46 4.95 -26.78 -21.13
CA GLN B 46 3.66 -26.14 -20.80
C GLN B 46 3.90 -24.66 -20.47
N GLU B 47 4.87 -24.36 -19.62
CA GLU B 47 5.15 -22.97 -19.16
C GLU B 47 5.68 -22.17 -20.34
N TYR B 48 6.56 -22.77 -21.12
CA TYR B 48 7.14 -22.09 -22.30
C TYR B 48 6.01 -21.67 -23.23
N LYS B 49 5.10 -22.60 -23.52
CA LYS B 49 3.95 -22.29 -24.40
C LYS B 49 3.13 -21.15 -23.80
N MET B 50 2.99 -21.10 -22.48
CA MET B 50 2.21 -20.02 -21.84
C MET B 50 2.98 -18.71 -22.00
N GLY B 51 4.31 -18.77 -21.91
CA GLY B 51 5.18 -17.61 -22.14
C GLY B 51 5.02 -17.13 -23.57
N VAL B 52 4.92 -18.07 -24.51
CA VAL B 52 4.73 -17.70 -25.94
C VAL B 52 3.41 -16.97 -26.08
N ALA B 53 2.37 -17.45 -25.41
CA ALA B 53 1.05 -16.82 -25.48
C ALA B 53 1.12 -15.41 -24.86
N PHE B 54 1.86 -15.24 -23.77
CA PHE B 54 2.01 -13.95 -23.08
C PHE B 54 2.72 -12.94 -24.00
N ARG B 55 3.71 -13.41 -24.74
CA ARG B 55 4.45 -12.53 -25.68
C ARG B 55 3.47 -12.01 -26.73
N LYS B 56 2.65 -12.91 -27.26
CA LYS B 56 1.66 -12.49 -28.28
C LYS B 56 0.75 -11.39 -27.69
N LYS B 57 0.27 -11.54 -26.46
CA LYS B 57 -0.77 -10.63 -25.93
C LYS B 57 -0.16 -9.33 -25.37
N TYR B 58 0.94 -9.42 -24.62
CA TYR B 58 1.59 -8.24 -23.98
C TYR B 58 2.60 -7.55 -24.89
N ILE B 59 3.19 -8.24 -25.85
CA ILE B 59 4.24 -7.59 -26.69
C ILE B 59 3.74 -7.38 -28.13
N GLU B 60 3.21 -8.39 -28.79
CA GLU B 60 2.82 -8.24 -30.21
C GLU B 60 1.49 -7.47 -30.32
N GLU B 61 0.52 -7.73 -29.46
CA GLU B 61 -0.85 -7.18 -29.62
C GLU B 61 -1.04 -5.86 -28.85
N SER B 62 -0.59 -5.74 -27.61
CA SER B 62 -0.95 -4.57 -26.76
C SER B 62 0.23 -3.60 -26.61
N HIS B 63 1.47 -4.06 -26.78
CA HIS B 63 2.68 -3.24 -26.52
C HIS B 63 2.72 -2.76 -25.07
N LEU B 64 2.15 -3.53 -24.15
CA LEU B 64 2.38 -3.28 -22.71
C LEU B 64 3.88 -3.37 -22.43
N LEU B 65 4.52 -4.37 -23.01
CA LEU B 65 5.95 -4.69 -22.77
C LEU B 65 6.75 -4.48 -24.06
N PRO B 66 8.03 -4.12 -23.93
CA PRO B 66 8.89 -3.99 -25.10
C PRO B 66 9.25 -5.36 -25.71
N GLU B 67 9.66 -5.34 -26.97
CA GLU B 67 9.99 -6.54 -27.78
C GLU B 67 11.17 -7.29 -27.16
N HIS B 68 12.11 -6.56 -26.58
CA HIS B 68 13.31 -7.10 -25.90
C HIS B 68 13.28 -6.71 -24.44
N TYR B 69 13.83 -7.56 -23.60
CA TYR B 69 13.72 -7.40 -22.14
C TYR B 69 14.40 -6.10 -21.75
N GLU B 70 13.65 -5.27 -21.05
CA GLU B 70 14.09 -3.94 -20.61
C GLU B 70 13.94 -3.91 -19.08
N TYR B 71 15.05 -3.79 -18.38
CA TYR B 71 15.08 -3.77 -16.89
C TYR B 71 14.13 -2.68 -16.38
N GLY B 72 13.42 -2.96 -15.30
CA GLY B 72 12.49 -2.00 -14.70
C GLY B 72 11.08 -2.18 -15.20
N THR B 73 10.88 -2.83 -16.36
CA THR B 73 9.53 -2.96 -16.99
C THR B 73 8.80 -4.16 -16.42
N ILE B 74 9.54 -5.16 -15.95
CA ILE B 74 8.91 -6.40 -15.43
C ILE B 74 9.51 -6.76 -14.08
N TYR B 75 8.70 -7.38 -13.26
CA TYR B 75 9.16 -7.97 -11.99
C TYR B 75 8.65 -9.40 -11.94
N VAL B 76 9.58 -10.32 -11.78
CA VAL B 76 9.26 -11.75 -11.70
C VAL B 76 9.66 -12.22 -10.31
N ARG B 77 8.72 -12.83 -9.63
CA ARG B 77 8.94 -13.33 -8.26
C ARG B 77 8.42 -14.76 -8.19
N SER B 78 9.20 -15.64 -7.58
CA SER B 78 8.83 -17.07 -7.46
C SER B 78 8.83 -17.45 -5.99
N THR B 79 8.04 -18.45 -5.66
CA THR B 79 8.18 -19.10 -4.36
C THR B 79 9.48 -19.89 -4.34
N ASP B 80 9.83 -20.33 -3.15
CA ASP B 80 11.15 -20.92 -2.82
C ASP B 80 11.21 -22.40 -3.25
N TYR B 81 10.73 -22.78 -4.42
CA TYR B 81 10.71 -24.19 -4.83
C TYR B 81 11.36 -24.35 -6.21
N ALA B 82 12.06 -25.45 -6.42
CA ALA B 82 12.69 -25.74 -7.72
C ALA B 82 11.61 -25.67 -8.82
N ARG B 83 10.44 -26.23 -8.58
CA ARG B 83 9.41 -26.33 -9.64
C ARG B 83 8.83 -24.94 -10.01
N THR B 84 8.72 -24.01 -9.07
CA THR B 84 8.18 -22.65 -9.36
C THR B 84 9.27 -21.77 -10.03
N LEU B 85 10.50 -21.86 -9.56
CA LEU B 85 11.65 -21.14 -10.15
C LEU B 85 11.86 -21.63 -11.59
N MET B 86 11.87 -22.93 -11.79
CA MET B 86 12.10 -23.48 -13.16
C MET B 86 10.90 -23.20 -14.07
N SER B 87 9.71 -23.15 -13.50
CA SER B 87 8.48 -22.80 -14.25
C SER B 87 8.59 -21.35 -14.70
N ALA B 88 9.04 -20.45 -13.82
CA ALA B 88 9.15 -19.02 -14.17
C ALA B 88 10.15 -18.92 -15.32
N GLN B 89 11.29 -19.57 -15.16
CA GLN B 89 12.38 -19.51 -16.18
C GLN B 89 11.85 -20.04 -17.53
N SER B 90 11.09 -21.13 -17.54
CA SER B 90 10.56 -21.78 -18.77
C SER B 90 9.59 -20.81 -19.45
N LEU B 91 8.72 -20.21 -18.65
CA LEU B 91 7.73 -19.26 -19.15
C LEU B 91 8.48 -18.09 -19.79
N LEU B 92 9.49 -17.61 -19.09
CA LEU B 92 10.22 -16.39 -19.53
C LEU B 92 10.94 -16.69 -20.83
N MET B 93 11.32 -17.94 -21.05
CA MET B 93 11.89 -18.34 -22.37
C MET B 93 10.85 -18.20 -23.49
N GLY B 94 9.58 -18.28 -23.15
CA GLY B 94 8.49 -17.97 -24.09
C GLY B 94 8.26 -16.48 -24.23
N LEU B 95 8.27 -15.72 -23.12
CA LEU B 95 7.95 -14.27 -23.17
C LEU B 95 9.06 -13.53 -23.91
N TYR B 96 10.31 -13.92 -23.65
CA TYR B 96 11.50 -13.30 -24.27
C TYR B 96 12.39 -14.41 -24.78
N PRO B 97 12.06 -14.93 -25.98
CA PRO B 97 12.66 -16.15 -26.47
C PRO B 97 14.09 -15.98 -26.95
N PRO B 98 14.79 -17.10 -27.15
CA PRO B 98 16.09 -17.08 -27.81
C PRO B 98 15.94 -16.35 -29.14
N GLY B 99 16.88 -15.47 -29.45
CA GLY B 99 16.79 -14.59 -30.62
C GLY B 99 16.48 -13.16 -30.20
N THR B 100 15.96 -12.95 -28.98
CA THR B 100 15.66 -11.60 -28.44
C THR B 100 16.74 -11.20 -27.42
N GLY B 101 17.58 -12.13 -27.00
CA GLY B 101 18.61 -11.83 -25.98
C GLY B 101 19.66 -10.89 -26.55
N PRO B 102 20.49 -10.25 -25.68
CA PRO B 102 21.39 -9.19 -26.12
C PRO B 102 22.63 -9.66 -26.89
N THR B 103 23.19 -8.70 -27.62
CA THR B 103 24.38 -8.86 -28.49
C THR B 103 25.48 -8.03 -27.87
N ILE B 104 26.69 -8.55 -27.79
CA ILE B 104 27.81 -7.71 -27.31
C ILE B 104 28.05 -6.68 -28.41
N PRO B 105 28.41 -5.43 -28.01
CA PRO B 105 28.60 -4.33 -28.96
C PRO B 105 29.54 -4.76 -30.08
N ALA B 106 29.11 -4.67 -31.33
CA ALA B 106 29.92 -4.99 -32.53
C ALA B 106 30.29 -6.47 -32.56
N GLY B 107 29.79 -7.28 -31.63
CA GLY B 107 30.12 -8.72 -31.60
C GLY B 107 28.96 -9.67 -31.86
N THR B 108 29.08 -10.83 -31.22
CA THR B 108 28.16 -11.99 -31.27
C THR B 108 27.03 -11.80 -30.22
N SER B 109 26.01 -12.64 -30.27
CA SER B 109 25.04 -12.73 -29.16
C SER B 109 25.80 -13.12 -27.90
N ALA B 110 25.47 -12.52 -26.77
CA ALA B 110 26.19 -12.75 -25.49
C ALA B 110 26.08 -14.23 -25.09
N LEU B 111 24.95 -14.87 -25.36
CA LEU B 111 24.71 -16.27 -24.94
C LEU B 111 24.30 -17.07 -26.15
N PRO B 112 24.50 -18.40 -26.09
CA PRO B 112 24.06 -19.30 -27.13
C PRO B 112 22.61 -19.01 -27.55
N HIS B 113 22.40 -18.94 -28.85
CA HIS B 113 21.08 -18.80 -29.51
C HIS B 113 20.45 -17.48 -29.10
N ALA B 114 21.27 -16.54 -28.64
CA ALA B 114 20.78 -15.24 -28.17
C ALA B 114 19.68 -15.46 -27.11
N PHE B 115 19.94 -16.31 -26.12
CA PHE B 115 19.05 -16.48 -24.94
CA PHE B 115 19.01 -16.47 -24.97
C PHE B 115 18.98 -15.15 -24.18
N GLN B 116 17.84 -14.90 -23.54
CA GLN B 116 17.67 -13.68 -22.72
C GLN B 116 17.50 -14.07 -21.26
N PRO B 117 18.53 -13.86 -20.43
CA PRO B 117 18.38 -14.07 -19.00
C PRO B 117 17.44 -13.03 -18.42
N ILE B 118 16.59 -13.48 -17.51
CA ILE B 118 15.69 -12.57 -16.76
C ILE B 118 15.77 -12.96 -15.30
N PRO B 119 15.99 -11.98 -14.40
CA PRO B 119 16.10 -12.33 -12.99
C PRO B 119 14.75 -12.78 -12.47
N VAL B 120 14.77 -13.91 -11.78
CA VAL B 120 13.61 -14.44 -11.04
C VAL B 120 13.86 -14.28 -9.54
N PHE B 121 13.24 -13.29 -8.93
CA PHE B 121 13.47 -13.01 -7.51
C PHE B 121 12.67 -14.03 -6.70
N SER B 122 13.11 -14.23 -5.47
CA SER B 122 12.55 -15.25 -4.58
C SER B 122 12.80 -14.88 -3.12
N ALA B 123 12.08 -15.51 -2.22
CA ALA B 123 12.38 -15.42 -0.77
C ALA B 123 12.02 -16.74 -0.17
N PRO B 124 12.71 -17.19 0.89
CA PRO B 124 12.27 -18.38 1.62
C PRO B 124 10.83 -18.19 2.14
N SER B 125 10.06 -19.26 2.14
CA SER B 125 8.62 -19.20 2.51
C SER B 125 8.48 -18.49 3.86
N LYS B 126 9.40 -18.71 4.80
CA LYS B 126 9.29 -18.10 6.14
C LYS B 126 9.59 -16.59 6.07
N TYR B 127 10.25 -16.09 5.03
CA TYR B 127 10.63 -14.66 4.95
C TYR B 127 9.99 -13.98 3.74
N ASP B 128 8.91 -14.54 3.22
CA ASP B 128 8.33 -14.05 1.94
C ASP B 128 7.40 -12.89 2.25
N GLU B 129 7.77 -11.68 1.83
CA GLU B 129 6.90 -10.50 2.07
C GLU B 129 5.88 -10.35 0.96
N VAL B 130 5.97 -11.17 -0.10
CA VAL B 130 5.07 -11.00 -1.28
C VAL B 130 4.08 -12.15 -1.43
N ILE B 131 4.53 -13.36 -1.70
CA ILE B 131 3.57 -14.43 -2.12
C ILE B 131 3.09 -15.22 -0.90
N ILE B 132 4.01 -15.86 -0.19
CA ILE B 132 3.63 -16.91 0.80
C ILE B 132 3.35 -16.27 2.16
N GLN B 133 2.20 -16.57 2.72
CA GLN B 133 1.95 -16.25 4.14
C GLN B 133 2.19 -17.53 4.91
N GLN B 134 3.17 -17.50 5.80
CA GLN B 134 3.36 -18.70 6.65
C GLN B 134 2.62 -18.45 7.95
N VAL B 135 1.87 -19.46 8.39
CA VAL B 135 1.08 -19.35 9.65
C VAL B 135 1.59 -20.44 10.60
N ASP B 136 1.62 -20.13 11.90
CA ASP B 136 2.05 -21.11 12.92
C ASP B 136 1.19 -22.35 12.71
N ARG B 137 1.80 -23.54 12.61
CA ARG B 137 1.08 -24.80 12.30
C ARG B 137 0.02 -25.14 13.36
N LYS B 138 0.24 -24.78 14.61
CA LYS B 138 -0.82 -24.99 15.62
C LYS B 138 -1.99 -24.12 15.22
N GLU B 139 -1.78 -23.03 14.47
CA GLU B 139 -3.01 -22.25 14.20
C GLU B 139 -3.67 -22.74 12.91
N ARG B 140 -2.91 -23.32 11.97
CA ARG B 140 -3.48 -23.89 10.72
C ARG B 140 -4.39 -25.09 11.05
N GLU B 141 -3.97 -25.99 11.95
CA GLU B 141 -4.77 -27.20 12.26
C GLU B 141 -6.03 -26.76 13.01
N LYS B 142 -5.94 -25.64 13.73
CA LYS B 142 -7.12 -25.01 14.36
C LYS B 142 -8.06 -24.39 13.33
N LEU B 143 -7.51 -23.74 12.30
CA LEU B 143 -8.34 -23.20 11.19
C LEU B 143 -8.97 -24.36 10.43
N MET B 144 -8.16 -25.36 10.09
CA MET B 144 -8.62 -26.49 9.25
C MET B 144 -9.78 -27.20 9.94
N GLU B 145 -9.63 -27.59 11.20
CA GLU B 145 -10.74 -28.37 11.82
C GLU B 145 -11.90 -27.42 12.10
N GLN B 146 -11.66 -26.14 12.33
CA GLN B 146 -12.81 -25.22 12.51
C GLN B 146 -13.58 -25.06 11.20
N TYR B 147 -12.91 -24.83 10.06
CA TYR B 147 -13.66 -24.46 8.82
C TYR B 147 -13.72 -25.58 7.79
N VAL B 148 -12.99 -26.66 7.98
CA VAL B 148 -12.92 -27.72 6.93
C VAL B 148 -13.29 -29.09 7.53
N PHE B 149 -12.47 -29.59 8.45
CA PHE B 149 -12.55 -30.99 8.92
C PHE B 149 -13.87 -31.24 9.66
N SER B 150 -14.35 -30.24 10.39
CA SER B 150 -15.56 -30.32 11.26
C SER B 150 -16.84 -30.29 10.43
N THR B 151 -16.78 -29.94 9.15
CA THR B 151 -17.99 -29.74 8.32
C THR B 151 -18.69 -31.08 8.11
N ARG B 152 -19.97 -31.00 7.76
CA ARG B 152 -20.84 -32.19 7.57
C ARG B 152 -20.34 -33.00 6.35
N GLU B 153 -20.00 -32.30 5.27
CA GLU B 153 -19.60 -32.92 4.00
C GLU B 153 -18.27 -33.65 4.18
N TRP B 154 -17.32 -33.05 4.90
CA TRP B 154 -15.97 -33.62 5.11
C TRP B 154 -16.10 -34.90 5.94
N GLN B 155 -16.77 -34.80 7.08
CA GLN B 155 -16.91 -35.92 8.03
C GLN B 155 -17.56 -37.10 7.29
N GLN B 156 -18.62 -36.81 6.54
CA GLN B 156 -19.45 -37.82 5.85
C GLN B 156 -18.59 -38.51 4.78
N LYS B 157 -17.78 -37.75 4.04
CA LYS B 157 -16.93 -38.31 2.95
C LYS B 157 -15.85 -39.20 3.56
N ASN B 158 -15.24 -38.78 4.67
CA ASN B 158 -14.25 -39.61 5.38
C ASN B 158 -14.93 -40.91 5.84
N ASN B 159 -16.16 -40.81 6.34
CA ASN B 159 -16.91 -41.97 6.89
C ASN B 159 -17.20 -42.99 5.77
N GLU B 160 -17.58 -42.53 4.59
CA GLU B 160 -17.90 -43.44 3.46
C GLU B 160 -16.62 -44.18 3.03
N LEU B 161 -15.44 -43.61 3.25
CA LEU B 161 -14.20 -44.13 2.62
C LEU B 161 -13.34 -44.91 3.60
N LYS B 162 -13.42 -44.66 4.92
CA LYS B 162 -12.29 -45.09 5.80
C LYS B 162 -12.23 -46.61 5.97
N ASP B 163 -13.33 -47.34 5.80
CA ASP B 163 -13.30 -48.83 5.84
C ASP B 163 -12.29 -49.34 4.80
N LYS B 164 -12.11 -48.61 3.69
CA LYS B 164 -11.17 -49.00 2.60
C LYS B 164 -9.74 -48.56 2.91
N TYR B 165 -9.51 -47.79 3.98
CA TYR B 165 -8.16 -47.21 4.27
C TYR B 165 -7.14 -48.29 4.57
N PRO B 166 -7.43 -49.32 5.38
CA PRO B 166 -6.45 -50.37 5.64
C PRO B 166 -5.98 -51.08 4.37
N LEU B 167 -6.91 -51.40 3.47
CA LEU B 167 -6.56 -52.07 2.18
C LEU B 167 -5.69 -51.11 1.36
N TRP B 168 -6.12 -49.87 1.24
CA TRP B 168 -5.42 -48.81 0.45
C TRP B 168 -4.04 -48.54 1.04
N SER B 169 -3.93 -48.58 2.37
CA SER B 169 -2.64 -48.41 3.09
C SER B 169 -1.69 -49.53 2.69
N ARG B 170 -2.19 -50.76 2.74
CA ARG B 170 -1.40 -51.97 2.41
C ARG B 170 -1.01 -51.95 0.94
N LEU B 171 -1.94 -51.61 0.04
CA LEU B 171 -1.66 -51.66 -1.43
C LEU B 171 -0.73 -50.52 -1.86
N THR B 172 -0.88 -49.32 -1.30
CA THR B 172 -0.06 -48.14 -1.69
C THR B 172 1.23 -48.09 -0.88
N GLY B 173 1.24 -48.66 0.33
CA GLY B 173 2.41 -48.59 1.23
C GLY B 173 2.49 -47.26 1.95
N ILE B 174 1.43 -46.47 1.92
CA ILE B 174 1.33 -45.21 2.70
C ILE B 174 0.23 -45.38 3.72
N ASN B 175 0.52 -45.08 4.98
CA ASN B 175 -0.53 -45.16 6.02
C ASN B 175 -1.55 -44.07 5.74
N ILE B 176 -2.80 -44.49 5.62
CA ILE B 176 -3.96 -43.61 5.39
C ILE B 176 -4.85 -43.74 6.62
N ASP B 177 -4.87 -42.72 7.48
CA ASP B 177 -5.65 -42.78 8.73
C ASP B 177 -6.87 -41.89 8.58
N ASN B 178 -6.89 -41.04 7.55
CA ASN B 178 -7.94 -40.01 7.36
C ASN B 178 -7.92 -39.48 5.94
N LEU B 179 -8.95 -38.69 5.61
CA LEU B 179 -9.15 -38.05 4.28
C LEU B 179 -7.97 -37.18 3.90
N GLY B 180 -7.34 -36.49 4.87
CA GLY B 180 -6.13 -35.69 4.64
C GLY B 180 -4.99 -36.54 4.09
N ASP B 181 -4.82 -37.73 4.66
CA ASP B 181 -3.82 -38.72 4.17
C ASP B 181 -4.21 -39.19 2.77
N LEU B 182 -5.48 -39.52 2.57
CA LEU B 182 -5.96 -40.08 1.31
C LEU B 182 -5.67 -39.06 0.19
N GLU B 183 -5.78 -37.78 0.50
CA GLU B 183 -5.57 -36.73 -0.52
C GLU B 183 -4.16 -36.85 -1.10
N THR B 184 -3.13 -36.98 -0.28
CA THR B 184 -1.73 -37.02 -0.80
C THR B 184 -1.59 -38.25 -1.70
N VAL B 185 -2.18 -39.37 -1.30
CA VAL B 185 -2.15 -40.64 -2.08
C VAL B 185 -2.85 -40.39 -3.43
N GLY B 186 -3.97 -39.68 -3.43
CA GLY B 186 -4.71 -39.39 -4.67
C GLY B 186 -3.91 -38.52 -5.62
N HIS B 187 -3.22 -37.53 -5.08
CA HIS B 187 -2.43 -36.61 -5.93
C HIS B 187 -1.33 -37.42 -6.59
N THR B 188 -0.75 -38.36 -5.84
CA THR B 188 0.33 -39.21 -6.38
C THR B 188 -0.24 -40.13 -7.46
N LEU B 189 -1.39 -40.75 -7.19
CA LEU B 189 -1.96 -41.75 -8.14
C LEU B 189 -2.26 -41.05 -9.46
N TYR B 190 -2.72 -39.82 -9.35
CA TYR B 190 -3.07 -38.99 -10.53
C TYR B 190 -1.83 -38.74 -11.40
N ILE B 191 -0.70 -38.37 -10.79
CA ILE B 191 0.55 -38.01 -11.54
C ILE B 191 1.00 -39.29 -12.24
N HIS B 192 0.80 -40.39 -11.53
CA HIS B 192 1.01 -41.79 -11.97
C HIS B 192 0.15 -42.06 -13.21
N GLN B 193 -1.11 -41.66 -13.22
CA GLN B 193 -1.96 -41.79 -14.45
C GLN B 193 -1.47 -40.92 -15.60
N ILE B 194 -1.15 -39.66 -15.33
CA ILE B 194 -0.75 -38.67 -16.38
C ILE B 194 0.42 -39.26 -17.15
N HIS B 195 1.36 -39.84 -16.42
CA HIS B 195 2.65 -40.31 -16.99
C HIS B 195 2.59 -41.80 -17.29
N ASN B 196 1.44 -42.43 -17.09
CA ASN B 196 1.23 -43.88 -17.33
C ASN B 196 2.35 -44.67 -16.65
N ALA B 197 2.73 -44.26 -15.45
CA ALA B 197 3.66 -45.02 -14.59
C ALA B 197 2.85 -46.14 -13.98
N PRO B 198 3.47 -47.28 -13.61
CA PRO B 198 2.72 -48.40 -13.04
C PRO B 198 2.00 -47.97 -11.75
N MET B 199 0.82 -48.54 -11.57
CA MET B 199 -0.02 -48.36 -10.38
C MET B 199 0.28 -49.48 -9.41
N PRO B 200 -0.07 -49.39 -8.11
CA PRO B 200 0.12 -50.52 -7.22
C PRO B 200 -0.68 -51.73 -7.73
N GLU B 201 -0.02 -52.87 -7.85
CA GLU B 201 -0.67 -54.08 -8.37
C GLU B 201 -1.82 -54.46 -7.43
N GLY B 202 -2.98 -54.77 -8.00
CA GLY B 202 -4.15 -55.22 -7.24
C GLY B 202 -5.05 -54.08 -6.82
N LEU B 203 -4.59 -52.82 -6.88
CA LEU B 203 -5.46 -51.66 -6.55
C LEU B 203 -6.44 -51.46 -7.71
N ALA B 204 -7.72 -51.56 -7.42
CA ALA B 204 -8.80 -51.61 -8.42
C ALA B 204 -8.91 -50.26 -9.15
N SER B 205 -9.27 -50.29 -10.43
CA SER B 205 -9.49 -49.09 -11.26
C SER B 205 -10.58 -48.21 -10.63
N ASN B 206 -11.63 -48.80 -10.08
CA ASN B 206 -12.71 -48.02 -9.39
C ASN B 206 -12.14 -47.33 -8.15
N ASP B 207 -11.26 -47.99 -7.43
CA ASP B 207 -10.64 -47.42 -6.21
C ASP B 207 -9.70 -46.27 -6.62
N ILE B 208 -8.93 -46.48 -7.70
CA ILE B 208 -8.01 -45.44 -8.23
C ILE B 208 -8.81 -44.17 -8.45
N GLU B 209 -9.91 -44.27 -9.18
CA GLU B 209 -10.78 -43.13 -9.57
C GLU B 209 -11.45 -42.53 -8.33
N THR B 210 -11.87 -43.35 -7.38
CA THR B 210 -12.46 -42.85 -6.12
C THR B 210 -11.39 -42.08 -5.32
N ILE B 211 -10.19 -42.63 -5.19
CA ILE B 211 -9.12 -41.98 -4.38
C ILE B 211 -8.73 -40.66 -5.04
N ILE B 212 -8.58 -40.66 -6.37
CA ILE B 212 -8.18 -39.44 -7.10
C ILE B 212 -9.27 -38.37 -6.98
N ASN B 213 -10.53 -38.75 -7.22
CA ASN B 213 -11.64 -37.78 -7.17
C ASN B 213 -11.79 -37.24 -5.75
N SER B 214 -11.58 -38.09 -4.76
CA SER B 214 -11.66 -37.73 -3.33
C SER B 214 -10.56 -36.73 -2.99
N ALA B 215 -9.37 -36.93 -3.57
CA ALA B 215 -8.20 -36.06 -3.29
C ALA B 215 -8.48 -34.67 -3.86
N GLU B 216 -9.03 -34.60 -5.06
CA GLU B 216 -9.39 -33.31 -5.65
C GLU B 216 -10.46 -32.67 -4.76
N TRP B 217 -11.45 -33.44 -4.36
CA TRP B 217 -12.57 -32.90 -3.56
C TRP B 217 -11.99 -32.33 -2.25
N ALA B 218 -11.10 -33.08 -1.62
CA ALA B 218 -10.52 -32.72 -0.31
C ALA B 218 -9.65 -31.48 -0.49
N PHE B 219 -8.98 -31.42 -1.63
CA PHE B 219 -8.11 -30.27 -1.97
C PHE B 219 -8.99 -29.02 -1.98
N MET B 220 -10.08 -29.04 -2.76
CA MET B 220 -10.98 -27.89 -2.95
C MET B 220 -11.70 -27.52 -1.64
N ALA B 221 -12.00 -28.49 -0.79
CA ALA B 221 -12.67 -28.25 0.50
C ALA B 221 -11.75 -27.38 1.37
N GLN B 222 -10.44 -27.61 1.27
CA GLN B 222 -9.46 -26.91 2.13
C GLN B 222 -9.25 -25.47 1.64
N GLU B 223 -9.42 -25.24 0.33
CA GLU B 223 -9.21 -23.91 -0.30
C GLU B 223 -10.48 -23.05 -0.23
N LYS B 224 -11.63 -23.70 -0.18
CA LYS B 224 -12.94 -23.03 -0.40
C LYS B 224 -13.27 -22.03 0.70
N PRO B 225 -13.10 -22.31 2.01
CA PRO B 225 -13.60 -21.37 3.00
C PRO B 225 -12.88 -20.02 2.91
N GLN B 226 -13.66 -18.97 2.71
CA GLN B 226 -13.12 -17.61 2.53
C GLN B 226 -12.26 -17.23 3.74
N GLN B 227 -12.60 -17.73 4.93
CA GLN B 227 -11.82 -17.50 6.17
C GLN B 227 -10.40 -18.04 6.02
N ILE B 228 -10.25 -19.19 5.37
CA ILE B 228 -8.92 -19.79 5.10
C ILE B 228 -8.20 -18.93 4.07
N ALA B 229 -8.85 -18.59 2.97
CA ALA B 229 -8.29 -17.77 1.88
C ALA B 229 -7.88 -16.38 2.40
N ASN B 230 -8.61 -15.81 3.37
CA ASN B 230 -8.22 -14.50 3.95
C ASN B 230 -6.90 -14.62 4.70
N VAL B 231 -6.75 -15.67 5.49
CA VAL B 231 -5.50 -15.89 6.27
C VAL B 231 -4.34 -16.08 5.29
N TYR B 232 -4.51 -16.90 4.26
CA TYR B 232 -3.38 -17.29 3.39
C TYR B 232 -3.12 -16.31 2.26
N SER B 233 -4.12 -15.63 1.74
CA SER B 233 -3.93 -14.85 0.49
C SER B 233 -4.05 -13.34 0.71
N SER B 234 -4.38 -12.86 1.92
CA SER B 234 -4.49 -11.40 2.19
C SER B 234 -3.16 -10.70 1.83
N LYS B 235 -2.05 -11.29 2.23
CA LYS B 235 -0.74 -10.63 2.02
C LYS B 235 -0.51 -10.54 0.50
N LEU B 236 -0.69 -11.64 -0.21
CA LEU B 236 -0.49 -11.66 -1.67
C LEU B 236 -1.44 -10.67 -2.34
N MET B 237 -2.70 -10.67 -1.95
CA MET B 237 -3.73 -9.81 -2.58
C MET B 237 -3.46 -8.34 -2.24
N THR B 238 -2.95 -8.05 -1.05
CA THR B 238 -2.54 -6.67 -0.69
C THR B 238 -1.45 -6.22 -1.66
N ASN B 239 -0.47 -7.07 -1.93
CA ASN B 239 0.67 -6.72 -2.82
C ASN B 239 0.17 -6.55 -4.24
N ILE B 240 -0.74 -7.41 -4.69
CA ILE B 240 -1.30 -7.28 -6.05
C ILE B 240 -2.09 -5.97 -6.16
N ALA B 241 -2.88 -5.62 -5.15
CA ALA B 241 -3.64 -4.35 -5.16
C ALA B 241 -2.66 -3.17 -5.26
N ASP B 242 -1.57 -3.21 -4.48
CA ASP B 242 -0.58 -2.11 -4.46
C ASP B 242 0.12 -2.02 -5.82
N TYR B 243 0.42 -3.14 -6.44
CA TYR B 243 1.02 -3.12 -7.82
C TYR B 243 0.05 -2.48 -8.81
N LEU B 244 -1.23 -2.84 -8.74
CA LEU B 244 -2.26 -2.29 -9.67
C LEU B 244 -2.42 -0.79 -9.38
N ASN B 245 -2.40 -0.42 -8.10
CA ASN B 245 -2.52 1.00 -7.69
C ASN B 245 -1.34 1.81 -8.22
N SER B 246 -0.11 1.29 -8.08
CA SER B 246 1.12 1.94 -8.60
C SER B 246 1.03 2.05 -10.12
N GLY B 247 0.55 0.99 -10.79
CA GLY B 247 0.40 0.95 -12.25
C GLY B 247 -0.52 2.07 -12.78
N SER B 248 -1.57 2.41 -12.06
CA SER B 248 -2.48 3.55 -12.42
C SER B 248 -1.75 4.88 -12.24
N MET B 249 -0.80 4.95 -11.30
CA MET B 249 -0.05 6.19 -10.95
C MET B 249 1.09 6.50 -11.93
N LYS B 250 1.22 5.87 -13.11
CA LYS B 250 1.90 6.55 -14.24
C LYS B 250 3.40 6.79 -13.97
N LYS B 251 3.93 6.39 -12.82
CA LYS B 251 5.18 6.94 -12.20
C LYS B 251 6.41 6.07 -12.50
N SER B 252 6.23 4.79 -12.82
CA SER B 252 7.35 3.82 -12.95
C SER B 252 7.37 3.22 -14.35
N LYS B 253 8.50 2.66 -14.71
CA LYS B 253 8.64 1.86 -15.95
C LYS B 253 7.93 0.51 -15.80
N LEU B 254 7.64 0.09 -14.57
CA LEU B 254 7.05 -1.26 -14.30
C LEU B 254 5.67 -1.37 -14.94
N LYS B 255 5.50 -2.36 -15.80
CA LYS B 255 4.23 -2.62 -16.52
C LYS B 255 3.70 -4.03 -16.28
N TYR B 256 4.51 -4.91 -15.70
CA TYR B 256 4.14 -6.33 -15.59
C TYR B 256 4.81 -7.02 -14.40
N VAL B 257 3.99 -7.71 -13.63
CA VAL B 257 4.43 -8.51 -12.48
C VAL B 257 4.01 -9.95 -12.69
N LEU B 258 4.97 -10.85 -12.62
CA LEU B 258 4.75 -12.29 -12.79
C LEU B 258 5.09 -12.98 -11.49
N LEU B 259 4.11 -13.70 -10.91
CA LEU B 259 4.30 -14.42 -9.63
C LEU B 259 4.17 -15.93 -9.88
N SER B 260 5.28 -16.67 -9.78
CA SER B 260 5.26 -18.14 -9.99
C SER B 260 4.80 -18.85 -8.71
N ALA B 261 3.49 -18.98 -8.54
CA ALA B 261 2.92 -19.65 -7.33
C ALA B 261 2.57 -21.10 -7.67
N HIS B 262 1.67 -21.71 -6.88
CA HIS B 262 1.26 -23.12 -7.11
C HIS B 262 -0.28 -23.18 -7.25
N ASP B 263 -0.83 -24.41 -7.28
CA ASP B 263 -2.29 -24.61 -7.42
C ASP B 263 -3.00 -24.02 -6.19
N THR B 264 -2.39 -24.15 -5.01
CA THR B 264 -2.99 -23.66 -3.75
C THR B 264 -3.10 -22.15 -3.85
N THR B 265 -2.09 -21.50 -4.41
CA THR B 265 -2.06 -20.05 -4.58
C THR B 265 -3.25 -19.64 -5.40
N ILE B 266 -3.41 -20.31 -6.54
CA ILE B 266 -4.48 -19.92 -7.50
C ILE B 266 -5.86 -20.15 -6.87
N ALA B 267 -6.08 -21.34 -6.32
CA ALA B 267 -7.37 -21.72 -5.71
C ALA B 267 -7.66 -20.72 -4.58
N SER B 268 -6.65 -20.39 -3.78
CA SER B 268 -6.80 -19.52 -2.60
C SER B 268 -7.17 -18.09 -3.02
N VAL B 269 -6.53 -17.58 -4.05
CA VAL B 269 -6.83 -16.23 -4.58
C VAL B 269 -8.25 -16.18 -5.12
N LEU B 270 -8.67 -17.17 -5.89
CA LEU B 270 -10.03 -17.15 -6.47
C LEU B 270 -11.06 -17.26 -5.35
N SER B 271 -10.81 -18.13 -4.40
CA SER B 271 -11.65 -18.26 -3.18
C SER B 271 -11.64 -16.92 -2.43
N PHE B 272 -10.50 -16.27 -2.31
CA PHE B 272 -10.42 -14.97 -1.62
C PHE B 272 -11.36 -13.98 -2.30
N LEU B 273 -11.48 -14.05 -3.62
CA LEU B 273 -12.27 -13.09 -4.41
C LEU B 273 -13.75 -13.47 -4.42
N GLY B 274 -14.10 -14.54 -3.71
CA GLY B 274 -15.49 -15.05 -3.65
C GLY B 274 -15.88 -15.87 -4.88
N ALA B 275 -14.89 -16.41 -5.60
CA ALA B 275 -15.16 -17.30 -6.75
C ALA B 275 -14.37 -18.60 -6.60
N PRO B 276 -14.60 -19.39 -5.53
CA PRO B 276 -13.80 -20.59 -5.31
C PRO B 276 -14.01 -21.59 -6.45
N LEU B 277 -12.95 -22.31 -6.78
CA LEU B 277 -12.95 -23.33 -7.85
C LEU B 277 -13.68 -24.56 -7.32
N GLU B 278 -14.40 -25.24 -8.20
CA GLU B 278 -14.93 -26.60 -7.92
C GLU B 278 -13.87 -27.64 -8.29
N LYS B 279 -13.00 -27.32 -9.26
CA LYS B 279 -11.98 -28.27 -9.78
C LYS B 279 -10.56 -27.76 -9.52
N SER B 280 -9.62 -28.69 -9.33
CA SER B 280 -8.16 -28.40 -9.20
C SER B 280 -7.66 -27.63 -10.41
N PRO B 281 -6.85 -26.57 -10.21
CA PRO B 281 -6.30 -25.81 -11.33
C PRO B 281 -5.38 -26.70 -12.16
N PRO B 282 -5.60 -26.81 -13.48
CA PRO B 282 -4.68 -27.57 -14.31
C PRO B 282 -3.25 -26.99 -14.29
N TYR B 283 -2.30 -27.79 -14.77
CA TYR B 283 -0.89 -27.34 -14.83
C TYR B 283 -0.81 -26.04 -15.65
N ALA B 284 0.08 -25.15 -15.20
CA ALA B 284 0.34 -23.83 -15.82
C ALA B 284 -0.94 -23.02 -15.91
N SER B 285 -1.86 -23.16 -14.96
CA SER B 285 -3.01 -22.27 -14.82
C SER B 285 -2.53 -20.85 -14.47
N ASN B 286 -3.36 -19.86 -14.81
CA ASN B 286 -3.03 -18.42 -14.83
C ASN B 286 -4.15 -17.71 -14.07
N VAL B 287 -3.87 -16.89 -13.07
CA VAL B 287 -4.88 -15.86 -12.68
C VAL B 287 -4.31 -14.51 -13.09
N ASN B 288 -5.03 -13.81 -13.94
CA ASN B 288 -4.59 -12.51 -14.50
C ASN B 288 -5.40 -11.33 -13.93
N PHE B 289 -4.68 -10.28 -13.57
CA PHE B 289 -5.25 -8.96 -13.21
C PHE B 289 -4.75 -7.97 -14.26
N SER B 290 -5.63 -7.51 -15.12
CA SER B 290 -5.30 -6.56 -16.21
C SER B 290 -5.88 -5.18 -15.87
N LEU B 291 -5.02 -4.18 -15.88
CA LEU B 291 -5.42 -2.82 -15.49
C LEU B 291 -5.65 -2.03 -16.78
N TYR B 292 -6.86 -1.48 -16.90
CA TYR B 292 -7.27 -0.71 -18.09
C TYR B 292 -7.48 0.75 -17.74
N ASP B 293 -7.06 1.64 -18.65
CA ASP B 293 -7.22 3.10 -18.50
C ASP B 293 -8.26 3.57 -19.52
N ASN B 294 -9.39 4.12 -19.04
CA ASN B 294 -10.48 4.59 -19.94
C ASN B 294 -10.10 5.94 -20.57
N GLY B 295 -9.16 6.66 -19.96
CA GLY B 295 -8.74 7.98 -20.48
C GLY B 295 -9.38 9.11 -19.69
N ALA B 296 -10.52 8.83 -19.06
CA ALA B 296 -11.23 9.84 -18.24
C ALA B 296 -10.93 9.58 -16.76
N ASN B 297 -9.68 9.23 -16.46
CA ASN B 297 -9.23 8.95 -15.07
C ASN B 297 -10.12 7.86 -14.45
N TYR B 298 -10.50 6.84 -15.23
CA TYR B 298 -11.34 5.76 -14.71
C TYR B 298 -10.55 4.48 -14.95
N TYR B 299 -10.06 3.85 -13.88
CA TYR B 299 -9.21 2.65 -14.01
C TYR B 299 -10.00 1.43 -13.58
N THR B 300 -10.00 0.41 -14.42
CA THR B 300 -10.74 -0.84 -14.14
C THR B 300 -9.74 -2.00 -14.15
N VAL B 301 -10.08 -3.03 -13.38
CA VAL B 301 -9.28 -4.28 -13.34
C VAL B 301 -10.16 -5.41 -13.88
N LYS B 302 -9.68 -6.05 -14.93
CA LYS B 302 -10.29 -7.28 -15.45
C LYS B 302 -9.56 -8.49 -14.87
N ILE B 303 -10.31 -9.38 -14.26
CA ILE B 303 -9.72 -10.57 -13.61
C ILE B 303 -10.14 -11.83 -14.38
N THR B 304 -9.17 -12.63 -14.74
CA THR B 304 -9.43 -13.85 -15.51
C THR B 304 -8.72 -15.02 -14.89
N TYR B 305 -9.31 -16.18 -15.10
CA TYR B 305 -8.74 -17.48 -14.71
C TYR B 305 -8.60 -18.28 -16.00
N ASN B 306 -7.35 -18.51 -16.38
CA ASN B 306 -6.98 -19.22 -17.62
C ASN B 306 -7.67 -18.52 -18.79
N GLY B 307 -7.68 -17.19 -18.79
CA GLY B 307 -8.25 -16.36 -19.87
C GLY B 307 -9.77 -16.19 -19.74
N ASN B 308 -10.41 -16.91 -18.82
CA ASN B 308 -11.88 -16.86 -18.63
C ASN B 308 -12.23 -15.87 -17.53
N PRO B 309 -13.34 -15.11 -17.72
CA PRO B 309 -13.76 -14.08 -16.79
C PRO B 309 -14.07 -14.66 -15.41
N VAL B 310 -13.54 -14.05 -14.37
CA VAL B 310 -13.90 -14.50 -12.99
C VAL B 310 -15.04 -13.60 -12.51
N SER B 311 -16.21 -14.18 -12.26
CA SER B 311 -17.38 -13.45 -11.69
C SER B 311 -17.11 -13.22 -10.20
N ILE B 312 -16.76 -11.99 -9.89
CA ILE B 312 -16.51 -11.55 -8.49
C ILE B 312 -17.82 -11.02 -7.94
N PRO B 313 -18.35 -11.67 -6.87
CA PRO B 313 -19.57 -11.22 -6.21
C PRO B 313 -19.58 -9.71 -5.88
N ALA B 314 -18.54 -9.20 -5.22
CA ALA B 314 -18.47 -7.78 -4.78
C ALA B 314 -18.54 -6.82 -5.98
N CYS B 315 -17.98 -7.21 -7.13
CA CYS B 315 -17.91 -6.34 -8.34
C CYS B 315 -19.03 -6.68 -9.35
N GLY B 316 -19.75 -7.77 -9.15
CA GLY B 316 -20.83 -8.22 -10.04
C GLY B 316 -20.34 -8.61 -11.43
N GLY B 317 -19.10 -9.09 -11.55
CA GLY B 317 -18.55 -9.49 -12.85
C GLY B 317 -17.05 -9.69 -12.79
N SER B 318 -16.42 -9.85 -13.95
CA SER B 318 -14.95 -10.04 -14.05
C SER B 318 -14.23 -8.69 -14.00
N VAL B 319 -14.98 -7.59 -14.16
CA VAL B 319 -14.38 -6.24 -14.26
C VAL B 319 -14.77 -5.45 -13.00
N CYS B 320 -13.75 -5.01 -12.26
CA CYS B 320 -13.90 -4.17 -11.06
C CYS B 320 -13.27 -2.80 -11.31
N GLU B 321 -13.81 -1.74 -10.73
CA GLU B 321 -13.10 -0.45 -10.70
C GLU B 321 -11.92 -0.63 -9.76
N LEU B 322 -10.81 0.04 -10.03
CA LEU B 322 -9.52 -0.21 -9.31
C LEU B 322 -9.66 0.02 -7.80
N GLN B 323 -10.17 1.18 -7.40
CA GLN B 323 -10.36 1.50 -5.97
C GLN B 323 -11.28 0.46 -5.31
N GLN B 324 -12.33 0.04 -6.01
CA GLN B 324 -13.27 -1.02 -5.54
C GLN B 324 -12.52 -2.33 -5.26
N LEU B 325 -11.60 -2.75 -6.14
CA LEU B 325 -10.82 -4.02 -5.96
C LEU B 325 -9.91 -3.84 -4.74
N ILE B 326 -9.30 -2.66 -4.60
CA ILE B 326 -8.40 -2.34 -3.44
C ILE B 326 -9.17 -2.44 -2.13
N ASN B 327 -10.38 -1.88 -2.08
CA ASN B 327 -11.20 -1.87 -0.85
C ASN B 327 -11.67 -3.28 -0.53
N LEU B 328 -12.04 -4.04 -1.56
CA LEU B 328 -12.42 -5.48 -1.39
C LEU B 328 -11.27 -6.20 -0.71
N VAL B 329 -10.05 -5.98 -1.20
CA VAL B 329 -8.85 -6.69 -0.68
C VAL B 329 -8.62 -6.29 0.77
N HIS B 330 -8.62 -4.99 1.05
CA HIS B 330 -8.34 -4.48 2.43
C HIS B 330 -9.50 -4.85 3.37
N ASP B 331 -10.74 -4.87 2.87
CA ASP B 331 -11.90 -5.30 3.67
C ASP B 331 -11.73 -6.78 4.07
N SER B 332 -11.30 -7.63 3.13
CA SER B 332 -11.10 -9.08 3.38
C SER B 332 -9.93 -9.29 4.34
N LYS B 333 -8.83 -8.58 4.10
CA LYS B 333 -7.57 -8.68 4.89
C LYS B 333 -7.84 -8.36 6.37
N ASN B 334 -8.80 -7.47 6.65
CA ASN B 334 -9.11 -7.04 8.05
C ASN B 334 -10.28 -7.85 8.62
N SER B 335 -10.32 -9.17 8.37
CA SER B 335 -11.34 -10.09 8.97
C SER B 335 -10.66 -11.18 9.82
N ASP C 5 -13.94 40.81 -19.85
CA ASP C 5 -13.61 39.41 -19.44
C ASP C 5 -14.42 39.07 -18.19
N LYS C 6 -15.14 37.96 -18.17
CA LYS C 6 -16.04 37.69 -17.01
C LYS C 6 -15.58 36.45 -16.27
N LEU C 7 -15.39 36.60 -14.95
CA LEU C 7 -15.04 35.46 -14.07
C LEU C 7 -16.26 34.58 -13.91
N ILE C 8 -16.19 33.32 -14.36
CA ILE C 8 -17.38 32.41 -14.31
C ILE C 8 -17.09 31.19 -13.45
N PHE C 9 -15.88 31.05 -12.94
CA PHE C 9 -15.54 29.90 -12.07
C PHE C 9 -14.19 30.14 -11.42
N ALA C 10 -14.03 29.64 -10.20
CA ALA C 10 -12.75 29.69 -9.48
C ALA C 10 -12.56 28.46 -8.61
N VAL C 11 -11.30 28.06 -8.55
CA VAL C 11 -10.83 27.05 -7.59
C VAL C 11 -9.73 27.65 -6.72
N ASP C 12 -9.85 27.53 -5.42
CA ASP C 12 -8.78 27.96 -4.51
C ASP C 12 -8.29 26.74 -3.76
N ILE C 13 -6.98 26.55 -3.78
CA ILE C 13 -6.29 25.66 -2.81
C ILE C 13 -5.74 26.58 -1.74
N ILE C 14 -6.14 26.37 -0.50
CA ILE C 14 -5.60 27.17 0.62
C ILE C 14 -4.73 26.27 1.48
N ARG C 15 -3.67 26.84 2.00
CA ARG C 15 -2.92 26.27 3.13
C ARG C 15 -3.68 26.64 4.41
N HIS C 16 -3.59 25.78 5.41
CA HIS C 16 -4.12 26.06 6.79
C HIS C 16 -3.37 27.22 7.44
N GLY C 17 -3.96 27.82 8.46
CA GLY C 17 -3.29 28.93 9.14
C GLY C 17 -2.17 28.43 10.04
N ASP C 18 -1.57 29.35 10.77
CA ASP C 18 -0.53 29.08 11.81
C ASP C 18 -0.91 27.91 12.72
N ARG C 19 0.05 27.02 12.94
CA ARG C 19 -0.18 25.79 13.70
C ARG C 19 0.92 25.56 14.72
N THR C 20 0.60 24.72 15.71
CA THR C 20 1.56 24.26 16.73
C THR C 20 2.48 23.21 16.12
N PRO C 21 3.63 22.91 16.75
CA PRO C 21 4.54 21.91 16.22
C PRO C 21 3.88 20.52 16.19
N ILE C 22 4.29 19.73 15.20
CA ILE C 22 3.97 18.28 15.10
C ILE C 22 4.72 17.58 16.23
N VAL C 23 5.99 17.94 16.40
CA VAL C 23 6.90 17.28 17.35
C VAL C 23 7.34 18.28 18.42
N ALA C 24 7.01 17.99 19.66
CA ALA C 24 7.42 18.86 20.79
C ALA C 24 8.93 18.68 21.01
N LEU C 25 9.57 19.68 21.61
CA LEU C 25 10.98 19.59 22.05
C LEU C 25 10.96 19.07 23.48
N PRO C 26 11.40 17.82 23.72
CA PRO C 26 11.45 17.23 25.06
C PRO C 26 12.19 18.06 26.11
N THR C 27 13.15 18.87 25.69
CA THR C 27 14.03 19.67 26.57
C THR C 27 13.42 21.04 26.90
N VAL C 28 12.32 21.41 26.26
CA VAL C 28 11.73 22.75 26.52
C VAL C 28 10.48 22.57 27.38
N ASN C 29 10.44 23.27 28.52
CA ASN C 29 9.28 23.29 29.44
C ASN C 29 8.24 24.25 28.86
N TYR C 30 7.55 23.82 27.82
CA TYR C 30 6.54 24.67 27.17
C TYR C 30 5.41 23.79 26.66
N GLN C 31 4.22 24.12 27.10
CA GLN C 31 3.02 23.34 26.79
C GLN C 31 2.30 24.06 25.65
N TRP C 32 2.11 23.36 24.55
CA TRP C 32 1.24 23.90 23.47
C TRP C 32 -0.21 23.62 23.84
N GLN C 33 -0.95 24.66 24.23
CA GLN C 33 -2.31 24.52 24.81
C GLN C 33 -3.24 23.82 23.80
N GLU C 34 -3.11 24.17 22.51
CA GLU C 34 -3.97 23.66 21.43
C GLU C 34 -3.69 22.18 21.19
N GLY C 35 -2.63 21.64 21.79
CA GLY C 35 -2.15 20.30 21.42
C GLY C 35 -1.25 20.41 20.20
N LEU C 36 -0.65 19.30 19.78
CA LEU C 36 0.35 19.30 18.69
C LEU C 36 -0.30 19.23 17.31
N GLY C 37 0.22 20.02 16.38
CA GLY C 37 -0.16 20.03 14.95
C GLY C 37 -1.50 20.72 14.75
N GLN C 38 -1.90 21.56 15.71
CA GLN C 38 -3.25 22.13 15.75
C GLN C 38 -3.18 23.60 15.32
N LEU C 39 -4.29 24.06 14.76
CA LEU C 39 -4.47 25.48 14.37
C LEU C 39 -4.46 26.34 15.63
N THR C 40 -3.64 27.39 15.63
CA THR C 40 -3.61 28.34 16.78
C THR C 40 -4.69 29.41 16.66
N ALA C 41 -4.86 30.21 17.71
CA ALA C 41 -5.81 31.34 17.69
C ALA C 41 -5.46 32.24 16.49
N GLU C 42 -4.19 32.55 16.31
CA GLU C 42 -3.75 33.42 15.18
C GLU C 42 -4.04 32.73 13.84
N GLY C 43 -3.86 31.42 13.76
CA GLY C 43 -4.13 30.65 12.53
C GLY C 43 -5.58 30.77 12.09
N MET C 44 -6.50 30.75 13.04
CA MET C 44 -7.93 30.93 12.76
C MET C 44 -8.18 32.33 12.24
N GLN C 45 -7.58 33.34 12.87
CA GLN C 45 -7.78 34.74 12.43
C GLN C 45 -7.20 34.90 11.02
N GLN C 46 -6.04 34.30 10.76
CA GLN C 46 -5.43 34.38 9.40
C GLN C 46 -6.40 33.85 8.34
N GLU C 47 -7.04 32.74 8.62
CA GLU C 47 -7.96 32.11 7.65
C GLU C 47 -9.21 32.97 7.53
N TYR C 48 -9.69 33.50 8.65
CA TYR C 48 -10.89 34.37 8.68
C TYR C 48 -10.66 35.59 7.79
N LYS C 49 -9.50 36.21 7.95
CA LYS C 49 -9.17 37.45 7.21
C LYS C 49 -9.04 37.11 5.73
N MET C 50 -8.54 35.92 5.41
CA MET C 50 -8.53 35.50 4.00
C MET C 50 -9.97 35.35 3.50
N GLY C 51 -10.85 34.81 4.31
CA GLY C 51 -12.27 34.66 3.92
C GLY C 51 -12.90 36.02 3.68
N VAL C 52 -12.58 37.00 4.52
CA VAL C 52 -13.07 38.40 4.34
C VAL C 52 -12.60 38.94 2.98
N ALA C 53 -11.34 38.68 2.60
CA ALA C 53 -10.79 39.10 1.29
C ALA C 53 -11.52 38.35 0.16
N PHE C 54 -11.86 37.08 0.38
CA PHE C 54 -12.55 36.28 -0.66
C PHE C 54 -13.94 36.86 -0.88
N ARG C 55 -14.59 37.34 0.20
CA ARG C 55 -15.96 37.89 0.10
C ARG C 55 -15.89 39.16 -0.74
N LYS C 56 -14.92 39.99 -0.48
CA LYS C 56 -14.72 41.27 -1.21
C LYS C 56 -14.57 40.90 -2.70
N LYS C 57 -13.77 39.87 -2.98
CA LYS C 57 -13.38 39.52 -4.36
C LYS C 57 -14.51 38.79 -5.10
N TYR C 58 -15.11 37.76 -4.50
CA TYR C 58 -16.09 36.87 -5.18
C TYR C 58 -17.52 37.34 -5.01
N ILE C 59 -17.80 38.03 -3.92
CA ILE C 59 -19.20 38.43 -3.66
C ILE C 59 -19.40 39.91 -4.00
N GLU C 60 -18.62 40.81 -3.41
CA GLU C 60 -18.84 42.26 -3.56
C GLU C 60 -18.38 42.76 -4.93
N GLU C 61 -17.27 42.27 -5.46
CA GLU C 61 -16.63 42.87 -6.66
C GLU C 61 -17.01 42.10 -7.93
N SER C 62 -16.83 40.79 -7.94
CA SER C 62 -16.98 39.99 -9.17
C SER C 62 -18.39 39.39 -9.26
N HIS C 63 -19.09 39.24 -8.13
CA HIS C 63 -20.43 38.60 -8.09
C HIS C 63 -20.37 37.17 -8.68
N LEU C 64 -19.25 36.46 -8.50
CA LEU C 64 -19.20 35.00 -8.81
C LEU C 64 -20.14 34.26 -7.86
N LEU C 65 -20.23 34.71 -6.62
CA LEU C 65 -21.00 34.03 -5.55
C LEU C 65 -22.05 35.00 -5.06
N PRO C 66 -23.18 34.45 -4.57
CA PRO C 66 -24.23 35.24 -3.98
C PRO C 66 -23.82 35.72 -2.59
N GLU C 67 -24.50 36.75 -2.14
CA GLU C 67 -24.23 37.46 -0.88
C GLU C 67 -24.51 36.56 0.33
N HIS C 68 -25.44 35.62 0.21
CA HIS C 68 -25.75 34.64 1.26
C HIS C 68 -25.45 33.26 0.71
N TYR C 69 -25.04 32.32 1.57
CA TYR C 69 -24.66 30.96 1.11
C TYR C 69 -25.84 30.32 0.37
N GLU C 70 -25.58 29.76 -0.80
CA GLU C 70 -26.62 29.05 -1.58
C GLU C 70 -26.09 27.66 -1.92
N TYR C 71 -26.73 26.62 -1.40
CA TYR C 71 -26.34 25.22 -1.69
C TYR C 71 -26.21 25.05 -3.21
N GLY C 72 -25.21 24.31 -3.64
CA GLY C 72 -24.92 24.05 -5.06
C GLY C 72 -23.94 25.05 -5.70
N THR C 73 -23.78 26.25 -5.15
CA THR C 73 -22.91 27.31 -5.76
C THR C 73 -21.46 27.17 -5.31
N ILE C 74 -21.20 26.55 -4.17
CA ILE C 74 -19.83 26.37 -3.63
CA ILE C 74 -19.84 26.38 -3.63
C ILE C 74 -19.62 24.91 -3.27
N TYR C 75 -18.41 24.42 -3.42
CA TYR C 75 -18.05 23.10 -2.89
C TYR C 75 -16.79 23.26 -2.07
N VAL C 76 -16.88 22.93 -0.78
CA VAL C 76 -15.73 23.05 0.14
C VAL C 76 -15.26 21.67 0.53
N ARG C 77 -13.99 21.41 0.26
CA ARG C 77 -13.42 20.07 0.51
C ARG C 77 -12.12 20.23 1.27
N SER C 78 -11.96 19.47 2.34
CA SER C 78 -10.77 19.58 3.22
C SER C 78 -10.08 18.24 3.25
N THR C 79 -8.79 18.26 3.48
CA THR C 79 -8.10 17.03 3.86
C THR C 79 -8.58 16.65 5.26
N ASP C 80 -8.29 15.42 5.62
CA ASP C 80 -8.73 14.73 6.85
CA ASP C 80 -8.80 14.79 6.87
C ASP C 80 -7.93 15.19 8.08
N TYR C 81 -7.69 16.50 8.27
CA TYR C 81 -6.90 16.98 9.44
C TYR C 81 -7.69 18.04 10.19
N ALA C 82 -7.58 18.03 11.50
CA ALA C 82 -8.25 19.03 12.35
C ALA C 82 -7.83 20.43 11.89
N ARG C 83 -6.55 20.63 11.61
CA ARG C 83 -6.08 21.99 11.26
C ARG C 83 -6.60 22.44 9.89
N THR C 84 -6.79 21.54 8.92
CA THR C 84 -7.32 21.99 7.61
C THR C 84 -8.85 22.11 7.69
N LEU C 85 -9.50 21.21 8.40
CA LEU C 85 -10.96 21.33 8.59
C LEU C 85 -11.24 22.65 9.30
N MET C 86 -10.49 22.94 10.37
CA MET C 86 -10.78 24.16 11.16
C MET C 86 -10.40 25.40 10.36
N SER C 87 -9.39 25.31 9.51
CA SER C 87 -9.03 26.41 8.59
C SER C 87 -10.17 26.72 7.64
N ALA C 88 -10.78 25.70 7.04
CA ALA C 88 -11.89 25.87 6.09
C ALA C 88 -13.01 26.58 6.84
N GLN C 89 -13.34 26.09 8.04
CA GLN C 89 -14.44 26.69 8.83
C GLN C 89 -14.11 28.15 9.15
N SER C 90 -12.86 28.45 9.50
CA SER C 90 -12.44 29.80 9.86
C SER C 90 -12.59 30.70 8.65
N LEU C 91 -12.18 30.22 7.49
CA LEU C 91 -12.24 31.03 6.27
C LEU C 91 -13.70 31.32 5.91
N LEU C 92 -14.54 30.31 6.03
CA LEU C 92 -15.96 30.40 5.56
C LEU C 92 -16.67 31.38 6.47
N MET C 93 -16.17 31.53 7.69
CA MET C 93 -16.70 32.55 8.62
C MET C 93 -16.41 33.95 8.08
N GLY C 94 -15.34 34.08 7.31
CA GLY C 94 -15.03 35.32 6.58
C GLY C 94 -15.82 35.44 5.29
N LEU C 95 -15.92 34.34 4.54
CA LEU C 95 -16.57 34.36 3.21
C LEU C 95 -18.07 34.59 3.42
N TYR C 96 -18.64 33.95 4.44
CA TYR C 96 -20.06 34.10 4.79
C TYR C 96 -20.18 34.36 6.28
N PRO C 97 -19.96 35.63 6.67
CA PRO C 97 -19.82 35.99 8.07
C PRO C 97 -21.12 35.95 8.86
N PRO C 98 -21.00 35.92 10.18
CA PRO C 98 -22.14 36.15 11.07
C PRO C 98 -22.84 37.44 10.68
N GLY C 99 -24.17 37.38 10.59
CA GLY C 99 -24.98 38.47 10.03
C GLY C 99 -25.56 38.09 8.69
N THR C 100 -24.97 37.12 7.98
CA THR C 100 -25.48 36.65 6.66
C THR C 100 -26.19 35.31 6.83
N GLY C 101 -26.11 34.73 8.00
CA GLY C 101 -26.74 33.42 8.28
C GLY C 101 -28.26 33.51 8.33
N PRO C 102 -28.92 32.34 8.26
CA PRO C 102 -30.37 32.30 8.14
C PRO C 102 -31.12 32.61 9.42
N THR C 103 -32.37 32.97 9.22
CA THR C 103 -33.35 33.27 10.29
C THR C 103 -34.41 32.17 10.29
N ILE C 104 -34.85 31.78 11.48
CA ILE C 104 -35.99 30.83 11.64
C ILE C 104 -37.28 31.60 11.37
N PRO C 105 -38.39 30.88 11.08
CA PRO C 105 -39.68 31.54 10.85
C PRO C 105 -40.10 32.55 11.94
N ALA C 106 -39.64 32.41 13.18
CA ALA C 106 -39.99 33.36 14.25
C ALA C 106 -39.41 34.75 13.99
N GLY C 107 -38.50 34.89 13.01
CA GLY C 107 -37.87 36.19 12.70
C GLY C 107 -36.51 36.35 13.35
N THR C 108 -36.14 35.49 14.30
CA THR C 108 -34.80 35.53 14.94
C THR C 108 -33.76 34.68 14.20
N SER C 109 -32.48 34.90 14.50
CA SER C 109 -31.39 34.17 13.81
C SER C 109 -31.42 32.70 14.27
N ALA C 110 -31.23 31.79 13.32
CA ALA C 110 -31.19 30.34 13.59
C ALA C 110 -30.10 30.08 14.62
N LEU C 111 -28.96 30.73 14.46
CA LEU C 111 -27.80 30.49 15.37
C LEU C 111 -27.35 31.81 15.97
N PRO C 112 -26.59 31.75 17.08
CA PRO C 112 -26.09 32.98 17.70
C PRO C 112 -25.39 33.88 16.68
N HIS C 113 -25.73 35.16 16.68
CA HIS C 113 -25.08 36.18 15.83
C HIS C 113 -25.32 35.88 14.36
N ALA C 114 -26.38 35.16 14.03
CA ALA C 114 -26.75 34.83 12.63
C ALA C 114 -25.54 34.18 11.92
N PHE C 115 -24.88 33.26 12.58
CA PHE C 115 -23.80 32.46 11.96
C PHE C 115 -24.35 31.68 10.77
N GLN C 116 -23.50 31.46 9.76
CA GLN C 116 -23.87 30.65 8.58
C GLN C 116 -23.11 29.33 8.61
N PRO C 117 -23.76 28.20 8.89
CA PRO C 117 -23.10 26.92 8.72
C PRO C 117 -22.87 26.65 7.23
N ILE C 118 -21.73 26.06 6.92
CA ILE C 118 -21.38 25.67 5.52
C ILE C 118 -20.68 24.33 5.58
N PRO C 119 -21.15 23.35 4.81
CA PRO C 119 -20.58 22.03 4.92
C PRO C 119 -19.16 21.99 4.33
N VAL C 120 -18.24 21.39 5.09
CA VAL C 120 -16.88 21.10 4.60
C VAL C 120 -16.73 19.59 4.42
N PHE C 121 -16.76 19.14 3.16
CA PHE C 121 -16.70 17.70 2.86
C PHE C 121 -15.27 17.24 3.02
N SER C 122 -15.11 15.97 3.30
CA SER C 122 -13.79 15.41 3.64
C SER C 122 -13.81 13.92 3.38
N ALA C 123 -12.62 13.34 3.29
CA ALA C 123 -12.44 11.88 3.24
C ALA C 123 -11.13 11.58 3.91
N PRO C 124 -11.03 10.41 4.56
CA PRO C 124 -9.73 9.93 5.01
C PRO C 124 -8.77 9.86 3.82
N SER C 125 -7.50 10.08 4.07
CA SER C 125 -6.45 10.16 3.01
C SER C 125 -6.49 8.93 2.08
N LYS C 126 -6.70 7.76 2.66
CA LYS C 126 -6.70 6.46 1.93
C LYS C 126 -7.87 6.40 0.95
N TYR C 127 -8.95 7.19 1.17
CA TYR C 127 -10.16 7.10 0.33
C TYR C 127 -10.40 8.42 -0.37
N ASP C 128 -9.38 9.27 -0.40
CA ASP C 128 -9.54 10.64 -0.91
C ASP C 128 -9.40 10.60 -2.44
N GLU C 129 -10.52 10.82 -3.13
CA GLU C 129 -10.56 10.84 -4.60
C GLU C 129 -10.23 12.25 -5.11
N VAL C 130 -10.14 13.25 -4.22
CA VAL C 130 -10.01 14.66 -4.69
C VAL C 130 -8.62 15.22 -4.45
N ILE C 131 -8.16 15.33 -3.21
CA ILE C 131 -6.94 16.10 -2.87
C ILE C 131 -5.72 15.19 -2.65
N ILE C 132 -5.78 14.32 -1.66
CA ILE C 132 -4.56 13.59 -1.22
C ILE C 132 -4.33 12.32 -2.04
N GLN C 133 -3.14 12.22 -2.60
CA GLN C 133 -2.67 10.95 -3.17
C GLN C 133 -1.99 10.20 -2.04
N GLN C 134 -2.58 9.09 -1.64
CA GLN C 134 -2.00 8.26 -0.56
C GLN C 134 -0.81 7.51 -1.14
N VAL C 135 0.37 7.94 -0.75
CA VAL C 135 1.62 7.27 -1.18
C VAL C 135 2.24 6.73 0.09
N ASP C 136 2.50 5.44 0.01
CA ASP C 136 3.00 4.59 1.12
C ASP C 136 4.44 4.98 1.46
N ARG C 137 4.80 4.93 2.75
CA ARG C 137 6.05 5.55 3.27
C ARG C 137 7.29 4.86 2.68
N LYS C 138 7.29 3.54 2.49
CA LYS C 138 8.40 2.85 1.75
C LYS C 138 8.54 3.48 0.36
N GLU C 139 7.43 3.71 -0.33
CA GLU C 139 7.42 4.27 -1.71
C GLU C 139 7.94 5.70 -1.71
N ARG C 140 7.61 6.48 -0.68
CA ARG C 140 8.06 7.90 -0.60
C ARG C 140 9.60 7.92 -0.53
N GLU C 141 10.23 7.01 0.21
CA GLU C 141 11.72 7.05 0.35
C GLU C 141 12.39 6.56 -0.94
N LYS C 142 11.76 5.64 -1.66
CA LYS C 142 12.28 5.24 -2.99
C LYS C 142 12.31 6.49 -3.89
N LEU C 143 11.22 7.24 -3.92
CA LEU C 143 11.15 8.48 -4.75
C LEU C 143 12.13 9.51 -4.20
N MET C 144 12.13 9.71 -2.88
CA MET C 144 12.96 10.74 -2.21
C MET C 144 14.44 10.38 -2.42
N GLU C 145 14.82 9.12 -2.23
CA GLU C 145 16.20 8.65 -2.49
C GLU C 145 16.53 8.76 -3.99
N GLN C 146 15.57 8.54 -4.88
CA GLN C 146 15.84 8.68 -6.32
C GLN C 146 16.03 10.15 -6.70
N TYR C 147 15.17 11.06 -6.24
CA TYR C 147 15.18 12.44 -6.79
C TYR C 147 15.69 13.48 -5.81
N VAL C 148 15.86 13.15 -4.53
CA VAL C 148 16.18 14.22 -3.53
C VAL C 148 17.44 13.90 -2.72
N PHE C 149 17.43 12.82 -1.97
CA PHE C 149 18.54 12.49 -1.03
C PHE C 149 19.84 12.24 -1.78
N SER C 150 19.73 11.73 -3.01
CA SER C 150 20.88 11.32 -3.86
C SER C 150 21.54 12.53 -4.51
N THR C 151 20.91 13.71 -4.51
CA THR C 151 21.44 14.91 -5.21
C THR C 151 22.66 15.47 -4.45
N ARG C 152 23.54 16.14 -5.19
CA ARG C 152 24.84 16.64 -4.68
C ARG C 152 24.59 17.68 -3.57
N GLU C 153 23.60 18.55 -3.77
CA GLU C 153 23.29 19.63 -2.80
C GLU C 153 22.83 19.00 -1.49
N TRP C 154 21.97 18.00 -1.54
CA TRP C 154 21.42 17.39 -0.32
C TRP C 154 22.57 16.74 0.45
N GLN C 155 23.39 15.93 -0.24
CA GLN C 155 24.51 15.24 0.44
C GLN C 155 25.43 16.29 1.05
N GLN C 156 25.80 17.32 0.28
CA GLN C 156 26.77 18.34 0.74
C GLN C 156 26.23 19.07 1.99
N LYS C 157 24.92 19.35 2.04
CA LYS C 157 24.31 20.12 3.17
C LYS C 157 24.33 19.24 4.41
N ASN C 158 23.96 17.98 4.26
CA ASN C 158 23.99 17.00 5.37
C ASN C 158 25.42 16.85 5.92
N ASN C 159 26.41 16.73 5.04
CA ASN C 159 27.84 16.59 5.45
C ASN C 159 28.29 17.83 6.23
N GLU C 160 27.94 19.02 5.77
CA GLU C 160 28.35 20.27 6.47
C GLU C 160 27.74 20.31 7.87
N LEU C 161 26.55 19.75 8.08
CA LEU C 161 25.82 19.94 9.37
C LEU C 161 26.04 18.76 10.31
N LYS C 162 26.33 17.57 9.79
CA LYS C 162 26.20 16.33 10.59
C LYS C 162 27.10 16.32 11.82
N ASP C 163 28.25 17.03 11.82
CA ASP C 163 29.17 17.08 12.99
C ASP C 163 28.41 17.60 14.23
N LYS C 164 27.41 18.46 14.02
CA LYS C 164 26.62 19.05 15.12
C LYS C 164 25.40 18.20 15.48
N TYR C 165 25.10 17.13 14.74
CA TYR C 165 23.88 16.33 15.01
C TYR C 165 23.87 15.83 16.46
N PRO C 166 24.98 15.25 16.98
CA PRO C 166 24.96 14.80 18.38
C PRO C 166 24.62 15.90 19.40
N LEU C 167 25.17 17.08 19.21
CA LEU C 167 24.93 18.23 20.13
C LEU C 167 23.45 18.62 20.03
N TRP C 168 22.98 18.85 18.79
CA TRP C 168 21.60 19.36 18.55
C TRP C 168 20.59 18.35 19.07
N SER C 169 20.89 17.05 18.92
CA SER C 169 20.06 15.95 19.47
C SER C 169 19.96 16.09 20.98
N ARG C 170 21.09 16.31 21.64
CA ARG C 170 21.12 16.41 23.11
C ARG C 170 20.36 17.66 23.56
N LEU C 171 20.60 18.81 22.91
CA LEU C 171 19.98 20.11 23.31
C LEU C 171 18.48 20.16 23.02
N THR C 172 18.04 19.54 21.93
CA THR C 172 16.60 19.55 21.56
C THR C 172 15.84 18.39 22.21
N GLY C 173 16.53 17.29 22.48
CA GLY C 173 15.91 16.05 22.97
C GLY C 173 15.32 15.23 21.83
N ILE C 174 15.59 15.61 20.59
CA ILE C 174 15.12 14.82 19.42
C ILE C 174 16.34 14.18 18.76
N ASN C 175 16.22 12.92 18.38
CA ASN C 175 17.36 12.25 17.70
C ASN C 175 17.48 12.78 16.27
N ILE C 176 18.66 13.25 15.91
CA ILE C 176 18.94 13.70 14.53
C ILE C 176 20.06 12.84 13.98
N ASP C 177 19.80 12.05 12.94
CA ASP C 177 20.88 11.28 12.30
C ASP C 177 21.05 11.69 10.85
N ASN C 178 20.22 12.60 10.38
CA ASN C 178 20.31 13.07 8.98
C ASN C 178 19.53 14.37 8.81
N LEU C 179 19.65 14.92 7.62
CA LEU C 179 19.03 16.19 7.22
C LEU C 179 17.51 16.04 7.29
N GLY C 180 16.96 14.89 6.94
CA GLY C 180 15.51 14.62 7.05
C GLY C 180 15.03 14.80 8.49
N ASP C 181 15.79 14.28 9.45
CA ASP C 181 15.48 14.47 10.89
C ASP C 181 15.58 15.94 11.28
N LEU C 182 16.64 16.60 10.80
CA LEU C 182 16.94 18.00 11.18
C LEU C 182 15.75 18.86 10.74
N GLU C 183 15.21 18.57 9.56
CA GLU C 183 14.09 19.35 8.97
C GLU C 183 12.93 19.45 9.97
N THR C 184 12.57 18.34 10.59
CA THR C 184 11.48 18.29 11.60
C THR C 184 11.79 19.23 12.77
N VAL C 185 13.01 19.17 13.28
CA VAL C 185 13.47 20.06 14.39
C VAL C 185 13.41 21.54 13.96
N GLY C 186 13.85 21.85 12.74
CA GLY C 186 13.82 23.24 12.22
C GLY C 186 12.40 23.75 12.07
N HIS C 187 11.47 22.92 11.59
CA HIS C 187 10.05 23.34 11.52
C HIS C 187 9.54 23.69 12.92
N THR C 188 9.86 22.87 13.93
CA THR C 188 9.45 23.13 15.33
C THR C 188 10.13 24.39 15.88
N LEU C 189 11.44 24.54 15.63
CA LEU C 189 12.18 25.71 16.15
C LEU C 189 11.57 26.99 15.57
N TYR C 190 11.22 26.94 14.29
CA TYR C 190 10.60 28.09 13.61
C TYR C 190 9.29 28.45 14.32
N ILE C 191 8.45 27.44 14.57
CA ILE C 191 7.15 27.66 15.26
C ILE C 191 7.41 28.26 16.66
N HIS C 192 8.45 27.84 17.36
CA HIS C 192 8.83 28.43 18.67
C HIS C 192 9.19 29.91 18.51
N GLN C 193 9.97 30.26 17.50
CA GLN C 193 10.35 31.67 17.23
C GLN C 193 9.11 32.52 16.99
N ILE C 194 8.20 32.07 16.12
CA ILE C 194 6.96 32.81 15.74
C ILE C 194 6.19 33.18 17.00
N HIS C 195 6.09 32.25 17.93
CA HIS C 195 5.20 32.36 19.12
C HIS C 195 6.04 32.86 20.30
N ASN C 196 7.32 33.13 20.06
CA ASN C 196 8.27 33.52 21.14
C ASN C 196 8.18 32.51 22.28
N ALA C 197 8.08 31.22 21.96
CA ALA C 197 8.15 30.16 22.98
C ALA C 197 9.63 29.97 23.28
N PRO C 198 10.01 29.56 24.51
CA PRO C 198 11.42 29.38 24.81
C PRO C 198 12.09 28.39 23.84
N MET C 199 13.33 28.71 23.49
CA MET C 199 14.21 27.85 22.69
C MET C 199 14.97 26.94 23.66
N PRO C 200 15.50 25.80 23.20
CA PRO C 200 16.32 24.98 24.08
C PRO C 200 17.53 25.78 24.61
N GLU C 201 17.67 25.83 25.92
CA GLU C 201 18.74 26.65 26.54
C GLU C 201 20.11 26.14 26.07
N GLY C 202 20.97 27.04 25.64
CA GLY C 202 22.35 26.72 25.25
C GLY C 202 22.52 26.52 23.75
N LEU C 203 21.41 26.34 23.03
CA LEU C 203 21.46 26.17 21.55
C LEU C 203 21.79 27.53 21.00
N ALA C 204 22.93 27.63 20.32
CA ALA C 204 23.44 28.92 19.83
C ALA C 204 22.46 29.54 18.83
N SER C 205 22.41 30.88 18.79
CA SER C 205 21.54 31.63 17.85
C SER C 205 21.89 31.24 16.40
N ASN C 206 23.18 31.12 16.09
CA ASN C 206 23.64 30.77 14.73
C ASN C 206 23.08 29.38 14.39
N ASP C 207 23.10 28.47 15.34
CA ASP C 207 22.57 27.09 15.12
C ASP C 207 21.05 27.16 14.88
N ILE C 208 20.34 27.99 15.64
CA ILE C 208 18.86 28.17 15.48
C ILE C 208 18.63 28.54 14.02
N GLU C 209 19.35 29.56 13.57
CA GLU C 209 19.17 30.11 12.21
C GLU C 209 19.54 29.06 11.17
N THR C 210 20.67 28.40 11.35
CA THR C 210 21.13 27.35 10.42
C THR C 210 20.08 26.23 10.34
N ILE C 211 19.58 25.76 11.48
CA ILE C 211 18.62 24.63 11.53
C ILE C 211 17.31 25.07 10.85
N ILE C 212 16.84 26.27 11.12
CA ILE C 212 15.57 26.75 10.53
C ILE C 212 15.73 26.89 9.02
N ASN C 213 16.77 27.55 8.56
CA ASN C 213 17.09 27.75 7.13
C ASN C 213 17.26 26.38 6.42
N SER C 214 17.89 25.43 7.11
CA SER C 214 18.14 24.07 6.55
C SER C 214 16.81 23.33 6.40
N ALA C 215 15.91 23.47 7.36
CA ALA C 215 14.58 22.82 7.32
C ALA C 215 13.77 23.34 6.14
N GLU C 216 13.82 24.64 5.92
CA GLU C 216 13.08 25.25 4.79
C GLU C 216 13.67 24.72 3.47
N TRP C 217 14.98 24.72 3.37
CA TRP C 217 15.69 24.27 2.15
C TRP C 217 15.30 22.81 1.89
N ALA C 218 15.38 21.97 2.92
CA ALA C 218 15.10 20.53 2.80
C ALA C 218 13.65 20.31 2.37
N PHE C 219 12.75 21.08 2.98
CA PHE C 219 11.30 21.01 2.66
C PHE C 219 11.13 21.30 1.17
N MET C 220 11.69 22.40 0.72
CA MET C 220 11.58 22.83 -0.68
C MET C 220 12.30 21.86 -1.63
N ALA C 221 13.39 21.23 -1.21
CA ALA C 221 14.12 20.26 -2.05
C ALA C 221 13.22 19.05 -2.35
N GLN C 222 12.47 18.58 -1.36
CA GLN C 222 11.59 17.38 -1.48
C GLN C 222 10.38 17.67 -2.37
N GLU C 223 9.93 18.92 -2.42
CA GLU C 223 8.75 19.32 -3.22
C GLU C 223 9.15 19.66 -4.67
N LYS C 224 10.39 20.02 -4.90
CA LYS C 224 10.81 20.62 -6.19
C LYS C 224 10.68 19.68 -7.39
N PRO C 225 11.10 18.40 -7.31
CA PRO C 225 11.14 17.57 -8.51
C PRO C 225 9.75 17.31 -9.10
N GLN C 226 9.63 17.59 -10.38
CA GLN C 226 8.36 17.39 -11.12
C GLN C 226 7.96 15.91 -11.03
N GLN C 227 8.92 15.00 -10.97
CA GLN C 227 8.60 13.55 -10.89
C GLN C 227 7.77 13.32 -9.63
N ILE C 228 8.19 13.92 -8.51
CA ILE C 228 7.53 13.77 -7.20
C ILE C 228 6.19 14.48 -7.25
N ALA C 229 6.15 15.71 -7.75
CA ALA C 229 4.91 16.50 -7.88
C ALA C 229 3.90 15.71 -8.73
N ASN C 230 4.35 15.06 -9.82
CA ASN C 230 3.48 14.24 -10.69
C ASN C 230 2.86 13.10 -9.89
N VAL C 231 3.62 12.46 -9.02
CA VAL C 231 3.08 11.37 -8.16
C VAL C 231 2.00 11.94 -7.21
N TYR C 232 2.33 13.00 -6.48
CA TYR C 232 1.47 13.50 -5.36
C TYR C 232 0.33 14.41 -5.83
N SER C 233 0.48 15.14 -6.93
CA SER C 233 -0.47 16.19 -7.36
C SER C 233 -1.29 15.85 -8.61
N SER C 234 -1.01 14.74 -9.33
CA SER C 234 -1.70 14.42 -10.62
C SER C 234 -3.21 14.37 -10.40
N LYS C 235 -3.62 13.69 -9.33
CA LYS C 235 -5.04 13.45 -9.03
C LYS C 235 -5.71 14.78 -8.74
N LEU C 236 -5.10 15.59 -7.87
CA LEU C 236 -5.66 16.92 -7.50
C LEU C 236 -5.80 17.75 -8.77
N MET C 237 -4.76 17.77 -9.59
CA MET C 237 -4.74 18.63 -10.79
C MET C 237 -5.75 18.12 -11.83
N THR C 238 -5.88 16.80 -11.95
CA THR C 238 -6.92 16.21 -12.82
C THR C 238 -8.28 16.73 -12.32
N ASN C 239 -8.52 16.67 -11.01
CA ASN C 239 -9.82 17.12 -10.47
C ASN C 239 -10.04 18.61 -10.74
N ILE C 240 -9.00 19.41 -10.57
CA ILE C 240 -9.10 20.89 -10.75
C ILE C 240 -9.43 21.16 -12.21
N ALA C 241 -8.80 20.43 -13.10
CA ALA C 241 -8.97 20.62 -14.56
C ALA C 241 -10.41 20.26 -14.89
N ASP C 242 -10.92 19.18 -14.30
CA ASP C 242 -12.33 18.71 -14.48
C ASP C 242 -13.31 19.73 -13.92
N TYR C 243 -12.99 20.35 -12.79
CA TYR C 243 -13.82 21.42 -12.18
C TYR C 243 -13.89 22.62 -13.12
N LEU C 244 -12.76 23.01 -13.71
CA LEU C 244 -12.72 24.18 -14.63
C LEU C 244 -13.47 23.82 -15.92
N ASN C 245 -13.26 22.60 -16.41
CA ASN C 245 -13.91 22.13 -17.65
C ASN C 245 -15.43 22.17 -17.46
N SER C 246 -15.91 21.63 -16.35
CA SER C 246 -17.35 21.65 -16.02
C SER C 246 -17.82 23.09 -15.92
N GLY C 247 -17.01 23.97 -15.33
CA GLY C 247 -17.38 25.39 -15.15
C GLY C 247 -17.67 26.05 -16.49
N SER C 248 -16.87 25.73 -17.50
CA SER C 248 -16.94 26.36 -18.85
C SER C 248 -18.29 26.01 -19.50
N MET C 249 -18.84 24.85 -19.16
CA MET C 249 -20.09 24.33 -19.75
C MET C 249 -21.31 25.09 -19.21
N LYS C 250 -21.23 25.63 -18.01
CA LYS C 250 -22.28 26.51 -17.42
C LYS C 250 -23.62 25.80 -17.39
N LYS C 251 -23.62 24.49 -17.15
CA LYS C 251 -24.88 23.74 -16.96
C LYS C 251 -25.20 23.65 -15.47
N SER C 252 -24.18 23.85 -14.61
CA SER C 252 -24.28 23.59 -13.15
C SER C 252 -24.33 24.90 -12.35
N LYS C 253 -24.90 24.82 -11.18
CA LYS C 253 -24.94 25.96 -10.23
C LYS C 253 -23.54 26.22 -9.67
N LEU C 254 -22.65 25.22 -9.74
CA LEU C 254 -21.32 25.30 -9.07
C LEU C 254 -20.52 26.45 -9.68
N LYS C 255 -20.07 27.37 -8.84
CA LYS C 255 -19.23 28.54 -9.26
C LYS C 255 -17.87 28.51 -8.56
N TYR C 256 -17.76 27.82 -7.45
CA TYR C 256 -16.56 27.99 -6.58
C TYR C 256 -16.28 26.69 -5.85
N VAL C 257 -15.04 26.26 -6.02
CA VAL C 257 -14.49 25.13 -5.27
C VAL C 257 -13.37 25.61 -4.37
N LEU C 258 -13.47 25.27 -3.10
CA LEU C 258 -12.43 25.58 -2.11
C LEU C 258 -11.83 24.28 -1.59
N LEU C 259 -10.53 24.15 -1.71
CA LEU C 259 -9.80 22.94 -1.25
C LEU C 259 -8.87 23.33 -0.12
N SER C 260 -9.14 22.77 1.07
CA SER C 260 -8.32 23.05 2.28
C SER C 260 -7.10 22.12 2.29
N ALA C 261 -6.05 22.48 1.54
CA ALA C 261 -4.82 21.66 1.47
C ALA C 261 -3.79 22.16 2.49
N HIS C 262 -2.53 21.73 2.34
CA HIS C 262 -1.45 22.15 3.27
C HIS C 262 -0.30 22.78 2.48
N ASP C 263 0.79 23.13 3.18
CA ASP C 263 1.97 23.76 2.53
C ASP C 263 2.50 22.79 1.47
N THR C 264 2.53 21.50 1.78
CA THR C 264 3.00 20.47 0.81
C THR C 264 2.12 20.54 -0.44
N THR C 265 0.81 20.73 -0.24
CA THR C 265 -0.15 20.74 -1.35
C THR C 265 0.20 21.88 -2.31
N ILE C 266 0.39 23.08 -1.76
CA ILE C 266 0.69 24.28 -2.59
C ILE C 266 2.06 24.12 -3.28
N ALA C 267 3.08 23.71 -2.56
CA ALA C 267 4.42 23.53 -3.11
C ALA C 267 4.36 22.52 -4.27
N SER C 268 3.65 21.44 -4.06
CA SER C 268 3.56 20.30 -5.00
C SER C 268 2.79 20.73 -6.26
N VAL C 269 1.66 21.41 -6.11
CA VAL C 269 0.90 21.88 -7.31
C VAL C 269 1.78 22.83 -8.13
N LEU C 270 2.46 23.77 -7.48
CA LEU C 270 3.32 24.76 -8.17
C LEU C 270 4.52 24.06 -8.83
N SER C 271 5.10 23.07 -8.18
CA SER C 271 6.16 22.23 -8.79
C SER C 271 5.56 21.48 -9.99
N PHE C 272 4.35 20.96 -9.87
CA PHE C 272 3.65 20.19 -10.92
C PHE C 272 3.53 21.07 -12.16
N LEU C 273 3.20 22.33 -11.95
CA LEU C 273 2.99 23.29 -13.06
C LEU C 273 4.34 23.76 -13.61
N GLY C 274 5.44 23.25 -13.07
CA GLY C 274 6.80 23.60 -13.51
C GLY C 274 7.29 24.92 -12.93
N ALA C 275 6.71 25.39 -11.82
CA ALA C 275 7.13 26.64 -11.15
C ALA C 275 7.36 26.39 -9.68
N PRO C 276 8.32 25.53 -9.30
CA PRO C 276 8.48 25.14 -7.90
C PRO C 276 8.85 26.33 -7.03
N LEU C 277 8.44 26.29 -5.77
CA LEU C 277 8.77 27.38 -4.83
C LEU C 277 10.23 27.21 -4.38
N GLU C 278 10.88 28.33 -4.13
CA GLU C 278 12.16 28.39 -3.38
C GLU C 278 11.90 28.57 -1.88
N LYS C 279 10.82 29.26 -1.53
CA LYS C 279 10.47 29.47 -0.09
C LYS C 279 9.23 28.63 0.23
N SER C 280 9.17 28.08 1.45
CA SER C 280 8.01 27.27 1.86
C SER C 280 6.72 28.08 1.70
N PRO C 281 5.64 27.51 1.10
CA PRO C 281 4.38 28.22 0.89
C PRO C 281 3.91 28.89 2.19
N PRO C 282 3.70 30.23 2.21
CA PRO C 282 3.28 30.96 3.42
C PRO C 282 1.92 30.54 3.99
N TYR C 283 1.72 30.82 5.29
CA TYR C 283 0.47 30.50 6.05
C TYR C 283 -0.74 31.14 5.35
N ALA C 284 -1.91 30.46 5.41
CA ALA C 284 -3.09 30.93 4.65
C ALA C 284 -2.69 31.29 3.22
N SER C 285 -1.65 30.67 2.69
CA SER C 285 -1.30 30.86 1.26
C SER C 285 -2.41 30.26 0.40
N ASN C 286 -2.48 30.73 -0.82
CA ASN C 286 -3.57 30.36 -1.75
C ASN C 286 -2.97 30.15 -3.14
N VAL C 287 -3.37 29.08 -3.80
CA VAL C 287 -3.20 28.95 -5.27
C VAL C 287 -4.57 29.02 -5.91
N ASN C 288 -4.76 30.01 -6.78
CA ASN C 288 -6.07 30.30 -7.37
C ASN C 288 -6.04 29.94 -8.87
N PHE C 289 -7.08 29.25 -9.32
CA PHE C 289 -7.38 29.02 -10.74
C PHE C 289 -8.70 29.72 -11.07
N SER C 290 -8.62 30.81 -11.83
CA SER C 290 -9.79 31.65 -12.17
C SER C 290 -10.13 31.42 -13.64
N LEU C 291 -11.39 31.07 -13.90
CA LEU C 291 -11.86 30.73 -15.26
C LEU C 291 -12.61 31.93 -15.84
N TYR C 292 -12.13 32.45 -16.96
CA TYR C 292 -12.72 33.65 -17.62
C TYR C 292 -13.41 33.25 -18.92
N ASP C 293 -14.57 33.87 -19.12
CA ASP C 293 -15.42 33.70 -20.31
C ASP C 293 -15.35 35.02 -21.08
N ASN C 294 -14.68 34.98 -22.21
CA ASN C 294 -14.51 36.19 -23.07
C ASN C 294 -15.34 35.98 -24.35
N GLY C 295 -16.61 36.40 -24.30
CA GLY C 295 -17.50 36.43 -25.48
C GLY C 295 -17.92 35.02 -25.87
N ALA C 296 -17.74 34.68 -27.16
CA ALA C 296 -18.20 33.40 -27.76
C ALA C 296 -17.17 32.29 -27.48
N ASN C 297 -17.38 31.57 -26.37
CA ASN C 297 -16.78 30.23 -26.10
C ASN C 297 -15.26 30.24 -26.15
N TYR C 298 -14.60 31.34 -25.80
CA TYR C 298 -13.14 31.33 -25.58
C TYR C 298 -12.88 31.44 -24.08
N TYR C 299 -12.32 30.36 -23.50
CA TYR C 299 -12.13 30.25 -22.04
C TYR C 299 -10.65 30.29 -21.71
N THR C 300 -10.31 31.16 -20.76
CA THR C 300 -8.94 31.29 -20.23
C THR C 300 -8.92 30.97 -18.73
N VAL C 301 -7.79 30.48 -18.25
CA VAL C 301 -7.56 30.24 -16.80
C VAL C 301 -6.41 31.10 -16.33
N LYS C 302 -6.65 31.92 -15.31
CA LYS C 302 -5.57 32.68 -14.66
C LYS C 302 -5.10 31.92 -13.42
N ILE C 303 -3.83 31.61 -13.36
CA ILE C 303 -3.28 30.87 -12.19
C ILE C 303 -2.42 31.83 -11.38
N THR C 304 -2.75 31.96 -10.10
CA THR C 304 -2.05 32.86 -9.17
C THR C 304 -1.66 32.14 -7.88
N TYR C 305 -0.59 32.61 -7.30
CA TYR C 305 -0.06 32.19 -6.00
C TYR C 305 -0.05 33.44 -5.15
N ASN C 306 -0.94 33.48 -4.17
CA ASN C 306 -1.13 34.65 -3.28
C ASN C 306 -1.39 35.87 -4.14
N GLY C 307 -2.13 35.70 -5.24
CA GLY C 307 -2.48 36.81 -6.13
C GLY C 307 -1.40 37.09 -7.16
N ASN C 308 -0.25 36.45 -7.05
CA ASN C 308 0.88 36.74 -7.97
C ASN C 308 0.86 35.75 -9.13
N PRO C 309 1.10 36.23 -10.36
CA PRO C 309 1.00 35.39 -11.55
C PRO C 309 1.98 34.23 -11.40
N VAL C 310 1.49 33.05 -11.66
CA VAL C 310 2.37 31.86 -11.68
C VAL C 310 2.84 31.70 -13.12
N SER C 311 4.15 31.80 -13.34
CA SER C 311 4.75 31.69 -14.70
C SER C 311 4.79 30.22 -15.07
N ILE C 312 3.88 29.80 -15.93
CA ILE C 312 3.82 28.38 -16.39
C ILE C 312 4.58 28.25 -17.70
N PRO C 313 5.69 27.47 -17.70
CA PRO C 313 6.49 27.23 -18.90
C PRO C 313 5.65 26.77 -20.11
N ALA C 314 4.73 25.82 -19.89
CA ALA C 314 3.82 25.31 -20.94
C ALA C 314 2.91 26.43 -21.47
N CYS C 315 2.45 27.33 -20.60
CA CYS C 315 1.45 28.39 -20.95
C CYS C 315 2.13 29.71 -21.29
N GLY C 316 3.47 29.78 -21.20
CA GLY C 316 4.21 31.03 -21.47
C GLY C 316 3.65 32.18 -20.64
N GLY C 317 3.18 31.88 -19.43
CA GLY C 317 2.63 32.91 -18.53
C GLY C 317 1.68 32.35 -17.49
N SER C 318 0.97 33.25 -16.82
CA SER C 318 0.00 32.91 -15.76
C SER C 318 -1.36 32.60 -16.38
N VAL C 319 -1.50 32.87 -17.68
CA VAL C 319 -2.79 32.73 -18.40
C VAL C 319 -2.68 31.61 -19.43
N CYS C 320 -3.45 30.56 -19.20
CA CYS C 320 -3.64 29.44 -20.14
C CYS C 320 -5.01 29.62 -20.80
N GLU C 321 -5.12 29.12 -22.00
CA GLU C 321 -6.42 28.76 -22.59
C GLU C 321 -6.83 27.47 -21.87
N LEU C 322 -8.12 27.24 -21.61
CA LEU C 322 -8.59 26.11 -20.77
C LEU C 322 -8.05 24.76 -21.28
N GLN C 323 -8.14 24.50 -22.58
CA GLN C 323 -7.71 23.22 -23.22
C GLN C 323 -6.21 23.04 -23.03
N GLN C 324 -5.46 24.14 -23.10
CA GLN C 324 -4.00 24.09 -22.92
C GLN C 324 -3.68 23.65 -21.47
N LEU C 325 -4.36 24.22 -20.47
CA LEU C 325 -4.16 23.82 -19.05
C LEU C 325 -4.58 22.35 -18.92
N ILE C 326 -5.64 21.99 -19.61
CA ILE C 326 -6.11 20.58 -19.58
C ILE C 326 -5.03 19.65 -20.18
N ASN C 327 -4.42 20.04 -21.30
CA ASN C 327 -3.42 19.17 -21.97
C ASN C 327 -2.21 19.03 -21.05
N LEU C 328 -1.80 20.16 -20.49
CA LEU C 328 -0.65 20.23 -19.56
C LEU C 328 -0.86 19.20 -18.44
N VAL C 329 -2.07 19.15 -17.88
CA VAL C 329 -2.36 18.26 -16.70
C VAL C 329 -2.26 16.81 -17.13
N HIS C 330 -2.84 16.46 -18.29
CA HIS C 330 -2.98 15.05 -18.72
C HIS C 330 -1.64 14.54 -19.27
N ASP C 331 -0.80 15.42 -19.83
CA ASP C 331 0.54 14.99 -20.31
C ASP C 331 1.56 14.94 -19.17
N SER C 332 1.39 15.75 -18.11
CA SER C 332 2.30 15.68 -16.93
C SER C 332 2.03 14.39 -16.17
N LYS C 333 0.75 14.05 -16.03
CA LYS C 333 0.34 12.82 -15.31
C LYS C 333 0.86 11.58 -16.07
N ASN C 334 0.84 11.54 -17.43
CA ASN C 334 1.22 10.31 -18.19
C ASN C 334 2.69 10.31 -18.61
N SER C 335 3.37 11.46 -18.53
CA SER C 335 4.82 11.58 -18.87
C SER C 335 5.62 11.89 -17.60
N ASP D 5 -20.08 6.59 41.48
CA ASP D 5 -19.53 6.28 40.12
C ASP D 5 -19.72 7.43 39.14
N LYS D 6 -18.80 7.48 38.16
CA LYS D 6 -18.77 8.61 37.20
C LYS D 6 -18.54 8.21 35.74
N LEU D 7 -19.03 9.11 34.92
CA LEU D 7 -19.06 9.05 33.46
C LEU D 7 -17.64 9.27 32.94
N ILE D 8 -17.13 8.31 32.17
CA ILE D 8 -15.73 8.37 31.66
C ILE D 8 -15.75 8.35 30.13
N PHE D 9 -16.88 8.09 29.50
CA PHE D 9 -16.95 8.10 28.02
C PHE D 9 -18.40 8.19 27.57
N ALA D 10 -18.63 8.80 26.42
CA ALA D 10 -19.98 8.81 25.83
C ALA D 10 -19.86 8.81 24.33
N VAL D 11 -20.83 8.17 23.71
CA VAL D 11 -21.03 8.18 22.25
C VAL D 11 -22.47 8.66 22.03
N ASP D 12 -22.64 9.61 21.14
CA ASP D 12 -23.96 10.10 20.69
C ASP D 12 -24.12 9.86 19.21
N ILE D 13 -25.19 9.19 18.86
CA ILE D 13 -25.66 9.21 17.47
C ILE D 13 -26.76 10.24 17.38
N ILE D 14 -26.58 11.23 16.52
CA ILE D 14 -27.58 12.31 16.30
CA ILE D 14 -27.67 12.23 16.34
C ILE D 14 -28.25 12.11 14.94
N ARG D 15 -29.53 12.43 14.84
CA ARG D 15 -30.12 12.59 13.51
C ARG D 15 -29.96 14.07 13.19
N HIS D 16 -29.83 14.40 11.91
CA HIS D 16 -29.78 15.81 11.46
C HIS D 16 -31.10 16.54 11.81
N GLY D 17 -31.07 17.85 11.68
CA GLY D 17 -32.22 18.70 12.03
C GLY D 17 -33.27 18.71 10.94
N ASP D 18 -34.31 19.50 11.15
CA ASP D 18 -35.38 19.74 10.16
C ASP D 18 -34.78 20.03 8.79
N ARG D 19 -35.31 19.39 7.75
CA ARG D 19 -34.75 19.48 6.38
C ARG D 19 -35.83 19.60 5.31
N THR D 20 -35.42 20.00 4.11
CA THR D 20 -36.31 20.09 2.94
C THR D 20 -36.54 18.68 2.37
N PRO D 21 -37.59 18.49 1.53
CA PRO D 21 -37.83 17.19 0.92
C PRO D 21 -36.66 16.73 0.05
N ILE D 22 -36.43 15.43 -0.01
CA ILE D 22 -35.47 14.84 -0.98
C ILE D 22 -36.12 14.90 -2.35
N VAL D 23 -37.40 14.56 -2.41
CA VAL D 23 -38.18 14.46 -3.67
C VAL D 23 -39.23 15.55 -3.65
N ALA D 24 -39.16 16.46 -4.62
CA ALA D 24 -40.18 17.50 -4.82
C ALA D 24 -41.42 16.83 -5.41
N LEU D 25 -42.56 17.45 -5.17
CA LEU D 25 -43.83 17.03 -5.81
C LEU D 25 -43.99 17.78 -7.12
N PRO D 26 -43.89 17.08 -8.25
CA PRO D 26 -44.00 17.72 -9.57
C PRO D 26 -45.22 18.62 -9.77
N THR D 27 -46.34 18.32 -9.14
CA THR D 27 -47.62 19.08 -9.32
C THR D 27 -47.67 20.35 -8.46
N VAL D 28 -46.69 20.57 -7.58
CA VAL D 28 -46.71 21.79 -6.72
C VAL D 28 -45.59 22.72 -7.19
N ASN D 29 -45.96 23.96 -7.53
CA ASN D 29 -45.00 25.02 -7.94
C ASN D 29 -44.55 25.72 -6.67
N TYR D 30 -43.65 25.08 -5.93
CA TYR D 30 -43.06 25.61 -4.69
C TYR D 30 -41.57 25.34 -4.74
N GLN D 31 -40.77 26.39 -4.56
CA GLN D 31 -39.31 26.26 -4.58
C GLN D 31 -38.84 26.16 -3.13
N TRP D 32 -38.13 25.07 -2.83
CA TRP D 32 -37.43 24.95 -1.53
C TRP D 32 -36.16 25.78 -1.63
N GLN D 33 -36.12 26.88 -0.88
CA GLN D 33 -35.08 27.94 -0.99
C GLN D 33 -33.71 27.38 -0.61
N GLU D 34 -33.68 26.39 0.31
CA GLU D 34 -32.41 25.80 0.77
C GLU D 34 -31.89 24.81 -0.29
N GLY D 35 -32.71 24.48 -1.29
CA GLY D 35 -32.42 23.34 -2.18
C GLY D 35 -33.00 22.07 -1.56
N LEU D 36 -33.01 20.97 -2.28
CA LEU D 36 -33.64 19.70 -1.80
C LEU D 36 -32.68 18.95 -0.87
N GLY D 37 -33.26 18.37 0.18
CA GLY D 37 -32.55 17.50 1.13
C GLY D 37 -31.60 18.29 2.00
N GLN D 38 -31.86 19.58 2.20
CA GLN D 38 -30.94 20.48 2.92
C GLN D 38 -31.51 20.84 4.29
N LEU D 39 -30.61 21.09 5.21
CA LEU D 39 -30.87 21.59 6.56
C LEU D 39 -31.46 23.00 6.49
N THR D 40 -32.56 23.23 7.19
CA THR D 40 -33.24 24.54 7.27
C THR D 40 -32.74 25.30 8.52
N ALA D 41 -33.13 26.55 8.63
CA ALA D 41 -32.79 27.41 9.77
C ALA D 41 -33.30 26.74 11.05
N GLU D 42 -34.52 26.23 10.99
CA GLU D 42 -35.16 25.47 12.08
C GLU D 42 -34.26 24.29 12.43
N GLY D 43 -33.73 23.61 11.42
CA GLY D 43 -32.87 22.43 11.67
C GLY D 43 -31.60 22.81 12.38
N MET D 44 -31.01 23.92 11.98
CA MET D 44 -29.76 24.37 12.60
C MET D 44 -30.08 24.68 14.07
N GLN D 45 -31.15 25.42 14.34
CA GLN D 45 -31.41 25.83 15.72
C GLN D 45 -31.75 24.61 16.59
N GLN D 46 -32.45 23.63 16.04
CA GLN D 46 -32.75 22.38 16.78
C GLN D 46 -31.46 21.72 17.25
N GLU D 47 -30.47 21.66 16.37
CA GLU D 47 -29.17 20.99 16.65
C GLU D 47 -28.38 21.80 17.67
N TYR D 48 -28.33 23.10 17.46
CA TYR D 48 -27.66 24.06 18.38
C TYR D 48 -28.20 23.86 19.80
N LYS D 49 -29.53 23.80 19.92
CA LYS D 49 -30.18 23.67 21.25
C LYS D 49 -29.81 22.33 21.86
N MET D 50 -29.67 21.31 21.03
CA MET D 50 -29.20 20.00 21.56
C MET D 50 -27.76 20.12 22.03
N GLY D 51 -26.92 20.85 21.29
CA GLY D 51 -25.53 21.08 21.68
C GLY D 51 -25.48 21.80 23.01
N VAL D 52 -26.38 22.77 23.20
CA VAL D 52 -26.45 23.53 24.48
C VAL D 52 -26.77 22.55 25.61
N ALA D 53 -27.66 21.57 25.39
CA ALA D 53 -28.01 20.58 26.44
C ALA D 53 -26.81 19.66 26.69
N PHE D 54 -26.11 19.31 25.62
CA PHE D 54 -24.91 18.44 25.75
C PHE D 54 -23.88 19.16 26.62
N ARG D 55 -23.69 20.44 26.38
CA ARG D 55 -22.70 21.21 27.16
C ARG D 55 -23.11 21.14 28.64
N LYS D 56 -24.38 21.37 28.95
CA LYS D 56 -24.82 21.28 30.36
C LYS D 56 -24.44 19.90 30.92
N LYS D 57 -24.70 18.83 30.17
CA LYS D 57 -24.47 17.45 30.68
C LYS D 57 -22.96 17.09 30.74
N TYR D 58 -22.21 17.26 29.64
CA TYR D 58 -20.82 16.72 29.53
C TYR D 58 -19.78 17.69 30.09
N ILE D 59 -20.11 18.97 30.19
CA ILE D 59 -19.12 20.00 30.62
C ILE D 59 -19.50 20.60 31.98
N GLU D 60 -20.72 21.09 32.12
CA GLU D 60 -21.10 21.85 33.34
C GLU D 60 -21.49 20.87 34.45
N GLU D 61 -22.12 19.75 34.14
CA GLU D 61 -22.59 18.81 35.20
C GLU D 61 -21.57 17.70 35.47
N SER D 62 -21.03 17.04 34.45
CA SER D 62 -20.24 15.78 34.63
C SER D 62 -18.73 16.03 34.58
N HIS D 63 -18.29 17.11 33.95
CA HIS D 63 -16.85 17.38 33.70
C HIS D 63 -16.22 16.28 32.84
N LEU D 64 -16.98 15.65 31.96
CA LEU D 64 -16.44 14.68 30.98
C LEU D 64 -15.57 15.43 29.97
N LEU D 65 -16.01 16.61 29.58
CA LEU D 65 -15.29 17.41 28.58
C LEU D 65 -14.82 18.70 29.21
N PRO D 66 -13.70 19.26 28.72
CA PRO D 66 -13.26 20.55 29.22
C PRO D 66 -14.23 21.65 28.79
N GLU D 67 -14.20 22.73 29.56
CA GLU D 67 -15.03 23.93 29.37
C GLU D 67 -14.75 24.54 27.99
N HIS D 68 -13.52 24.42 27.52
CA HIS D 68 -13.08 24.99 26.23
C HIS D 68 -12.59 23.83 25.39
N TYR D 69 -12.82 23.88 24.09
CA TYR D 69 -12.47 22.76 23.21
C TYR D 69 -10.99 22.44 23.36
N GLU D 70 -10.72 21.15 23.55
CA GLU D 70 -9.37 20.61 23.62
C GLU D 70 -9.24 19.48 22.60
N TYR D 71 -8.33 19.64 21.65
CA TYR D 71 -8.10 18.60 20.62
C TYR D 71 -7.78 17.28 21.33
N GLY D 72 -8.32 16.19 20.81
CA GLY D 72 -8.06 14.84 21.33
C GLY D 72 -9.14 14.37 22.30
N THR D 73 -9.94 15.25 22.89
CA THR D 73 -11.01 14.89 23.87
C THR D 73 -12.29 14.46 23.18
N ILE D 74 -12.54 14.97 21.96
CA ILE D 74 -13.81 14.66 21.22
CA ILE D 74 -13.81 14.73 21.20
C ILE D 74 -13.49 14.21 19.81
N TYR D 75 -14.35 13.35 19.27
CA TYR D 75 -14.24 12.98 17.86
C TYR D 75 -15.62 13.08 17.25
N VAL D 76 -15.71 13.90 16.23
CA VAL D 76 -16.99 14.20 15.57
C VAL D 76 -16.90 13.63 14.16
N ARG D 77 -17.82 12.74 13.85
CA ARG D 77 -17.84 12.08 12.54
C ARG D 77 -19.23 12.26 11.94
N SER D 78 -19.26 12.66 10.69
CA SER D 78 -20.53 12.89 9.99
C SER D 78 -20.57 11.98 8.77
N THR D 79 -21.78 11.62 8.34
CA THR D 79 -21.95 11.06 6.99
C THR D 79 -21.62 12.14 5.97
N ASP D 80 -21.52 11.73 4.71
CA ASP D 80 -21.07 12.55 3.56
C ASP D 80 -22.21 13.42 3.00
N TYR D 81 -22.99 14.06 3.86
CA TYR D 81 -24.12 14.90 3.39
C TYR D 81 -24.04 16.30 4.01
N ALA D 82 -24.43 17.29 3.22
CA ALA D 82 -24.52 18.69 3.66
C ALA D 82 -25.32 18.78 4.98
N ARG D 83 -26.45 18.09 5.04
CA ARG D 83 -27.38 18.23 6.17
C ARG D 83 -26.80 17.61 7.44
N THR D 84 -26.02 16.54 7.34
CA THR D 84 -25.38 15.95 8.53
C THR D 84 -24.17 16.76 8.92
N LEU D 85 -23.38 17.21 7.96
CA LEU D 85 -22.21 18.06 8.27
C LEU D 85 -22.66 19.36 8.96
N MET D 86 -23.67 20.01 8.40
CA MET D 86 -24.17 21.30 8.91
C MET D 86 -24.88 21.12 10.26
N SER D 87 -25.48 19.95 10.48
CA SER D 87 -26.12 19.59 11.75
C SER D 87 -25.06 19.43 12.84
N ALA D 88 -23.93 18.79 12.50
CA ALA D 88 -22.82 18.60 13.45
C ALA D 88 -22.28 19.97 13.84
N GLN D 89 -22.06 20.82 12.85
CA GLN D 89 -21.44 22.14 13.05
C GLN D 89 -22.38 23.01 13.91
N SER D 90 -23.69 22.88 13.69
CA SER D 90 -24.73 23.64 14.44
C SER D 90 -24.72 23.14 15.87
N LEU D 91 -24.71 21.83 16.03
CA LEU D 91 -24.71 21.27 17.38
C LEU D 91 -23.44 21.69 18.12
N LEU D 92 -22.27 21.61 17.47
CA LEU D 92 -21.00 21.92 18.16
C LEU D 92 -20.99 23.40 18.56
N MET D 93 -21.72 24.22 17.84
CA MET D 93 -21.86 25.65 18.20
C MET D 93 -22.59 25.77 19.55
N GLY D 94 -23.43 24.81 19.91
CA GLY D 94 -24.07 24.71 21.22
C GLY D 94 -23.12 24.13 22.25
N LEU D 95 -22.38 23.09 21.87
CA LEU D 95 -21.49 22.39 22.81
C LEU D 95 -20.34 23.32 23.22
N TYR D 96 -19.76 23.98 22.24
CA TYR D 96 -18.65 24.95 22.45
C TYR D 96 -19.03 26.26 21.80
N PRO D 97 -19.82 27.07 22.53
CA PRO D 97 -20.45 28.25 21.95
C PRO D 97 -19.55 29.45 21.79
N PRO D 98 -19.99 30.44 20.97
CA PRO D 98 -19.31 31.71 20.87
C PRO D 98 -19.11 32.30 22.27
N GLY D 99 -17.90 32.80 22.54
CA GLY D 99 -17.49 33.23 23.89
C GLY D 99 -16.55 32.24 24.54
N THR D 100 -16.43 31.03 24.00
CA THR D 100 -15.47 30.04 24.53
C THR D 100 -14.36 29.82 23.54
N GLY D 101 -14.43 30.45 22.38
CA GLY D 101 -13.45 30.24 21.30
C GLY D 101 -12.17 30.96 21.66
N PRO D 102 -11.07 30.66 20.95
CA PRO D 102 -9.77 31.12 21.39
C PRO D 102 -9.52 32.61 21.11
N THR D 103 -8.56 33.11 21.86
CA THR D 103 -8.15 34.53 21.86
C THR D 103 -6.70 34.59 21.36
N ILE D 104 -6.37 35.62 20.60
CA ILE D 104 -4.99 35.89 20.13
C ILE D 104 -4.25 36.58 21.28
N PRO D 105 -2.89 36.60 21.25
CA PRO D 105 -2.12 37.22 22.34
C PRO D 105 -2.59 38.62 22.76
N ALA D 106 -3.02 39.47 21.81
CA ALA D 106 -3.55 40.83 22.08
C ALA D 106 -4.80 40.75 22.97
N GLY D 107 -5.39 39.58 23.13
CA GLY D 107 -6.53 39.39 24.04
C GLY D 107 -7.87 39.45 23.31
N THR D 108 -7.91 39.91 22.07
CA THR D 108 -9.15 39.85 21.27
C THR D 108 -9.35 38.43 20.73
N SER D 109 -10.59 38.11 20.44
CA SER D 109 -11.01 36.77 19.97
C SER D 109 -10.48 36.54 18.55
N ALA D 110 -10.01 35.33 18.28
CA ALA D 110 -9.49 34.92 16.96
C ALA D 110 -10.54 35.13 15.88
N LEU D 111 -11.80 34.83 16.17
CA LEU D 111 -12.92 34.94 15.21
C LEU D 111 -14.00 35.81 15.81
N PRO D 112 -14.88 36.38 14.94
CA PRO D 112 -16.00 37.17 15.43
C PRO D 112 -16.75 36.47 16.57
N HIS D 113 -17.02 37.19 17.66
CA HIS D 113 -17.86 36.73 18.79
C HIS D 113 -17.22 35.52 19.48
N ALA D 114 -15.92 35.34 19.32
CA ALA D 114 -15.12 34.26 19.92
C ALA D 114 -15.74 32.89 19.59
N PHE D 115 -16.14 32.68 18.34
CA PHE D 115 -16.60 31.37 17.82
CA PHE D 115 -16.64 31.36 17.87
C PHE D 115 -15.51 30.32 18.02
N GLN D 116 -15.89 29.06 18.23
CA GLN D 116 -14.93 27.95 18.40
C GLN D 116 -15.08 26.98 17.24
N PRO D 117 -14.12 26.97 16.30
CA PRO D 117 -14.10 25.94 15.28
C PRO D 117 -13.86 24.55 15.86
N ILE D 118 -14.55 23.58 15.29
CA ILE D 118 -14.37 22.18 15.73
C ILE D 118 -14.37 21.33 14.48
N PRO D 119 -13.34 20.49 14.30
CA PRO D 119 -13.28 19.64 13.11
C PRO D 119 -14.44 18.64 13.17
N VAL D 120 -15.14 18.57 12.06
CA VAL D 120 -16.13 17.51 11.80
C VAL D 120 -15.60 16.65 10.66
N PHE D 121 -15.15 15.44 11.01
CA PHE D 121 -14.56 14.50 10.02
C PHE D 121 -15.67 13.75 9.33
N SER D 122 -15.36 13.21 8.17
CA SER D 122 -16.37 12.59 7.29
C SER D 122 -15.73 11.51 6.41
N ALA D 123 -16.57 10.74 5.73
CA ALA D 123 -16.12 9.85 4.63
C ALA D 123 -17.24 9.65 3.64
N PRO D 124 -16.92 9.45 2.34
CA PRO D 124 -17.94 9.11 1.36
C PRO D 124 -18.64 7.83 1.82
N SER D 125 -19.93 7.74 1.54
CA SER D 125 -20.82 6.66 2.02
C SER D 125 -20.26 5.31 1.55
N LYS D 126 -19.67 5.30 0.35
CA LYS D 126 -19.07 4.07 -0.23
C LYS D 126 -17.79 3.68 0.52
N TYR D 127 -17.10 4.62 1.16
CA TYR D 127 -15.81 4.36 1.84
C TYR D 127 -15.88 4.63 3.34
N ASP D 128 -17.04 4.48 3.94
CA ASP D 128 -17.22 4.83 5.37
C ASP D 128 -16.94 3.59 6.20
N GLU D 129 -15.88 3.61 6.99
CA GLU D 129 -15.55 2.50 7.91
C GLU D 129 -16.35 2.62 9.21
N VAL D 130 -17.03 3.73 9.47
CA VAL D 130 -17.60 3.95 10.83
C VAL D 130 -19.12 3.82 10.81
N ILE D 131 -19.79 4.70 10.08
CA ILE D 131 -21.27 4.84 10.21
C ILE D 131 -21.97 4.01 9.12
N ILE D 132 -21.75 4.33 7.86
CA ILE D 132 -22.60 3.79 6.76
C ILE D 132 -22.09 2.41 6.28
N GLN D 133 -22.98 1.44 6.31
CA GLN D 133 -22.75 0.13 5.69
C GLN D 133 -23.39 0.16 4.31
N GLN D 134 -22.60 0.05 3.26
CA GLN D 134 -23.15 0.06 1.89
C GLN D 134 -23.70 -1.33 1.60
N VAL D 135 -24.94 -1.34 1.14
CA VAL D 135 -25.64 -2.57 0.75
C VAL D 135 -26.12 -2.36 -0.68
N ASP D 136 -25.77 -3.26 -1.58
CA ASP D 136 -26.17 -3.10 -3.00
C ASP D 136 -27.70 -3.09 -3.06
N ARG D 137 -28.27 -2.27 -3.94
CA ARG D 137 -29.73 -1.97 -3.94
C ARG D 137 -30.52 -3.25 -4.25
N LYS D 138 -29.93 -4.14 -5.05
CA LYS D 138 -30.51 -5.46 -5.39
C LYS D 138 -30.50 -6.35 -4.15
N GLU D 139 -29.43 -6.31 -3.36
CA GLU D 139 -29.34 -7.10 -2.09
C GLU D 139 -30.36 -6.53 -1.11
N ARG D 140 -30.58 -5.22 -1.15
CA ARG D 140 -31.59 -4.57 -0.29
C ARG D 140 -32.98 -5.09 -0.65
N GLU D 141 -33.29 -5.19 -1.94
CA GLU D 141 -34.66 -5.58 -2.36
C GLU D 141 -34.92 -7.04 -1.95
N LYS D 142 -33.88 -7.88 -1.94
CA LYS D 142 -34.00 -9.29 -1.46
C LYS D 142 -34.40 -9.25 0.02
N LEU D 143 -33.67 -8.47 0.84
CA LEU D 143 -33.96 -8.33 2.29
C LEU D 143 -35.38 -7.79 2.46
N MET D 144 -35.74 -6.78 1.69
CA MET D 144 -37.10 -6.16 1.78
C MET D 144 -38.17 -7.22 1.44
N GLU D 145 -37.94 -8.02 0.40
CA GLU D 145 -38.89 -9.09 -0.02
C GLU D 145 -38.92 -10.24 1.01
N GLN D 146 -37.81 -10.52 1.69
CA GLN D 146 -37.76 -11.62 2.68
C GLN D 146 -38.38 -11.19 4.00
N TYR D 147 -38.10 -9.98 4.49
CA TYR D 147 -38.46 -9.60 5.89
C TYR D 147 -39.49 -8.49 6.01
N VAL D 148 -39.74 -7.71 4.96
CA VAL D 148 -40.62 -6.51 5.10
C VAL D 148 -41.86 -6.65 4.24
N PHE D 149 -41.68 -6.85 2.94
CA PHE D 149 -42.83 -6.89 1.99
C PHE D 149 -43.62 -8.16 2.24
N SER D 150 -42.94 -9.21 2.72
CA SER D 150 -43.54 -10.55 2.91
C SER D 150 -44.55 -10.55 4.06
N THR D 151 -44.47 -9.63 5.02
CA THR D 151 -45.32 -9.74 6.24
C THR D 151 -46.79 -9.57 5.82
N ARG D 152 -47.71 -10.05 6.65
CA ARG D 152 -49.17 -9.99 6.41
C ARG D 152 -49.60 -8.53 6.51
N GLU D 153 -49.06 -7.80 7.49
CA GLU D 153 -49.43 -6.39 7.72
C GLU D 153 -49.03 -5.56 6.49
N TRP D 154 -47.85 -5.79 5.90
CA TRP D 154 -47.40 -5.01 4.73
C TRP D 154 -48.34 -5.32 3.55
N GLN D 155 -48.60 -6.60 3.33
CA GLN D 155 -49.47 -7.03 2.23
C GLN D 155 -50.86 -6.43 2.41
N GLN D 156 -51.38 -6.50 3.63
CA GLN D 156 -52.73 -5.98 3.96
C GLN D 156 -52.81 -4.45 3.80
N LYS D 157 -51.80 -3.71 4.26
CA LYS D 157 -51.85 -2.23 4.18
C LYS D 157 -51.79 -1.84 2.69
N ASN D 158 -50.94 -2.50 1.93
CA ASN D 158 -50.79 -2.22 0.49
C ASN D 158 -52.11 -2.51 -0.24
N ASN D 159 -52.79 -3.59 0.14
CA ASN D 159 -54.03 -4.03 -0.54
C ASN D 159 -55.14 -3.02 -0.24
N GLU D 160 -55.18 -2.47 0.96
CA GLU D 160 -56.17 -1.42 1.37
C GLU D 160 -55.99 -0.14 0.56
N LEU D 161 -54.76 0.20 0.15
CA LEU D 161 -54.44 1.55 -0.41
C LEU D 161 -54.33 1.50 -1.93
N LYS D 162 -54.06 0.33 -2.52
CA LYS D 162 -53.51 0.28 -3.90
C LYS D 162 -54.53 0.79 -4.92
N ASP D 163 -55.83 0.74 -4.62
CA ASP D 163 -56.86 1.26 -5.54
C ASP D 163 -56.67 2.77 -5.75
N LYS D 164 -56.20 3.48 -4.71
CA LYS D 164 -56.04 4.95 -4.72
C LYS D 164 -54.70 5.36 -5.36
N TYR D 165 -53.82 4.40 -5.67
CA TYR D 165 -52.46 4.71 -6.17
C TYR D 165 -52.49 5.49 -7.47
N PRO D 166 -53.25 5.07 -8.53
CA PRO D 166 -53.26 5.83 -9.77
C PRO D 166 -53.69 7.30 -9.59
N LEU D 167 -54.72 7.53 -8.78
CA LEU D 167 -55.24 8.88 -8.50
C LEU D 167 -54.19 9.70 -7.73
N TRP D 168 -53.64 9.10 -6.66
CA TRP D 168 -52.61 9.73 -5.81
C TRP D 168 -51.36 9.99 -6.64
N SER D 169 -51.04 9.13 -7.61
CA SER D 169 -49.89 9.32 -8.52
C SER D 169 -50.10 10.59 -9.34
N ARG D 170 -51.31 10.76 -9.86
CA ARG D 170 -51.66 11.91 -10.73
C ARG D 170 -51.64 13.20 -9.92
N LEU D 171 -52.26 13.19 -8.74
CA LEU D 171 -52.43 14.41 -7.92
C LEU D 171 -51.08 14.86 -7.35
N THR D 172 -50.18 13.92 -7.04
CA THR D 172 -48.86 14.27 -6.46
C THR D 172 -47.81 14.39 -7.54
N GLY D 173 -48.00 13.69 -8.65
CA GLY D 173 -47.06 13.71 -9.79
C GLY D 173 -45.90 12.74 -9.62
N ILE D 174 -45.89 11.90 -8.59
CA ILE D 174 -44.86 10.84 -8.53
C ILE D 174 -45.59 9.51 -8.73
N ASN D 175 -44.95 8.57 -9.44
CA ASN D 175 -45.57 7.25 -9.75
C ASN D 175 -45.55 6.38 -8.49
N ILE D 176 -46.72 5.85 -8.12
CA ILE D 176 -46.90 4.98 -6.93
C ILE D 176 -47.44 3.62 -7.38
N ASP D 177 -46.62 2.57 -7.30
CA ASP D 177 -47.05 1.19 -7.66
C ASP D 177 -47.11 0.28 -6.43
N ASN D 178 -46.67 0.76 -5.26
CA ASN D 178 -46.61 -0.08 -4.05
C ASN D 178 -46.47 0.81 -2.81
N LEU D 179 -46.51 0.17 -1.64
CA LEU D 179 -46.44 0.87 -0.34
C LEU D 179 -45.11 1.61 -0.20
N GLY D 180 -44.04 1.09 -0.80
CA GLY D 180 -42.69 1.71 -0.76
C GLY D 180 -42.65 3.05 -1.49
N ASP D 181 -43.31 3.13 -2.65
CA ASP D 181 -43.41 4.37 -3.44
C ASP D 181 -44.21 5.37 -2.61
N LEU D 182 -45.34 4.93 -2.04
CA LEU D 182 -46.24 5.81 -1.27
C LEU D 182 -45.45 6.41 -0.11
N GLU D 183 -44.54 5.62 0.47
CA GLU D 183 -43.72 6.02 1.64
C GLU D 183 -42.99 7.33 1.32
N THR D 184 -42.34 7.36 0.17
CA THR D 184 -41.60 8.57 -0.30
C THR D 184 -42.55 9.78 -0.37
N VAL D 185 -43.73 9.58 -0.94
CA VAL D 185 -44.73 10.67 -1.08
C VAL D 185 -45.08 11.22 0.29
N GLY D 186 -45.41 10.32 1.21
CA GLY D 186 -45.88 10.71 2.56
C GLY D 186 -44.82 11.47 3.33
N HIS D 187 -43.55 11.11 3.19
CA HIS D 187 -42.43 11.87 3.81
C HIS D 187 -42.43 13.29 3.26
N THR D 188 -42.52 13.42 1.94
CA THR D 188 -42.51 14.76 1.30
C THR D 188 -43.74 15.54 1.74
N LEU D 189 -44.91 14.91 1.72
CA LEU D 189 -46.18 15.58 2.13
C LEU D 189 -46.05 16.05 3.57
N TYR D 190 -45.44 15.23 4.40
CA TYR D 190 -45.23 15.57 5.82
C TYR D 190 -44.37 16.83 5.94
N ILE D 191 -43.28 16.89 5.17
CA ILE D 191 -42.39 18.08 5.20
C ILE D 191 -43.15 19.31 4.65
N HIS D 192 -44.02 19.13 3.66
CA HIS D 192 -44.86 20.23 3.13
C HIS D 192 -45.73 20.75 4.26
N GLN D 193 -46.32 19.84 5.00
CA GLN D 193 -47.26 20.19 6.08
C GLN D 193 -46.57 21.00 7.17
N ILE D 194 -45.43 20.54 7.69
CA ILE D 194 -44.78 21.23 8.84
C ILE D 194 -44.25 22.59 8.40
N HIS D 195 -43.91 22.79 7.12
CA HIS D 195 -43.47 24.13 6.66
C HIS D 195 -44.65 24.93 6.09
N ASN D 196 -45.87 24.41 6.20
CA ASN D 196 -47.08 25.05 5.62
C ASN D 196 -46.82 25.43 4.16
N ALA D 197 -46.14 24.56 3.42
CA ALA D 197 -45.99 24.68 1.96
C ALA D 197 -47.29 24.21 1.33
N PRO D 198 -47.64 24.71 0.13
CA PRO D 198 -48.86 24.29 -0.55
C PRO D 198 -48.91 22.78 -0.83
N MET D 199 -50.07 22.21 -0.58
CA MET D 199 -50.36 20.79 -0.85
C MET D 199 -50.90 20.64 -2.28
N PRO D 200 -50.72 19.44 -2.90
CA PRO D 200 -51.16 19.22 -4.28
C PRO D 200 -52.65 19.50 -4.45
N GLU D 201 -53.01 20.16 -5.55
CA GLU D 201 -54.39 20.56 -5.89
C GLU D 201 -55.25 19.30 -6.04
N GLY D 202 -56.39 19.28 -5.36
CA GLY D 202 -57.36 18.18 -5.47
C GLY D 202 -57.14 17.08 -4.45
N LEU D 203 -55.96 16.96 -3.83
CA LEU D 203 -55.68 15.86 -2.85
C LEU D 203 -56.41 16.17 -1.55
N ALA D 204 -57.39 15.35 -1.18
CA ALA D 204 -58.19 15.56 0.04
C ALA D 204 -57.26 15.53 1.27
N SER D 205 -57.58 16.31 2.29
CA SER D 205 -56.81 16.40 3.56
C SER D 205 -56.79 15.05 4.26
N ASN D 206 -57.90 14.32 4.18
CA ASN D 206 -58.00 12.98 4.81
C ASN D 206 -57.08 11.99 4.09
N ASP D 207 -56.91 12.14 2.77
CA ASP D 207 -55.96 11.32 1.99
C ASP D 207 -54.54 11.70 2.38
N ILE D 208 -54.28 13.00 2.57
CA ILE D 208 -52.94 13.52 2.97
C ILE D 208 -52.57 12.88 4.31
N GLU D 209 -53.45 12.96 5.30
CA GLU D 209 -53.19 12.31 6.62
C GLU D 209 -52.95 10.81 6.40
N THR D 210 -53.74 10.13 5.57
CA THR D 210 -53.62 8.67 5.37
C THR D 210 -52.25 8.32 4.78
N ILE D 211 -51.79 9.10 3.81
CA ILE D 211 -50.51 8.84 3.11
C ILE D 211 -49.34 9.03 4.07
N ILE D 212 -49.41 10.07 4.89
CA ILE D 212 -48.36 10.45 5.88
C ILE D 212 -48.26 9.33 6.91
N ASN D 213 -49.39 8.94 7.48
CA ASN D 213 -49.44 7.86 8.50
C ASN D 213 -48.89 6.57 7.89
N SER D 214 -49.27 6.28 6.65
CA SER D 214 -48.81 5.08 5.90
C SER D 214 -47.30 5.17 5.73
N ALA D 215 -46.81 6.32 5.30
CA ALA D 215 -45.39 6.49 4.98
C ALA D 215 -44.61 6.17 6.24
N GLU D 216 -45.09 6.68 7.35
CA GLU D 216 -44.37 6.47 8.61
C GLU D 216 -44.42 4.99 9.01
N TRP D 217 -45.60 4.41 8.99
CA TRP D 217 -45.75 2.97 9.31
C TRP D 217 -44.79 2.17 8.44
N ALA D 218 -44.75 2.47 7.15
CA ALA D 218 -43.88 1.77 6.18
C ALA D 218 -42.40 1.91 6.57
N PHE D 219 -42.02 3.11 6.97
CA PHE D 219 -40.63 3.43 7.39
C PHE D 219 -40.25 2.53 8.58
N MET D 220 -41.09 2.49 9.59
CA MET D 220 -40.89 1.63 10.78
C MET D 220 -40.83 0.15 10.38
N ALA D 221 -41.69 -0.28 9.45
CA ALA D 221 -41.77 -1.68 8.95
C ALA D 221 -40.44 -2.07 8.28
N GLN D 222 -39.80 -1.14 7.59
CA GLN D 222 -38.53 -1.44 6.88
C GLN D 222 -37.38 -1.58 7.88
N GLU D 223 -37.48 -0.89 9.01
CA GLU D 223 -36.36 -0.81 9.99
C GLU D 223 -36.47 -1.92 11.03
N LYS D 224 -37.69 -2.38 11.36
CA LYS D 224 -37.88 -3.22 12.58
C LYS D 224 -37.21 -4.61 12.49
N PRO D 225 -37.12 -5.31 11.33
CA PRO D 225 -36.61 -6.69 11.38
C PRO D 225 -35.13 -6.73 11.78
N GLN D 226 -34.82 -7.55 12.78
CA GLN D 226 -33.47 -7.60 13.38
C GLN D 226 -32.47 -8.08 12.34
N GLN D 227 -32.91 -8.88 11.36
CA GLN D 227 -32.00 -9.39 10.29
C GLN D 227 -31.48 -8.19 9.46
N ILE D 228 -32.35 -7.23 9.15
CA ILE D 228 -31.98 -6.04 8.33
C ILE D 228 -31.08 -5.11 9.16
N ALA D 229 -31.44 -4.86 10.41
CA ALA D 229 -30.67 -4.05 11.37
C ALA D 229 -29.27 -4.63 11.52
N ASN D 230 -29.13 -5.95 11.56
CA ASN D 230 -27.79 -6.58 11.68
C ASN D 230 -26.99 -6.29 10.42
N VAL D 231 -27.64 -6.26 9.27
CA VAL D 231 -26.94 -6.00 7.98
C VAL D 231 -26.45 -4.56 7.94
N TYR D 232 -27.32 -3.60 8.23
CA TYR D 232 -27.02 -2.15 8.08
C TYR D 232 -26.26 -1.61 9.29
N SER D 233 -26.44 -2.16 10.49
CA SER D 233 -25.93 -1.54 11.74
C SER D 233 -24.81 -2.34 12.41
N SER D 234 -24.43 -3.51 11.91
CA SER D 234 -23.36 -4.32 12.58
C SER D 234 -22.08 -3.49 12.63
N LYS D 235 -21.76 -2.83 11.52
CA LYS D 235 -20.49 -2.08 11.46
C LYS D 235 -20.53 -0.92 12.45
N LEU D 236 -21.58 -0.08 12.41
CA LEU D 236 -21.66 1.06 13.34
C LEU D 236 -21.55 0.57 14.79
N MET D 237 -22.33 -0.44 15.14
CA MET D 237 -22.41 -0.97 16.53
C MET D 237 -21.08 -1.57 16.96
N THR D 238 -20.35 -2.21 16.04
CA THR D 238 -19.00 -2.74 16.30
C THR D 238 -18.06 -1.59 16.66
N ASN D 239 -18.13 -0.50 15.90
CA ASN D 239 -17.31 0.72 16.17
C ASN D 239 -17.75 1.35 17.49
N ILE D 240 -19.03 1.44 17.74
CA ILE D 240 -19.50 2.05 19.01
C ILE D 240 -18.98 1.21 20.18
N ALA D 241 -19.10 -0.11 20.05
CA ALA D 241 -18.64 -1.06 21.09
C ALA D 241 -17.14 -0.89 21.32
N ASP D 242 -16.37 -0.80 20.23
CA ASP D 242 -14.91 -0.56 20.31
C ASP D 242 -14.62 0.82 20.91
N TYR D 243 -15.34 1.89 20.58
CA TYR D 243 -15.09 3.20 21.24
C TYR D 243 -15.32 3.05 22.76
N LEU D 244 -16.40 2.39 23.17
CA LEU D 244 -16.76 2.22 24.61
C LEU D 244 -15.68 1.39 25.30
N ASN D 245 -15.19 0.37 24.61
CA ASN D 245 -14.16 -0.54 25.15
C ASN D 245 -12.86 0.23 25.39
N SER D 246 -12.45 1.04 24.40
CA SER D 246 -11.24 1.91 24.45
C SER D 246 -11.39 2.92 25.59
N GLY D 247 -12.60 3.47 25.75
CA GLY D 247 -12.90 4.39 26.86
C GLY D 247 -12.63 3.74 28.20
N SER D 248 -13.01 2.48 28.39
CA SER D 248 -12.88 1.77 29.70
C SER D 248 -11.40 1.57 30.08
N MET D 249 -10.52 1.50 29.09
CA MET D 249 -9.07 1.36 29.27
C MET D 249 -8.40 2.69 29.60
N LYS D 250 -9.05 3.82 29.27
CA LYS D 250 -8.63 5.18 29.69
C LYS D 250 -7.18 5.42 29.22
N LYS D 251 -6.84 4.89 28.07
CA LYS D 251 -5.46 4.95 27.52
C LYS D 251 -5.30 6.23 26.69
N SER D 252 -6.42 6.84 26.30
CA SER D 252 -6.46 8.00 25.39
C SER D 252 -7.10 9.19 26.12
N LYS D 253 -6.90 10.38 25.59
CA LYS D 253 -7.61 11.60 26.04
C LYS D 253 -9.04 11.60 25.49
N LEU D 254 -9.35 10.71 24.54
CA LEU D 254 -10.70 10.69 23.93
C LEU D 254 -11.77 10.41 25.00
N LYS D 255 -12.76 11.29 25.10
CA LYS D 255 -13.85 11.14 26.09
C LYS D 255 -15.21 11.10 25.42
N TYR D 256 -15.31 11.53 24.16
CA TYR D 256 -16.64 11.78 23.57
C TYR D 256 -16.60 11.58 22.07
N VAL D 257 -17.48 10.74 21.59
CA VAL D 257 -17.63 10.52 20.14
C VAL D 257 -19.04 10.97 19.74
N LEU D 258 -19.12 11.83 18.72
CA LEU D 258 -20.38 12.32 18.16
C LEU D 258 -20.50 11.86 16.72
N LEU D 259 -21.58 11.15 16.43
CA LEU D 259 -21.81 10.64 15.07
C LEU D 259 -23.04 11.32 14.50
N SER D 260 -22.85 12.11 13.44
CA SER D 260 -23.98 12.82 12.78
C SER D 260 -24.67 11.87 11.79
N ALA D 261 -25.55 11.00 12.29
CA ALA D 261 -26.27 10.02 11.45
C ALA D 261 -27.63 10.60 11.02
N HIS D 262 -28.53 9.74 10.54
CA HIS D 262 -29.88 10.18 10.09
C HIS D 262 -30.96 9.43 10.87
N ASP D 263 -32.18 9.40 10.33
CA ASP D 263 -33.33 8.72 10.98
C ASP D 263 -33.15 7.21 10.82
N THR D 264 -32.66 6.76 9.67
CA THR D 264 -32.47 5.33 9.38
C THR D 264 -31.38 4.81 10.30
N THR D 265 -30.37 5.61 10.58
CA THR D 265 -29.27 5.24 11.50
C THR D 265 -29.82 5.01 12.91
N ILE D 266 -30.66 5.91 13.39
CA ILE D 266 -31.23 5.80 14.75
C ILE D 266 -32.21 4.63 14.82
N ALA D 267 -33.06 4.46 13.81
CA ALA D 267 -34.09 3.41 13.81
C ALA D 267 -33.40 2.05 13.75
N SER D 268 -32.38 1.95 12.91
CA SER D 268 -31.66 0.70 12.68
C SER D 268 -30.88 0.30 13.95
N VAL D 269 -30.27 1.27 14.63
CA VAL D 269 -29.51 0.97 15.87
C VAL D 269 -30.48 0.44 16.93
N LEU D 270 -31.64 1.08 17.11
CA LEU D 270 -32.60 0.64 18.14
C LEU D 270 -33.17 -0.72 17.76
N SER D 271 -33.43 -0.92 16.48
CA SER D 271 -33.91 -2.25 16.01
C SER D 271 -32.81 -3.30 16.27
N PHE D 272 -31.55 -2.93 16.06
CA PHE D 272 -30.40 -3.82 16.31
C PHE D 272 -30.33 -4.23 17.78
N LEU D 273 -30.68 -3.33 18.70
CA LEU D 273 -30.62 -3.62 20.16
C LEU D 273 -31.88 -4.35 20.64
N GLY D 274 -32.80 -4.69 19.74
CA GLY D 274 -34.05 -5.39 20.08
C GLY D 274 -35.09 -4.45 20.64
N ALA D 275 -34.99 -3.14 20.37
CA ALA D 275 -36.00 -2.14 20.77
C ALA D 275 -36.39 -1.28 19.58
N PRO D 276 -36.97 -1.86 18.50
CA PRO D 276 -37.32 -1.10 17.31
C PRO D 276 -38.39 -0.05 17.62
N LEU D 277 -38.33 1.09 16.94
CA LEU D 277 -39.21 2.25 17.26
C LEU D 277 -40.64 1.97 16.85
N GLU D 278 -41.58 2.49 17.62
CA GLU D 278 -43.01 2.60 17.27
C GLU D 278 -43.21 3.83 16.38
N LYS D 279 -42.54 4.93 16.71
CA LYS D 279 -42.71 6.23 16.03
C LYS D 279 -41.38 6.62 15.37
N SER D 280 -41.45 7.22 14.19
CA SER D 280 -40.29 7.70 13.40
C SER D 280 -39.50 8.69 14.27
N PRO D 281 -38.15 8.66 14.17
CA PRO D 281 -37.31 9.51 14.99
C PRO D 281 -37.60 10.98 14.64
N PRO D 282 -37.93 11.82 15.64
CA PRO D 282 -38.00 13.25 15.40
C PRO D 282 -36.66 13.86 14.97
N TYR D 283 -36.74 15.05 14.39
CA TYR D 283 -35.54 15.81 14.00
C TYR D 283 -34.68 16.05 15.24
N ALA D 284 -33.36 15.98 15.04
CA ALA D 284 -32.35 16.18 16.10
C ALA D 284 -32.55 15.12 17.17
N SER D 285 -32.99 13.92 16.79
CA SER D 285 -33.05 12.77 17.72
C SER D 285 -31.61 12.37 18.08
N ASN D 286 -31.50 11.68 19.20
CA ASN D 286 -30.19 11.30 19.76
C ASN D 286 -30.29 9.88 20.34
N VAL D 287 -29.37 9.01 19.96
CA VAL D 287 -29.13 7.77 20.73
C VAL D 287 -27.81 7.95 21.50
N ASN D 288 -27.87 7.82 22.81
CA ASN D 288 -26.69 8.04 23.68
C ASN D 288 -26.25 6.74 24.35
N PHE D 289 -24.95 6.48 24.32
CA PHE D 289 -24.27 5.41 25.07
C PHE D 289 -23.32 6.07 26.05
N SER D 290 -23.64 5.96 27.33
CA SER D 290 -22.86 6.61 28.42
C SER D 290 -22.12 5.54 29.21
N LEU D 291 -20.80 5.67 29.33
CA LEU D 291 -19.95 4.62 29.98
C LEU D 291 -19.61 5.06 31.38
N TYR D 292 -19.91 4.18 32.34
CA TYR D 292 -19.68 4.45 33.77
C TYR D 292 -18.61 3.52 34.33
N ASP D 293 -17.75 4.12 35.14
CA ASP D 293 -16.55 3.51 35.78
C ASP D 293 -16.94 3.01 37.18
N ASN D 294 -17.43 1.77 37.32
CA ASN D 294 -17.88 1.22 38.64
C ASN D 294 -16.70 0.69 39.49
N GLY D 295 -15.45 1.01 39.16
CA GLY D 295 -14.30 0.55 39.96
C GLY D 295 -14.01 -0.89 39.64
N ALA D 296 -12.82 -1.36 40.02
CA ALA D 296 -12.36 -2.74 39.79
C ALA D 296 -12.81 -3.26 38.41
N ASN D 297 -12.48 -2.53 37.33
CA ASN D 297 -12.71 -3.02 35.94
C ASN D 297 -14.19 -3.39 35.68
N TYR D 298 -15.14 -2.85 36.44
CA TYR D 298 -16.59 -3.09 36.18
C TYR D 298 -17.22 -1.85 35.51
N TYR D 299 -17.54 -2.00 34.23
CA TYR D 299 -18.02 -0.87 33.39
C TYR D 299 -19.43 -1.14 32.94
N THR D 300 -20.26 -0.10 33.05
CA THR D 300 -21.66 -0.18 32.58
C THR D 300 -21.92 0.88 31.53
N VAL D 301 -22.78 0.52 30.59
CA VAL D 301 -23.21 1.42 29.50
C VAL D 301 -24.67 1.69 29.69
N LYS D 302 -25.03 2.96 29.91
CA LYS D 302 -26.43 3.40 29.92
C LYS D 302 -26.79 3.89 28.52
N ILE D 303 -27.87 3.32 27.99
CA ILE D 303 -28.31 3.61 26.60
C ILE D 303 -29.65 4.33 26.64
N THR D 304 -29.66 5.52 26.04
CA THR D 304 -30.86 6.38 26.02
C THR D 304 -31.16 6.80 24.60
N TYR D 305 -32.44 7.00 24.34
CA TYR D 305 -32.98 7.51 23.07
C TYR D 305 -33.81 8.72 23.41
N ASN D 306 -33.35 9.89 23.00
CA ASN D 306 -34.01 11.19 23.26
C ASN D 306 -34.23 11.36 24.76
N GLY D 307 -33.24 10.93 25.54
CA GLY D 307 -33.25 11.11 27.01
C GLY D 307 -33.99 9.99 27.73
N ASN D 308 -34.64 9.07 27.02
CA ASN D 308 -35.45 7.99 27.62
C ASN D 308 -34.70 6.66 27.59
N PRO D 309 -34.86 5.83 28.64
CA PRO D 309 -34.18 4.54 28.70
C PRO D 309 -34.59 3.61 27.54
N VAL D 310 -33.62 3.01 26.89
CA VAL D 310 -33.89 2.00 25.84
C VAL D 310 -33.91 0.64 26.54
N SER D 311 -35.05 -0.06 26.54
CA SER D 311 -35.15 -1.41 27.14
C SER D 311 -34.55 -2.41 26.17
N ILE D 312 -33.37 -2.90 26.49
CA ILE D 312 -32.63 -3.87 25.66
C ILE D 312 -32.89 -5.26 26.23
N PRO D 313 -33.63 -6.11 25.49
CA PRO D 313 -33.93 -7.46 25.95
C PRO D 313 -32.72 -8.22 26.48
N ALA D 314 -31.59 -8.22 25.75
CA ALA D 314 -30.35 -8.93 26.12
C ALA D 314 -29.77 -8.42 27.45
N CYS D 315 -30.02 -7.16 27.83
CA CYS D 315 -29.49 -6.52 29.06
C CYS D 315 -30.55 -6.46 30.15
N GLY D 316 -31.80 -6.80 29.81
CA GLY D 316 -32.96 -6.67 30.70
C GLY D 316 -33.26 -5.24 31.11
N GLY D 317 -32.82 -4.24 30.34
CA GLY D 317 -33.03 -2.83 30.72
C GLY D 317 -32.17 -1.91 29.89
N SER D 318 -32.07 -0.66 30.33
CA SER D 318 -31.31 0.42 29.65
C SER D 318 -29.84 0.41 30.06
N VAL D 319 -29.45 -0.38 31.06
CA VAL D 319 -28.04 -0.43 31.51
C VAL D 319 -27.42 -1.79 31.20
N CYS D 320 -26.39 -1.80 30.35
CA CYS D 320 -25.68 -3.04 29.99
C CYS D 320 -24.31 -3.01 30.64
N GLU D 321 -23.84 -4.16 31.13
CA GLU D 321 -22.42 -4.31 31.53
C GLU D 321 -21.64 -4.28 30.21
N LEU D 322 -20.47 -3.69 30.22
CA LEU D 322 -19.72 -3.39 28.96
C LEU D 322 -19.50 -4.67 28.15
N GLN D 323 -19.06 -5.74 28.79
CA GLN D 323 -18.79 -7.00 28.05
C GLN D 323 -20.12 -7.59 27.57
N GLN D 324 -21.20 -7.40 28.33
CA GLN D 324 -22.54 -7.86 27.89
C GLN D 324 -22.87 -7.21 26.54
N LEU D 325 -22.75 -5.89 26.45
CA LEU D 325 -23.09 -5.11 25.24
C LEU D 325 -22.15 -5.57 24.14
N ILE D 326 -20.87 -5.68 24.48
CA ILE D 326 -19.83 -6.12 23.52
C ILE D 326 -20.26 -7.47 22.96
N ASN D 327 -20.73 -8.39 23.80
CA ASN D 327 -21.14 -9.74 23.34
C ASN D 327 -22.35 -9.66 22.41
N LEU D 328 -23.33 -8.85 22.78
CA LEU D 328 -24.58 -8.63 22.01
C LEU D 328 -24.20 -8.22 20.59
N VAL D 329 -23.23 -7.31 20.44
CA VAL D 329 -22.89 -6.77 19.10
C VAL D 329 -22.25 -7.87 18.25
N HIS D 330 -21.34 -8.66 18.79
CA HIS D 330 -20.60 -9.65 17.96
C HIS D 330 -21.51 -10.85 17.65
N ASP D 331 -22.44 -11.17 18.54
CA ASP D 331 -23.46 -12.23 18.30
C ASP D 331 -24.33 -11.82 17.12
N SER D 332 -24.74 -10.54 17.08
CA SER D 332 -25.59 -10.02 15.99
C SER D 332 -24.78 -9.92 14.69
N LYS D 333 -23.57 -9.38 14.77
CA LYS D 333 -22.69 -9.18 13.59
C LYS D 333 -22.40 -10.54 12.93
N ASN D 334 -22.32 -11.61 13.73
CA ASN D 334 -22.03 -12.98 13.23
C ASN D 334 -23.34 -13.76 13.04
N SER D 335 -24.42 -13.07 12.67
CA SER D 335 -25.71 -13.68 12.24
C SER D 335 -25.90 -13.48 10.73
#